data_9B80
#
_entry.id   9B80
#
_entity_poly.entity_id   1
_entity_poly.type   'polypeptide(L)'
_entity_poly.pdbx_seq_one_letter_code
;PSAAIYNIDTSSESPDHYLVDHTLDGRVLFPATGYLSIVWKTLARALGLGVEQLPVVFEDVVLHQATILPKTGTVSLEVR
LLEASRAFEVSENGNLVVSGKVYQWDDPDPRLFDHPESPTPNPTEPLFLAQAEVYKELRLRGYDYGPHFQGILEASLEGD
SGRLLWKDNWVSFMDTMLQMSILGSAKHGLYLPTRVTAIHIDPATHRQKLYTLQDKAQVADVVVSRWLRVTVAGGVHISG
LHTESAPRRQQEQQVPILEKFCFTPHTEEGCLSERAALQEELQLCKGLVQALQTKVTQQGLKMVVPGLDGAQIPRDPSQQ
ELPRLLSAACRLQLNGNLQLELAQVLAQERPKLPEDPLLSGLLDSPALKACLDTAVENMPSLKMKVVEVLAGHGHLYSRI
PGLLSPHPLLQLSYTATDRHPQALEAAQAELQQHDVAQGQWDPADPAPSALGSADLLVCNCAVAALGDPASALSNMVAAL
REGGFLLLHTLLRGHPLGDIVAFLTSTEPQYGQGILSQDAWESLFSRVSLRLVGLKKSFYGSTLFLCRRPTPQDSPIFLP
VDDTSFRWVESLKGILADEDSSRPVWLKAINCATSGVVGLVNCLRREPGGNRLRCVLLSNLSSTSHVPEVDPGSAELQKV
LQGDLVMNVYRDGAWGAFRHFLLEEDKPEEPTAHAFVSTLTRGDLSSIRWVCSSLRHAQPTCPGAQLCTVYYASLNFRDI
MLATGKLSPDAIPGKWTSQDSLLGMEFSGRDASGKRVMGLVPAKGLATSVLLSPDFLWDVPSNWTLEEAASVPVVYSTAY
YALVVRGRVRPGETLLIHSGSGGVGQAAIAIALSLGCRVFTTVGSAEKRAYLQARFPQLDSTSFANSRDTSFEQHVLWHT
GGKGVDLVLNSLAEEKLQASVRCLATHGRFLEIGKFDLSQNHPLGMAIFLKNVTFHGVLLDAFFNESSADWREVWALVQA
GIRDGVVRPLKCTVFHGAQVEDAFRYMAQGKHIGKVVVQVLAEEPEAVLKGAKPKLMSAISKTFCPAHKSYIIAGGLGGF
GLELAQWLIQRGVQKLVLTSRSGIRTGYQAKQVRRWRRQGVQVQVSTSNISSLEGARGLIAEAAQLGPVGGVFNLAVVLR
DGLLENQTPEFFQDVCKPKYSGTLNLDRVTREACPELDYFVVFSSVSCGRGNAGQSNYGFANSAMERICEKRRHEGLPGL
AVQWGAIGDVGILVETMSTNDTIVSGTLPQRMASCLEVLDLFLNQPHMVLSSFVLAEKAAAYRDRDSQRDLVEAVAHILG
IRDLAAVNLDSSLADLGLDSLMSVEVRQTLERELNLVLSVREVRQLTLRKLQELSSKADEASELACPTPKEDGLAQQQTQ
LNLRSLLVNPEGPTLMRLNSVQSSERPLFLVHPIEGSTTVFHSLASRLSIPTYGLQCTRAAPLDSIHSLAAYYIDCIRQV
QPEGPYRVAGYSYGACVAFEMCSQLQAQQSPAPTHNSLFLFDGSPTYVLAYTQSYRAKLTPGCEAEAETEAICFFVQQFT
DMEHNRVLEALLPLKGLEERVAAAVDLIIKSHQGLDRQELSFAARSFYYKLRAAEQYTPKAKYHGNVMLLRAKTGGAYGE
DLGADYNLSQVCDGKVSVHVIEGDHRTLLEGSGLESIISIIHSSLAEPRVSVREG
;
_entity_poly.pdbx_strand_id   A,B
#
# COMPACT_ATOMS: atom_id res chain seq x y z
N PRO A 1 -8.94 -28.50 -15.10
CA PRO A 1 -8.40 -28.10 -16.40
C PRO A 1 -7.69 -26.74 -16.35
N SER A 2 -8.10 -25.89 -15.42
CA SER A 2 -7.48 -24.58 -15.28
C SER A 2 -6.11 -24.64 -14.65
N ALA A 3 -5.85 -25.66 -13.83
CA ALA A 3 -4.58 -25.80 -13.12
C ALA A 3 -3.63 -26.66 -13.94
N ALA A 4 -2.57 -26.05 -14.47
CA ALA A 4 -1.53 -26.78 -15.18
C ALA A 4 -0.53 -27.31 -14.18
N ILE A 5 -0.23 -28.61 -14.27
CA ILE A 5 0.68 -29.26 -13.34
C ILE A 5 1.96 -29.64 -14.07
N TYR A 6 3.08 -29.36 -13.43
CA TYR A 6 4.40 -29.62 -13.99
C TYR A 6 5.16 -30.54 -13.05
N ASN A 7 5.69 -31.63 -13.60
CA ASN A 7 6.50 -32.59 -12.84
C ASN A 7 7.97 -32.30 -13.11
N ILE A 8 8.76 -32.18 -12.05
CA ILE A 8 10.17 -31.86 -12.15
C ILE A 8 10.95 -33.11 -11.76
N ASP A 9 11.64 -33.70 -12.72
CA ASP A 9 12.45 -34.89 -12.51
C ASP A 9 13.90 -34.58 -12.84
N THR A 10 14.79 -34.91 -11.91
CA THR A 10 16.23 -34.65 -12.06
C THR A 10 16.99 -35.95 -12.33
N SER A 11 16.36 -36.88 -13.04
CA SER A 11 17.01 -38.13 -13.41
C SER A 11 17.91 -37.90 -14.62
N SER A 12 18.83 -38.85 -14.84
CA SER A 12 19.79 -38.73 -15.92
C SER A 12 19.15 -38.76 -17.31
N GLU A 13 17.93 -39.29 -17.43
CA GLU A 13 17.24 -39.33 -18.71
C GLU A 13 16.16 -38.28 -18.86
N SER A 14 15.83 -37.55 -17.80
CA SER A 14 14.78 -36.55 -17.86
C SER A 14 15.24 -35.34 -18.68
N PRO A 15 14.31 -34.69 -19.39
CA PRO A 15 14.68 -33.46 -20.11
C PRO A 15 15.08 -32.32 -19.21
N ASP A 16 14.70 -32.35 -17.92
CA ASP A 16 15.09 -31.34 -16.95
C ASP A 16 16.28 -31.77 -16.12
N HIS A 17 17.19 -32.56 -16.71
CA HIS A 17 18.36 -33.03 -15.98
C HIS A 17 19.34 -31.91 -15.66
N TYR A 18 19.32 -30.82 -16.42
CA TYR A 18 20.27 -29.73 -16.21
C TYR A 18 20.04 -29.00 -14.89
N LEU A 19 18.89 -29.21 -14.23
CA LEU A 19 18.63 -28.54 -12.97
C LEU A 19 19.52 -29.06 -11.84
N VAL A 20 20.23 -30.17 -12.04
CA VAL A 20 21.12 -30.70 -11.02
C VAL A 20 22.32 -29.79 -10.81
N ASP A 21 22.57 -28.85 -11.71
CA ASP A 21 23.69 -27.94 -11.61
C ASP A 21 23.39 -26.71 -10.76
N HIS A 22 22.18 -26.62 -10.19
CA HIS A 22 21.82 -25.51 -9.30
C HIS A 22 21.97 -26.02 -7.86
N THR A 23 23.21 -25.92 -7.35
CA THR A 23 23.46 -26.30 -5.94
C THR A 23 23.98 -25.08 -5.22
N LEU A 24 23.08 -24.15 -4.87
CA LEU A 24 23.52 -22.87 -4.24
C LEU A 24 24.31 -23.15 -2.95
N ASP A 25 23.86 -24.12 -2.14
CA ASP A 25 24.55 -24.41 -0.85
C ASP A 25 24.25 -25.85 -0.44
N GLY A 26 25.07 -26.81 -0.89
CA GLY A 26 24.84 -28.19 -0.51
C GLY A 26 23.45 -28.71 -0.78
N ARG A 27 22.68 -28.01 -1.60
CA ARG A 27 21.27 -28.34 -1.81
C ARG A 27 20.88 -27.95 -3.22
N VAL A 28 20.11 -28.81 -3.88
CA VAL A 28 19.62 -28.55 -5.24
C VAL A 28 18.30 -27.81 -5.09
N LEU A 29 18.29 -26.53 -5.46
CA LEU A 29 17.11 -25.70 -5.35
C LEU A 29 16.60 -25.33 -6.74
N PHE A 30 15.28 -25.26 -6.87
CA PHE A 30 14.69 -24.87 -8.14
C PHE A 30 15.07 -23.43 -8.46
N PRO A 31 15.51 -23.14 -9.69
CA PRO A 31 15.91 -21.77 -10.02
C PRO A 31 14.73 -20.81 -9.91
N ALA A 32 15.02 -19.58 -9.50
CA ALA A 32 13.98 -18.57 -9.37
C ALA A 32 13.36 -18.23 -10.72
N THR A 33 14.08 -18.45 -11.81
CA THR A 33 13.55 -18.20 -13.14
C THR A 33 12.85 -19.42 -13.74
N GLY A 34 12.98 -20.60 -13.13
CA GLY A 34 12.18 -21.72 -13.57
C GLY A 34 10.69 -21.48 -13.36
N TYR A 35 10.34 -20.79 -12.27
CA TYR A 35 8.96 -20.41 -12.05
C TYR A 35 8.46 -19.51 -13.17
N LEU A 36 9.27 -18.53 -13.58
CA LEU A 36 8.90 -17.66 -14.68
C LEU A 36 8.75 -18.46 -15.97
N SER A 37 9.64 -19.42 -16.20
CA SER A 37 9.56 -20.24 -17.40
C SER A 37 8.26 -21.03 -17.44
N ILE A 38 7.90 -21.69 -16.34
CA ILE A 38 6.69 -22.52 -16.35
C ILE A 38 5.44 -21.64 -16.42
N VAL A 39 5.46 -20.47 -15.78
CA VAL A 39 4.31 -19.57 -15.88
C VAL A 39 4.16 -19.07 -17.30
N TRP A 40 5.27 -18.74 -17.96
CA TRP A 40 5.24 -18.30 -19.34
C TRP A 40 4.67 -19.40 -20.24
N LYS A 41 5.11 -20.64 -20.03
CA LYS A 41 4.61 -21.76 -20.82
C LYS A 41 3.11 -21.95 -20.61
N THR A 42 2.66 -21.84 -19.36
CA THR A 42 1.24 -22.00 -19.07
C THR A 42 0.41 -20.89 -19.72
N LEU A 43 0.89 -19.65 -19.66
CA LEU A 43 0.17 -18.55 -20.30
C LEU A 43 0.12 -18.74 -21.80
N ALA A 44 1.23 -19.20 -22.40
CA ALA A 44 1.25 -19.44 -23.84
C ALA A 44 0.26 -20.54 -24.21
N ARG A 45 0.21 -21.61 -23.41
CA ARG A 45 -0.75 -22.68 -23.67
C ARG A 45 -2.18 -22.18 -23.54
N ALA A 46 -2.46 -21.34 -22.54
CA ALA A 46 -3.80 -20.81 -22.37
C ALA A 46 -4.20 -19.92 -23.54
N LEU A 47 -3.27 -19.13 -24.06
CA LEU A 47 -3.55 -18.29 -25.20
C LEU A 47 -3.47 -19.03 -26.53
N GLY A 48 -3.08 -20.29 -26.53
CA GLY A 48 -2.97 -21.04 -27.77
C GLY A 48 -1.83 -20.62 -28.67
N LEU A 49 -0.75 -20.11 -28.11
CA LEU A 49 0.40 -19.65 -28.88
C LEU A 49 1.67 -20.31 -28.36
N GLY A 50 2.69 -20.34 -29.21
CA GLY A 50 3.97 -20.84 -28.78
C GLY A 50 4.70 -19.86 -27.90
N VAL A 51 5.64 -20.40 -27.10
CA VAL A 51 6.42 -19.56 -26.20
C VAL A 51 7.26 -18.56 -26.99
N GLU A 52 7.88 -19.01 -28.07
CA GLU A 52 8.73 -18.14 -28.88
C GLU A 52 7.95 -17.09 -29.64
N GLN A 53 6.62 -17.20 -29.71
CA GLN A 53 5.80 -16.22 -30.38
C GLN A 53 5.04 -15.29 -29.42
N LEU A 54 5.33 -15.38 -28.13
CA LEU A 54 4.57 -14.63 -27.12
C LEU A 54 5.49 -13.72 -26.31
N PRO A 55 5.59 -12.44 -26.64
CA PRO A 55 6.27 -11.49 -25.75
C PRO A 55 5.45 -11.28 -24.49
N VAL A 56 6.10 -11.42 -23.33
CA VAL A 56 5.39 -11.47 -22.05
C VAL A 56 5.97 -10.41 -21.12
N VAL A 57 5.16 -10.00 -20.15
CA VAL A 57 5.55 -9.01 -19.16
C VAL A 57 5.18 -9.53 -17.78
N PHE A 58 6.14 -9.50 -16.86
CA PHE A 58 5.91 -9.86 -15.47
C PHE A 58 5.92 -8.62 -14.61
N GLU A 59 5.17 -8.65 -13.51
CA GLU A 59 5.07 -7.52 -12.60
C GLU A 59 4.91 -8.00 -11.16
N ASP A 60 5.64 -7.36 -10.25
CA ASP A 60 5.50 -7.57 -8.82
C ASP A 60 5.61 -9.05 -8.44
N VAL A 61 6.64 -9.70 -8.98
CA VAL A 61 6.88 -11.10 -8.68
C VAL A 61 7.42 -11.22 -7.26
N VAL A 62 6.81 -12.09 -6.45
CA VAL A 62 7.19 -12.29 -5.06
C VAL A 62 7.40 -13.77 -4.83
N LEU A 63 8.52 -14.13 -4.20
CA LEU A 63 8.81 -15.50 -3.84
C LEU A 63 8.63 -15.70 -2.34
N HIS A 64 7.87 -16.73 -1.98
CA HIS A 64 7.54 -16.98 -0.59
C HIS A 64 8.24 -18.19 0.01
N GLN A 65 8.72 -19.13 -0.79
CA GLN A 65 9.26 -20.37 -0.26
C GLN A 65 10.30 -20.91 -1.22
N ALA A 66 11.20 -21.73 -0.69
CA ALA A 66 12.25 -22.36 -1.47
C ALA A 66 11.91 -23.82 -1.72
N THR A 67 12.06 -24.27 -2.96
CA THR A 67 11.74 -25.64 -3.35
C THR A 67 13.03 -26.44 -3.43
N ILE A 68 13.09 -27.53 -2.66
CA ILE A 68 14.25 -28.41 -2.67
C ILE A 68 13.97 -29.58 -3.61
N LEU A 69 14.93 -29.88 -4.48
CA LEU A 69 14.76 -30.94 -5.47
C LEU A 69 15.44 -32.20 -4.96
N PRO A 70 14.72 -33.25 -4.60
CA PRO A 70 15.37 -34.48 -4.16
C PRO A 70 16.02 -35.22 -5.32
N LYS A 71 17.13 -35.89 -5.02
CA LYS A 71 17.83 -36.65 -6.03
C LYS A 71 17.02 -37.84 -6.54
N THR A 72 16.32 -38.53 -5.64
CA THR A 72 15.50 -39.69 -5.97
C THR A 72 14.06 -39.35 -5.59
N GLY A 73 13.31 -38.83 -6.56
CA GLY A 73 11.94 -38.46 -6.32
C GLY A 73 11.42 -37.56 -7.43
N THR A 74 10.31 -36.90 -7.14
CA THR A 74 9.68 -36.00 -8.09
C THR A 74 8.76 -35.06 -7.34
N VAL A 75 8.86 -33.76 -7.64
CA VAL A 75 7.97 -32.75 -7.07
C VAL A 75 7.05 -32.24 -8.16
N SER A 76 5.85 -31.82 -7.79
CA SER A 76 4.85 -31.33 -8.72
C SER A 76 4.50 -29.89 -8.36
N LEU A 77 4.41 -29.04 -9.37
CA LEU A 77 4.07 -27.63 -9.19
C LEU A 77 2.80 -27.33 -9.97
N GLU A 78 1.80 -26.79 -9.29
CA GLU A 78 0.54 -26.40 -9.91
C GLU A 78 0.53 -24.89 -10.09
N VAL A 79 0.26 -24.43 -11.31
CA VAL A 79 0.21 -23.01 -11.61
C VAL A 79 -1.19 -22.68 -12.11
N ARG A 80 -1.81 -21.69 -11.47
CA ARG A 80 -3.14 -21.20 -11.84
C ARG A 80 -3.08 -19.69 -12.04
N LEU A 81 -3.73 -19.21 -13.09
CA LEU A 81 -3.70 -17.80 -13.42
C LEU A 81 -5.12 -17.29 -13.66
N LEU A 82 -5.36 -16.05 -13.26
CA LEU A 82 -6.65 -15.39 -13.42
C LEU A 82 -6.52 -14.34 -14.51
N GLU A 83 -7.07 -14.65 -15.70
CA GLU A 83 -6.90 -13.76 -16.84
C GLU A 83 -7.56 -12.41 -16.60
N ALA A 84 -8.75 -12.41 -15.99
CA ALA A 84 -9.43 -11.14 -15.72
C ALA A 84 -8.66 -10.31 -14.70
N SER A 85 -8.23 -10.93 -13.61
CA SER A 85 -7.43 -10.24 -12.61
C SER A 85 -5.99 -10.04 -13.03
N ARG A 86 -5.55 -10.72 -14.09
CA ARG A 86 -4.18 -10.59 -14.60
C ARG A 86 -3.14 -10.96 -13.52
N ALA A 87 -3.32 -12.12 -12.90
CA ALA A 87 -2.44 -12.60 -11.84
C ALA A 87 -2.15 -14.08 -12.03
N PHE A 88 -1.29 -14.61 -11.17
CA PHE A 88 -0.93 -16.02 -11.18
C PHE A 88 -0.48 -16.45 -9.80
N GLU A 89 -0.39 -17.76 -9.60
CA GLU A 89 0.20 -18.31 -8.38
C GLU A 89 0.83 -19.65 -8.70
N VAL A 90 1.80 -20.04 -7.87
CA VAL A 90 2.44 -21.35 -7.96
C VAL A 90 2.40 -21.97 -6.58
N SER A 91 1.95 -23.23 -6.50
CA SER A 91 1.88 -23.96 -5.25
C SER A 91 2.32 -25.40 -5.48
N GLU A 92 2.82 -26.04 -4.43
CA GLU A 92 3.28 -27.42 -4.52
C GLU A 92 2.41 -28.36 -3.69
N ASN A 93 2.39 -28.21 -2.37
CA ASN A 93 1.42 -28.93 -1.55
C ASN A 93 0.29 -28.01 -1.13
N GLY A 94 -0.36 -27.37 -2.10
CA GLY A 94 -1.33 -26.34 -1.76
C GLY A 94 -0.76 -25.17 -1.01
N ASN A 95 0.57 -25.00 -1.04
CA ASN A 95 1.26 -23.93 -0.33
C ASN A 95 1.84 -22.95 -1.33
N LEU A 96 1.50 -21.67 -1.17
CA LEU A 96 1.94 -20.66 -2.12
C LEU A 96 3.45 -20.51 -2.08
N VAL A 97 4.08 -20.53 -3.26
CA VAL A 97 5.52 -20.27 -3.34
C VAL A 97 5.85 -19.09 -4.25
N VAL A 98 5.03 -18.77 -5.26
CA VAL A 98 5.27 -17.64 -6.14
C VAL A 98 3.94 -16.96 -6.42
N SER A 99 3.96 -15.63 -6.42
CA SER A 99 2.77 -14.86 -6.76
C SER A 99 3.19 -13.59 -7.49
N GLY A 100 2.28 -13.05 -8.28
CA GLY A 100 2.55 -11.86 -9.03
C GLY A 100 1.54 -11.67 -10.15
N LYS A 101 1.98 -10.96 -11.19
CA LYS A 101 1.15 -10.67 -12.34
C LYS A 101 1.88 -11.09 -13.61
N VAL A 102 1.12 -11.41 -14.64
CA VAL A 102 1.68 -11.81 -15.94
C VAL A 102 0.65 -11.53 -17.01
N TYR A 103 1.11 -11.02 -18.15
CA TYR A 103 0.22 -10.70 -19.26
C TYR A 103 1.06 -10.55 -20.53
N GLN A 104 0.39 -10.56 -21.68
CA GLN A 104 1.04 -10.39 -22.96
C GLN A 104 1.41 -8.93 -23.18
N TRP A 105 2.61 -8.72 -23.72
CA TRP A 105 3.08 -7.37 -23.98
C TRP A 105 2.26 -6.70 -25.08
N ASP A 106 1.97 -7.43 -26.16
CA ASP A 106 1.10 -7.06 -27.27
C ASP A 106 1.51 -5.76 -27.96
N ASP A 107 2.67 -5.22 -27.61
CA ASP A 107 3.23 -4.05 -28.28
C ASP A 107 4.72 -3.93 -27.93
N PRO A 108 5.55 -4.85 -28.41
CA PRO A 108 6.97 -4.83 -28.03
C PRO A 108 7.69 -3.64 -28.65
N ASP A 109 8.46 -2.92 -27.82
CA ASP A 109 9.27 -1.82 -28.28
C ASP A 109 10.74 -2.19 -28.15
N PRO A 110 11.47 -2.34 -29.26
CA PRO A 110 12.88 -2.74 -29.19
C PRO A 110 13.79 -1.70 -28.55
N ARG A 111 13.33 -0.45 -28.38
CA ARG A 111 14.16 0.57 -27.74
C ARG A 111 14.35 0.31 -26.26
N LEU A 112 13.50 -0.53 -25.65
CA LEU A 112 13.66 -0.83 -24.23
C LEU A 112 14.94 -1.61 -23.98
N PHE A 113 15.42 -2.35 -24.97
CA PHE A 113 16.59 -3.20 -24.81
C PHE A 113 17.89 -2.51 -25.22
N ASP A 114 17.86 -1.23 -25.56
CA ASP A 114 19.09 -0.49 -25.79
C ASP A 114 19.88 -0.38 -24.49
N HIS A 115 21.19 -0.59 -24.59
CA HIS A 115 22.04 -0.66 -23.42
C HIS A 115 22.27 0.74 -22.85
N PRO A 116 22.00 0.98 -21.57
CA PRO A 116 22.26 2.30 -20.99
C PRO A 116 23.75 2.59 -20.95
N GLU A 117 24.08 3.88 -21.03
CA GLU A 117 25.46 4.33 -21.06
C GLU A 117 26.04 4.34 -19.65
N SER A 118 27.26 3.82 -19.52
CA SER A 118 27.91 3.68 -18.23
C SER A 118 28.38 5.04 -17.69
N PRO A 119 28.31 5.23 -16.38
CA PRO A 119 28.80 6.50 -15.80
C PRO A 119 30.28 6.75 -16.07
N THR A 120 31.09 5.71 -16.12
CA THR A 120 32.52 5.86 -16.39
C THR A 120 32.79 5.95 -17.89
N GLU A 125 40.54 -0.15 -20.39
CA GLU A 125 41.04 -1.14 -19.44
C GLU A 125 41.29 -2.48 -20.12
N PRO A 126 42.56 -2.78 -20.40
CA PRO A 126 42.88 -4.06 -21.06
C PRO A 126 42.46 -5.28 -20.26
N LEU A 127 42.52 -5.21 -18.94
CA LEU A 127 42.21 -6.36 -18.10
C LEU A 127 40.72 -6.63 -18.07
N PHE A 128 40.37 -7.91 -18.01
CA PHE A 128 38.98 -8.33 -17.84
C PHE A 128 38.98 -9.67 -17.10
N LEU A 129 37.81 -10.07 -16.65
CA LEU A 129 37.68 -11.23 -15.79
C LEU A 129 37.10 -12.40 -16.59
N ALA A 130 37.81 -13.53 -16.59
CA ALA A 130 37.46 -14.68 -17.40
C ALA A 130 36.61 -15.66 -16.60
N GLN A 131 36.03 -16.63 -17.33
CA GLN A 131 35.01 -17.50 -16.77
C GLN A 131 35.53 -18.28 -15.56
N ALA A 132 36.73 -18.84 -15.67
CA ALA A 132 37.25 -19.70 -14.62
C ALA A 132 37.35 -18.96 -13.29
N GLU A 133 37.94 -17.76 -13.31
CA GLU A 133 38.07 -17.02 -12.07
C GLU A 133 36.75 -16.40 -11.62
N VAL A 134 35.85 -16.10 -12.56
CA VAL A 134 34.52 -15.64 -12.18
C VAL A 134 33.83 -16.69 -11.32
N TYR A 135 33.82 -17.94 -11.80
CA TYR A 135 33.15 -18.97 -11.02
C TYR A 135 33.98 -19.44 -9.84
N LYS A 136 35.30 -19.23 -9.86
CA LYS A 136 36.08 -19.40 -8.64
C LYS A 136 35.66 -18.42 -7.56
N GLU A 137 35.46 -17.16 -7.94
CA GLU A 137 34.97 -16.15 -7.00
C GLU A 137 33.58 -16.52 -6.48
N LEU A 138 32.71 -16.98 -7.38
CA LEU A 138 31.37 -17.38 -6.96
C LEU A 138 31.41 -18.57 -6.01
N ARG A 139 32.30 -19.53 -6.27
CA ARG A 139 32.47 -20.67 -5.37
C ARG A 139 32.97 -20.21 -4.01
N LEU A 140 33.93 -19.29 -3.99
CA LEU A 140 34.40 -18.73 -2.72
C LEU A 140 33.27 -18.04 -1.97
N ARG A 141 32.41 -17.31 -2.70
CA ARG A 141 31.29 -16.63 -2.06
C ARG A 141 30.24 -17.62 -1.56
N GLY A 142 30.14 -18.79 -2.18
CA GLY A 142 29.24 -19.82 -1.71
C GLY A 142 28.49 -20.55 -2.81
N TYR A 143 28.52 -20.03 -4.03
CA TYR A 143 27.69 -20.53 -5.11
C TYR A 143 28.42 -21.66 -5.85
N ASP A 144 27.91 -22.88 -5.71
CA ASP A 144 28.49 -24.05 -6.38
C ASP A 144 27.72 -24.39 -7.65
N TYR A 145 27.82 -23.49 -8.63
CA TYR A 145 27.18 -23.73 -9.91
C TYR A 145 27.89 -24.84 -10.70
N GLY A 146 27.13 -25.52 -11.54
CA GLY A 146 27.66 -26.57 -12.37
C GLY A 146 27.88 -26.11 -13.80
N PRO A 147 28.38 -27.02 -14.65
CA PRO A 147 28.66 -26.65 -16.04
C PRO A 147 27.46 -26.16 -16.83
N HIS A 148 26.26 -26.62 -16.50
CA HIS A 148 25.09 -26.23 -17.28
C HIS A 148 24.68 -24.78 -17.02
N PHE A 149 24.95 -24.26 -15.83
CA PHE A 149 24.63 -22.88 -15.49
C PHE A 149 25.83 -21.95 -15.60
N GLN A 150 26.97 -22.46 -16.04
CA GLN A 150 28.18 -21.64 -16.20
C GLN A 150 28.14 -20.97 -17.57
N GLY A 151 27.27 -19.98 -17.68
CA GLY A 151 27.06 -19.27 -18.92
C GLY A 151 27.75 -17.93 -19.05
N ILE A 152 28.44 -17.48 -18.02
CA ILE A 152 29.17 -16.20 -18.07
C ILE A 152 30.48 -16.45 -18.78
N LEU A 153 30.60 -15.95 -20.02
CA LEU A 153 31.80 -16.16 -20.80
C LEU A 153 32.90 -15.19 -20.40
N GLU A 154 32.56 -13.92 -20.25
CA GLU A 154 33.54 -12.88 -19.94
C GLU A 154 32.85 -11.80 -19.12
N ALA A 155 33.55 -11.28 -18.11
CA ALA A 155 33.01 -10.24 -17.25
C ALA A 155 34.04 -9.13 -17.05
N SER A 156 33.54 -7.92 -16.84
CA SER A 156 34.42 -6.79 -16.56
C SER A 156 34.87 -6.82 -15.11
N LEU A 157 35.87 -6.00 -14.80
CA LEU A 157 36.44 -5.99 -13.45
C LEU A 157 35.42 -5.56 -12.41
N GLU A 158 34.68 -4.48 -12.68
CA GLU A 158 33.69 -4.00 -11.73
C GLU A 158 32.37 -4.74 -11.83
N GLY A 159 32.21 -5.63 -12.80
CA GLY A 159 31.00 -6.43 -12.90
C GLY A 159 29.80 -5.73 -13.50
N ASP A 160 30.00 -4.75 -14.38
CA ASP A 160 28.91 -4.03 -14.99
C ASP A 160 28.72 -4.33 -16.47
N SER A 161 29.63 -5.09 -17.09
CA SER A 161 29.52 -5.43 -18.50
C SER A 161 30.17 -6.78 -18.74
N GLY A 162 29.67 -7.49 -19.75
CA GLY A 162 30.19 -8.81 -20.04
C GLY A 162 29.42 -9.46 -21.16
N ARG A 163 29.67 -10.76 -21.33
CA ARG A 163 29.05 -11.56 -22.39
C ARG A 163 28.43 -12.81 -21.80
N LEU A 164 27.31 -13.23 -22.37
CA LEU A 164 26.54 -14.36 -21.87
C LEU A 164 26.32 -15.37 -22.99
N LEU A 165 26.44 -16.65 -22.64
CA LEU A 165 26.24 -17.74 -23.58
C LEU A 165 24.76 -18.03 -23.77
N TRP A 166 24.42 -18.49 -24.98
CA TRP A 166 23.06 -18.89 -25.32
C TRP A 166 23.04 -20.36 -25.68
N LYS A 167 22.22 -21.14 -24.97
CA LYS A 167 22.13 -22.58 -25.19
C LYS A 167 20.69 -23.01 -25.42
N ASP A 168 19.87 -22.13 -26.01
CA ASP A 168 18.45 -22.39 -26.26
C ASP A 168 17.73 -22.74 -24.96
N ASN A 169 18.14 -22.09 -23.87
CA ASN A 169 17.57 -22.33 -22.56
C ASN A 169 17.36 -21.00 -21.86
N TRP A 170 16.10 -20.66 -21.59
CA TRP A 170 15.80 -19.39 -20.95
C TRP A 170 16.12 -19.41 -19.46
N VAL A 171 15.94 -20.56 -18.82
CA VAL A 171 16.22 -20.67 -17.39
C VAL A 171 17.68 -20.36 -17.10
N SER A 172 18.59 -21.02 -17.83
CA SER A 172 20.02 -20.79 -17.62
C SER A 172 20.40 -19.36 -17.99
N PHE A 173 19.80 -18.81 -19.05
CA PHE A 173 20.13 -17.45 -19.47
C PHE A 173 19.75 -16.44 -18.39
N MET A 174 18.54 -16.55 -17.85
CA MET A 174 18.12 -15.62 -16.82
C MET A 174 18.89 -15.84 -15.52
N ASP A 175 19.24 -17.10 -15.22
CA ASP A 175 20.07 -17.36 -14.05
C ASP A 175 21.45 -16.72 -14.20
N THR A 176 22.01 -16.75 -15.41
CA THR A 176 23.29 -16.09 -15.63
C THR A 176 23.15 -14.58 -15.53
N MET A 177 22.03 -14.02 -16.00
CA MET A 177 21.82 -12.58 -15.81
C MET A 177 21.77 -12.22 -14.33
N LEU A 178 21.07 -13.02 -13.53
CA LEU A 178 21.05 -12.78 -12.09
C LEU A 178 22.42 -12.94 -11.46
N GLN A 179 23.19 -13.93 -11.93
CA GLN A 179 24.56 -14.12 -11.45
C GLN A 179 25.41 -12.90 -11.76
N MET A 180 25.26 -12.34 -12.95
CA MET A 180 26.00 -11.14 -13.31
C MET A 180 25.58 -9.95 -12.46
N SER A 181 24.27 -9.84 -12.18
CA SER A 181 23.81 -8.75 -11.31
C SER A 181 24.42 -8.86 -9.92
N ILE A 182 24.50 -10.08 -9.38
CA ILE A 182 25.00 -10.25 -8.01
C ILE A 182 26.51 -10.37 -7.93
N LEU A 183 27.20 -10.51 -9.05
CA LEU A 183 28.66 -10.63 -9.03
C LEU A 183 29.32 -9.33 -8.57
N GLY A 184 28.93 -8.20 -9.17
CA GLY A 184 29.61 -6.95 -8.91
C GLY A 184 29.41 -6.46 -7.49
N SER A 185 28.21 -6.61 -6.95
CA SER A 185 27.91 -6.14 -5.61
C SER A 185 28.72 -6.92 -4.58
N ALA A 186 29.37 -6.19 -3.67
CA ALA A 186 30.28 -6.78 -2.69
C ALA A 186 29.53 -6.96 -1.37
N LYS A 187 29.03 -8.18 -1.15
CA LYS A 187 28.42 -8.55 0.12
C LYS A 187 28.96 -9.89 0.55
N HIS A 188 28.95 -10.14 1.86
CA HIS A 188 29.51 -11.35 2.44
C HIS A 188 28.37 -12.34 2.67
N GLY A 189 28.43 -13.46 1.96
CA GLY A 189 27.43 -14.51 2.08
C GLY A 189 26.57 -14.63 0.84
N LEU A 190 25.78 -15.69 0.82
CA LEU A 190 24.91 -15.97 -0.31
C LEU A 190 23.66 -15.12 -0.24
N TYR A 191 23.23 -14.59 -1.39
CA TYR A 191 22.05 -13.74 -1.49
C TYR A 191 21.11 -14.33 -2.54
N LEU A 192 19.88 -14.63 -2.12
CA LEU A 192 18.92 -15.21 -3.06
C LEU A 192 17.86 -14.20 -3.44
N PRO A 193 17.41 -14.18 -4.69
CA PRO A 193 16.35 -13.24 -5.07
C PRO A 193 15.05 -13.55 -4.33
N THR A 194 14.33 -12.48 -3.98
CA THR A 194 13.07 -12.60 -3.28
C THR A 194 11.95 -11.75 -3.88
N ARG A 195 12.28 -10.63 -4.52
CA ARG A 195 11.26 -9.74 -5.06
C ARG A 195 11.80 -9.11 -6.33
N VAL A 196 11.00 -9.11 -7.38
CA VAL A 196 11.36 -8.48 -8.64
C VAL A 196 10.19 -7.60 -9.08
N THR A 197 10.52 -6.40 -9.58
CA THR A 197 9.51 -5.42 -9.94
C THR A 197 8.90 -5.69 -11.31
N ALA A 198 9.73 -5.91 -12.33
CA ALA A 198 9.23 -6.13 -13.68
C ALA A 198 10.26 -6.89 -14.51
N ILE A 199 9.77 -7.75 -15.40
CA ILE A 199 10.61 -8.47 -16.36
C ILE A 199 9.93 -8.36 -17.72
N HIS A 200 10.71 -8.07 -18.75
CA HIS A 200 10.22 -8.00 -20.13
C HIS A 200 11.02 -8.96 -21.00
N ILE A 201 10.31 -9.72 -21.84
CA ILE A 201 10.93 -10.66 -22.76
C ILE A 201 10.36 -10.40 -24.15
N ASP A 202 11.24 -10.28 -25.14
CA ASP A 202 10.84 -10.16 -26.54
C ASP A 202 11.70 -11.10 -27.37
N PRO A 203 11.25 -12.34 -27.60
CA PRO A 203 12.10 -13.33 -28.28
C PRO A 203 12.54 -12.93 -29.68
N ALA A 204 11.77 -12.12 -30.40
CA ALA A 204 12.21 -11.66 -31.71
C ALA A 204 13.45 -10.77 -31.58
N THR A 205 13.38 -9.78 -30.69
CA THR A 205 14.55 -8.94 -30.42
C THR A 205 15.69 -9.78 -29.86
N HIS A 206 15.37 -10.78 -29.03
CA HIS A 206 16.40 -11.66 -28.50
C HIS A 206 17.16 -12.37 -29.62
N ARG A 207 16.43 -12.87 -30.61
CA ARG A 207 17.09 -13.52 -31.75
C ARG A 207 17.85 -12.49 -32.59
N GLN A 208 17.36 -11.26 -32.65
CA GLN A 208 18.05 -10.23 -33.43
C GLN A 208 19.31 -9.72 -32.75
N LYS A 209 19.44 -9.89 -31.44
CA LYS A 209 20.55 -9.35 -30.68
C LYS A 209 21.71 -10.33 -30.50
N LEU A 210 21.62 -11.51 -31.10
CA LEU A 210 22.65 -12.53 -30.94
C LEU A 210 23.63 -12.49 -32.10
N TYR A 211 24.91 -12.70 -31.78
CA TYR A 211 25.96 -12.79 -32.77
C TYR A 211 26.85 -13.99 -32.46
N THR A 212 27.54 -14.49 -33.48
CA THR A 212 28.34 -15.69 -33.37
C THR A 212 29.82 -15.33 -33.26
N LEU A 213 30.54 -16.11 -32.46
CA LEU A 213 31.98 -15.96 -32.33
C LEU A 213 32.70 -16.87 -33.33
N GLN A 214 34.03 -16.71 -33.39
CA GLN A 214 34.83 -17.60 -34.22
C GLN A 214 34.77 -19.04 -33.72
N ASP A 215 34.52 -19.24 -32.43
CA ASP A 215 34.34 -20.57 -31.86
C ASP A 215 33.01 -21.21 -32.23
N LYS A 216 32.25 -20.57 -33.13
CA LYS A 216 30.93 -21.07 -33.55
C LYS A 216 29.99 -21.24 -32.37
N ALA A 217 29.97 -20.23 -31.51
CA ALA A 217 29.06 -20.18 -30.36
C ALA A 217 28.27 -18.89 -30.41
N GLN A 218 27.06 -18.93 -29.86
CA GLN A 218 26.15 -17.79 -29.86
C GLN A 218 26.18 -17.13 -28.49
N VAL A 219 26.44 -15.82 -28.46
CA VAL A 219 26.56 -15.08 -27.23
C VAL A 219 25.77 -13.78 -27.34
N ALA A 220 25.49 -13.18 -26.18
CA ALA A 220 24.80 -11.90 -26.10
C ALA A 220 25.50 -11.03 -25.06
N ASP A 221 25.37 -9.71 -25.23
CA ASP A 221 26.01 -8.74 -24.36
C ASP A 221 25.09 -8.39 -23.20
N VAL A 222 25.68 -8.25 -22.02
CA VAL A 222 24.95 -7.94 -20.80
C VAL A 222 25.59 -6.72 -20.13
N VAL A 223 24.77 -5.79 -19.66
CA VAL A 223 25.22 -4.64 -18.90
C VAL A 223 24.36 -4.51 -17.65
N VAL A 224 25.00 -4.18 -16.53
CA VAL A 224 24.33 -4.00 -15.26
C VAL A 224 24.52 -2.55 -14.83
N SER A 225 23.41 -1.87 -14.56
CA SER A 225 23.41 -0.47 -14.17
C SER A 225 22.87 -0.34 -12.76
N ARG A 226 23.74 0.04 -11.82
CA ARG A 226 23.31 0.19 -10.43
C ARG A 226 22.56 1.50 -10.21
N TRP A 227 22.91 2.55 -10.96
CA TRP A 227 22.20 3.82 -10.82
C TRP A 227 20.73 3.66 -11.22
N LEU A 228 20.48 2.96 -12.33
CA LEU A 228 19.13 2.76 -12.83
C LEU A 228 18.48 1.49 -12.32
N ARG A 229 19.24 0.64 -11.62
CA ARG A 229 18.72 -0.62 -11.05
C ARG A 229 18.07 -1.49 -12.14
N VAL A 230 18.80 -1.67 -13.24
CA VAL A 230 18.29 -2.40 -14.40
C VAL A 230 19.39 -3.33 -14.91
N THR A 231 18.99 -4.52 -15.33
CA THR A 231 19.88 -5.49 -15.97
C THR A 231 19.25 -5.91 -17.29
N VAL A 232 19.92 -5.61 -18.40
CA VAL A 232 19.40 -5.89 -19.73
C VAL A 232 20.44 -6.69 -20.50
N ALA A 233 20.00 -7.73 -21.20
CA ALA A 233 20.86 -8.57 -22.01
C ALA A 233 20.04 -9.27 -23.06
N GLY A 234 20.36 -9.03 -24.33
CA GLY A 234 19.61 -9.62 -25.42
C GLY A 234 18.18 -9.13 -25.48
N GLY A 235 17.22 -10.03 -25.27
CA GLY A 235 15.82 -9.64 -25.29
C GLY A 235 15.16 -9.73 -23.92
N VAL A 236 15.95 -9.70 -22.85
CA VAL A 236 15.45 -9.84 -21.50
C VAL A 236 15.80 -8.58 -20.72
N HIS A 237 14.88 -8.11 -19.89
CA HIS A 237 15.02 -6.83 -19.21
C HIS A 237 14.44 -6.95 -17.79
N ILE A 238 15.31 -7.15 -16.81
CA ILE A 238 14.92 -7.22 -15.40
C ILE A 238 15.07 -5.82 -14.80
N SER A 239 14.08 -5.41 -14.01
CA SER A 239 14.10 -4.14 -13.31
C SER A 239 13.73 -4.34 -11.84
N GLY A 240 14.46 -3.66 -10.96
CA GLY A 240 14.15 -3.68 -9.55
C GLY A 240 14.29 -5.01 -8.85
N LEU A 241 15.40 -5.71 -9.10
CA LEU A 241 15.66 -6.97 -8.42
C LEU A 241 16.03 -6.73 -6.96
N HIS A 242 15.42 -7.49 -6.06
CA HIS A 242 15.70 -7.41 -4.64
C HIS A 242 16.17 -8.77 -4.13
N THR A 243 17.22 -8.76 -3.33
CA THR A 243 17.81 -9.98 -2.78
C THR A 243 18.02 -9.83 -1.29
N GLU A 244 17.84 -10.93 -0.56
CA GLU A 244 18.10 -10.97 0.87
C GLU A 244 18.92 -12.20 1.20
N SER A 245 19.85 -12.05 2.14
CA SER A 245 20.78 -13.13 2.45
C SER A 245 20.09 -14.22 3.25
N ALA A 246 20.51 -15.46 3.02
CA ALA A 246 20.03 -16.64 3.70
C ALA A 246 21.09 -17.20 4.65
N PRO A 247 20.69 -17.83 5.74
CA PRO A 247 21.68 -18.39 6.67
C PRO A 247 22.45 -19.54 6.05
N ARG A 248 23.69 -19.69 6.52
CA ARG A 248 24.55 -20.77 6.05
C ARG A 248 24.05 -22.11 6.54
N ARG A 249 24.16 -23.13 5.69
CA ARG A 249 23.74 -24.47 6.08
C ARG A 249 24.56 -25.02 7.23
N GLN A 250 25.80 -24.54 7.38
CA GLN A 250 26.72 -25.02 8.41
C GLN A 250 26.91 -26.54 8.31
N GLN A 251 27.13 -27.01 7.07
CA GLN A 251 27.33 -28.44 6.86
C GLN A 251 28.59 -28.94 7.56
N GLU A 252 29.65 -28.12 7.58
CA GLU A 252 30.91 -28.47 8.24
C GLU A 252 31.45 -29.80 7.72
N GLN A 253 31.40 -29.96 6.40
CA GLN A 253 31.89 -31.16 5.74
C GLN A 253 33.42 -31.21 5.66
N GLN A 254 34.11 -30.29 6.33
CA GLN A 254 35.57 -30.25 6.36
C GLN A 254 36.01 -30.34 7.82
N VAL A 255 36.16 -31.57 8.32
CA VAL A 255 36.69 -31.79 9.65
C VAL A 255 38.21 -31.80 9.55
N PRO A 256 38.90 -30.84 10.16
CA PRO A 256 40.35 -30.76 9.98
C PRO A 256 41.12 -31.64 10.94
N ILE A 257 41.89 -32.58 10.40
CA ILE A 257 42.77 -33.41 11.22
C ILE A 257 44.02 -32.60 11.55
N LEU A 258 44.19 -32.26 12.82
CA LEU A 258 45.20 -31.32 13.26
C LEU A 258 46.20 -32.03 14.16
N GLU A 259 47.49 -31.78 13.91
CA GLU A 259 48.56 -32.40 14.68
C GLU A 259 49.73 -31.42 14.79
N LYS A 260 50.72 -31.81 15.58
CA LYS A 260 51.98 -31.09 15.67
C LYS A 260 53.13 -32.05 15.40
N PHE A 261 54.24 -31.47 14.95
CA PHE A 261 55.39 -32.23 14.49
C PHE A 261 56.56 -31.98 15.44
N CYS A 262 56.95 -33.02 16.17
CA CYS A 262 57.91 -32.87 17.27
C CYS A 262 58.98 -33.95 17.19
N PHE A 263 60.12 -33.65 17.81
CA PHE A 263 61.23 -34.59 17.91
C PHE A 263 61.08 -35.41 19.18
N THR A 264 60.94 -36.73 19.00
CA THR A 264 60.71 -37.65 20.12
C THR A 264 61.96 -38.49 20.36
N PRO A 265 62.65 -38.31 21.47
CA PRO A 265 63.78 -39.20 21.79
C PRO A 265 63.31 -40.63 21.98
N HIS A 266 64.17 -41.57 21.58
CA HIS A 266 63.82 -42.98 21.66
C HIS A 266 63.67 -43.44 23.10
N THR A 267 64.58 -43.02 23.99
CA THR A 267 64.57 -43.44 25.38
C THR A 267 64.08 -42.28 26.25
N GLU A 268 62.79 -42.27 26.55
CA GLU A 268 62.20 -41.27 27.44
C GLU A 268 62.21 -41.81 28.86
N GLU A 269 62.96 -41.15 29.74
CA GLU A 269 63.10 -41.58 31.12
C GLU A 269 62.36 -40.63 32.05
N GLY A 270 61.64 -41.20 33.01
CA GLY A 270 60.86 -40.40 33.93
C GLY A 270 59.73 -39.63 33.29
N CYS A 271 59.01 -40.26 32.36
CA CYS A 271 57.91 -39.60 31.68
C CYS A 271 56.64 -39.66 32.54
N LEU A 272 55.52 -39.24 31.94
CA LEU A 272 54.21 -39.23 32.59
C LEU A 272 54.22 -38.43 33.89
N SER A 273 55.04 -37.37 33.93
CA SER A 273 55.19 -36.54 35.12
C SER A 273 54.22 -35.35 35.03
N GLU A 274 54.38 -34.41 35.96
CA GLU A 274 53.55 -33.22 36.10
C GLU A 274 52.07 -33.50 35.88
N ARG A 275 51.58 -34.61 36.40
CA ARG A 275 50.19 -34.99 36.31
C ARG A 275 49.45 -34.57 37.58
N ALA A 276 48.16 -34.86 37.63
CA ALA A 276 47.30 -34.49 38.75
C ALA A 276 46.78 -35.69 39.52
N ALA A 277 46.11 -36.63 38.84
CA ALA A 277 45.54 -37.78 39.53
C ALA A 277 46.62 -38.77 39.93
N LEU A 278 47.62 -38.97 39.08
CA LEU A 278 48.65 -39.97 39.34
C LEU A 278 49.48 -39.60 40.58
N GLN A 279 49.78 -38.32 40.74
CA GLN A 279 50.59 -37.89 41.88
C GLN A 279 49.92 -38.22 43.20
N GLU A 280 48.65 -37.88 43.34
CA GLU A 280 47.92 -38.19 44.58
C GLU A 280 47.71 -39.70 44.71
N GLU A 281 47.41 -40.38 43.60
CA GLU A 281 47.15 -41.81 43.64
C GLU A 281 48.38 -42.61 44.06
N LEU A 282 49.59 -42.10 43.77
CA LEU A 282 50.79 -42.80 44.20
C LEU A 282 50.84 -42.93 45.72
N GLN A 283 50.68 -41.82 46.43
CA GLN A 283 50.65 -41.89 47.89
C GLN A 283 49.39 -42.55 48.41
N LEU A 284 48.27 -42.45 47.69
CA LEU A 284 47.06 -43.15 48.11
C LEU A 284 47.27 -44.66 48.11
N CYS A 285 47.93 -45.18 47.08
CA CYS A 285 48.23 -46.61 47.03
C CYS A 285 49.34 -46.99 47.99
N LYS A 286 50.32 -46.10 48.19
CA LYS A 286 51.39 -46.38 49.15
C LYS A 286 50.85 -46.51 50.56
N GLY A 287 49.91 -45.63 50.94
CA GLY A 287 49.32 -45.72 52.26
C GLY A 287 48.51 -46.99 52.46
N LEU A 288 47.76 -47.38 51.44
CA LEU A 288 46.95 -48.60 51.51
C LEU A 288 47.76 -49.82 51.14
N GLU A 355 41.41 -50.47 32.95
CA GLU A 355 41.46 -51.11 34.26
C GLU A 355 41.52 -50.06 35.36
N ASP A 356 42.62 -49.32 35.42
CA ASP A 356 42.81 -48.30 36.43
C ASP A 356 43.75 -47.24 35.88
N PRO A 357 43.54 -45.96 36.19
CA PRO A 357 44.47 -44.92 35.70
C PRO A 357 45.91 -45.17 36.09
N LEU A 358 46.16 -45.65 37.31
CA LEU A 358 47.52 -45.98 37.72
C LEU A 358 48.06 -47.18 36.96
N LEU A 359 47.20 -48.17 36.69
CA LEU A 359 47.64 -49.34 35.94
C LEU A 359 47.95 -49.00 34.50
N SER A 360 47.23 -48.04 33.91
CA SER A 360 47.45 -47.60 32.53
C SER A 360 47.69 -46.10 32.56
N GLY A 361 48.93 -45.71 32.83
CA GLY A 361 49.32 -44.31 32.79
C GLY A 361 50.08 -43.97 31.53
N LEU A 362 51.00 -44.85 31.14
CA LEU A 362 51.73 -44.67 29.90
C LEU A 362 50.97 -45.24 28.70
N LEU A 363 49.90 -46.00 28.94
CA LEU A 363 49.14 -46.57 27.85
C LEU A 363 48.38 -45.49 27.08
N ASP A 364 47.81 -44.53 27.80
CA ASP A 364 47.07 -43.43 27.18
C ASP A 364 47.95 -42.24 26.85
N SER A 365 49.22 -42.24 27.28
CA SER A 365 50.13 -41.16 26.95
C SER A 365 50.53 -41.24 25.47
N PRO A 366 50.95 -40.12 24.88
CA PRO A 366 51.38 -40.13 23.48
C PRO A 366 52.66 -40.91 23.23
N ALA A 367 53.26 -41.52 24.26
CA ALA A 367 54.46 -42.33 24.04
C ALA A 367 54.15 -43.54 23.17
N LEU A 368 53.00 -44.17 23.38
CA LEU A 368 52.59 -45.30 22.55
C LEU A 368 52.38 -44.88 21.10
N LYS A 369 51.85 -43.68 20.89
CA LYS A 369 51.58 -43.20 19.54
C LYS A 369 52.87 -43.05 18.74
N ALA A 370 53.93 -42.54 19.38
CA ALA A 370 55.20 -42.39 18.69
C ALA A 370 55.77 -43.74 18.28
N CYS A 371 55.71 -44.73 19.17
CA CYS A 371 56.18 -46.07 18.84
C CYS A 371 55.36 -46.67 17.71
N LEU A 372 54.05 -46.48 17.73
CA LEU A 372 53.20 -46.99 16.67
C LEU A 372 53.53 -46.36 15.33
N ASP A 373 53.77 -45.04 15.33
CA ASP A 373 54.14 -44.36 14.10
C ASP A 373 55.49 -44.84 13.59
N THR A 374 56.45 -45.06 14.49
CA THR A 374 57.74 -45.59 14.08
C THR A 374 57.61 -46.97 13.47
N ALA A 375 56.79 -47.83 14.09
CA ALA A 375 56.57 -49.17 13.53
C ALA A 375 55.91 -49.09 12.17
N VAL A 376 54.96 -48.18 11.98
CA VAL A 376 54.30 -48.02 10.69
C VAL A 376 55.31 -47.59 9.63
N GLU A 377 56.15 -46.61 9.97
CA GLU A 377 57.16 -46.13 9.04
C GLU A 377 58.17 -47.24 8.72
N ASN A 378 58.34 -48.17 9.66
CA ASN A 378 59.27 -49.31 9.44
C ASN A 378 58.57 -50.40 8.61
N MET A 379 57.24 -50.49 8.68
CA MET A 379 56.50 -51.48 7.86
C MET A 379 56.96 -51.35 6.40
N PRO A 380 57.53 -52.40 5.75
CA PRO A 380 58.09 -52.29 4.37
C PRO A 380 57.06 -51.72 3.40
N SER A 381 55.85 -52.27 3.40
CA SER A 381 54.78 -51.80 2.48
C SER A 381 53.63 -51.20 3.30
N LEU A 382 52.68 -50.54 2.63
CA LEU A 382 51.53 -50.02 3.36
C LEU A 382 50.77 -51.09 4.13
N LYS A 383 50.93 -52.36 3.77
CA LYS A 383 50.29 -53.45 4.50
C LYS A 383 50.91 -53.62 5.88
N MET A 384 50.08 -54.01 6.84
CA MET A 384 50.55 -54.21 8.21
C MET A 384 49.64 -55.20 8.90
N LYS A 385 50.24 -56.19 9.56
CA LYS A 385 49.51 -57.20 10.32
C LYS A 385 49.89 -57.08 11.79
N VAL A 386 48.89 -56.92 12.65
CA VAL A 386 49.09 -56.78 14.08
C VAL A 386 48.34 -57.90 14.78
N VAL A 387 49.03 -58.59 15.70
CA VAL A 387 48.47 -59.71 16.45
C VAL A 387 48.47 -59.33 17.92
N GLU A 388 47.33 -59.53 18.58
CA GLU A 388 47.17 -59.25 20.00
C GLU A 388 47.26 -60.56 20.77
N VAL A 389 48.16 -60.62 21.74
CA VAL A 389 48.41 -61.82 22.54
C VAL A 389 47.89 -61.58 23.94
N LEU A 390 47.20 -62.58 24.50
CA LEU A 390 46.60 -62.50 25.83
C LEU A 390 45.64 -61.32 25.94
N ALA A 391 44.78 -61.18 24.93
CA ALA A 391 43.80 -60.09 24.92
C ALA A 391 42.56 -60.48 25.71
N GLY A 392 42.75 -60.96 26.93
CA GLY A 392 41.65 -61.28 27.82
C GLY A 392 41.67 -60.43 29.07
N HIS A 393 42.88 -60.05 29.50
CA HIS A 393 43.06 -59.15 30.63
C HIS A 393 43.29 -57.71 30.21
N GLY A 394 44.29 -57.45 29.38
CA GLY A 394 44.49 -56.12 28.85
C GLY A 394 43.49 -55.79 27.77
N HIS A 395 43.24 -54.49 27.60
CA HIS A 395 42.28 -54.01 26.61
C HIS A 395 42.91 -52.99 25.67
N LEU A 396 44.16 -53.22 25.26
CA LEU A 396 44.81 -52.35 24.30
C LEU A 396 44.24 -52.50 22.89
N TYR A 397 43.40 -53.50 22.65
CA TYR A 397 42.78 -53.68 21.35
C TYR A 397 41.71 -52.64 21.05
N SER A 398 41.30 -51.86 22.04
CA SER A 398 40.29 -50.82 21.86
C SER A 398 40.90 -49.44 21.59
N ARG A 399 42.21 -49.34 21.54
CA ARG A 399 42.88 -48.06 21.31
C ARG A 399 43.84 -48.10 20.13
N ILE A 400 44.46 -49.24 19.84
CA ILE A 400 45.37 -49.33 18.71
C ILE A 400 44.67 -49.06 17.38
N PRO A 401 43.52 -49.70 17.07
CA PRO A 401 42.85 -49.36 15.79
C PRO A 401 42.48 -47.90 15.67
N GLY A 402 42.09 -47.25 16.78
CA GLY A 402 41.77 -45.84 16.74
C GLY A 402 42.96 -44.94 16.49
N LEU A 403 44.13 -45.29 17.02
CA LEU A 403 45.31 -44.46 16.85
C LEU A 403 45.88 -44.51 15.44
N LEU A 404 45.58 -45.57 14.68
CA LEU A 404 46.06 -45.69 13.31
C LEU A 404 45.13 -45.05 12.30
N SER A 405 43.96 -44.59 12.72
CA SER A 405 43.05 -43.91 11.79
C SER A 405 43.65 -42.67 11.14
N PRO A 406 44.35 -41.77 11.85
CA PRO A 406 44.85 -40.56 11.17
C PRO A 406 45.76 -40.83 10.00
N HIS A 407 46.56 -41.90 10.05
CA HIS A 407 47.49 -42.18 8.96
C HIS A 407 46.72 -42.60 7.71
N PRO A 408 46.86 -41.87 6.59
CA PRO A 408 46.12 -42.25 5.39
C PRO A 408 46.81 -43.38 4.64
N LEU A 409 46.01 -44.13 3.88
CA LEU A 409 46.49 -45.22 3.04
C LEU A 409 47.25 -46.26 3.86
N LEU A 410 46.53 -46.87 4.79
CA LEU A 410 47.09 -47.89 5.68
C LEU A 410 46.10 -49.03 5.81
N GLN A 411 46.49 -50.21 5.33
CA GLN A 411 45.66 -51.40 5.48
C GLN A 411 46.10 -52.15 6.73
N LEU A 412 45.24 -52.19 7.73
CA LEU A 412 45.55 -52.77 9.03
C LEU A 412 44.70 -54.01 9.25
N SER A 413 45.34 -55.13 9.52
CA SER A 413 44.67 -56.37 9.88
C SER A 413 45.01 -56.69 11.33
N TYR A 414 44.04 -56.49 12.22
CA TYR A 414 44.23 -56.66 13.65
C TYR A 414 43.55 -57.94 14.10
N THR A 415 44.31 -58.81 14.79
CA THR A 415 43.80 -60.07 15.30
C THR A 415 44.01 -60.13 16.80
N ALA A 416 42.97 -60.52 17.53
CA ALA A 416 43.02 -60.66 18.98
C ALA A 416 43.05 -62.14 19.33
N THR A 417 44.10 -62.56 20.03
CA THR A 417 44.28 -63.95 20.42
C THR A 417 44.40 -64.02 21.94
N ASP A 418 43.66 -64.95 22.54
CA ASP A 418 43.68 -65.17 23.98
C ASP A 418 43.95 -66.64 24.25
N ARG A 419 44.88 -66.92 25.17
CA ARG A 419 45.16 -68.30 25.53
C ARG A 419 43.95 -68.98 26.15
N HIS A 420 43.08 -68.21 26.81
CA HIS A 420 41.85 -68.74 27.37
C HIS A 420 40.67 -68.26 26.52
N PRO A 421 40.01 -69.13 25.76
CA PRO A 421 38.90 -68.69 24.91
C PRO A 421 37.69 -68.20 25.69
N GLN A 422 37.60 -68.49 27.00
CA GLN A 422 36.46 -68.04 27.79
C GLN A 422 36.43 -66.53 27.97
N ALA A 423 37.53 -65.85 27.68
CA ALA A 423 37.60 -64.40 27.80
C ALA A 423 37.05 -63.74 26.54
N LEU A 424 37.30 -62.43 26.40
CA LEU A 424 36.87 -61.65 25.24
C LEU A 424 35.35 -61.66 25.11
N GLU A 425 34.67 -61.23 26.18
CA GLU A 425 33.22 -61.14 26.18
C GLU A 425 32.69 -59.94 25.40
N ALA A 426 33.54 -58.98 25.07
CA ALA A 426 33.12 -57.79 24.34
C ALA A 426 33.22 -58.03 22.84
N ALA A 427 32.30 -58.87 22.34
CA ALA A 427 32.26 -59.17 20.91
C ALA A 427 31.88 -57.95 20.10
N GLN A 428 30.99 -57.09 20.63
CA GLN A 428 30.61 -55.88 19.92
C GLN A 428 31.80 -54.95 19.74
N ALA A 429 32.66 -54.85 20.77
CA ALA A 429 33.86 -54.04 20.65
C ALA A 429 34.80 -54.60 19.58
N GLU A 430 34.92 -55.93 19.52
CA GLU A 430 35.75 -56.55 18.49
C GLU A 430 35.13 -56.40 17.11
N LEU A 431 33.81 -56.15 17.04
CA LEU A 431 33.15 -55.96 15.76
C LEU A 431 33.54 -54.66 15.08
N GLN A 432 34.21 -53.75 15.78
CA GLN A 432 34.62 -52.47 15.22
C GLN A 432 35.95 -52.64 14.45
N GLN A 433 35.85 -53.36 13.34
CA GLN A 433 36.97 -53.60 12.43
C GLN A 433 38.14 -54.26 13.16
N HIS A 434 37.88 -55.47 13.64
CA HIS A 434 38.87 -56.27 14.32
C HIS A 434 38.54 -57.74 14.13
N ASP A 435 39.50 -58.60 14.46
CA ASP A 435 39.35 -60.04 14.30
C ASP A 435 39.78 -60.74 15.57
N VAL A 436 39.21 -61.93 15.80
CA VAL A 436 39.50 -62.72 16.99
C VAL A 436 40.23 -63.99 16.58
N ALA A 437 40.92 -64.58 17.55
CA ALA A 437 41.69 -65.80 17.32
C ALA A 437 41.89 -66.48 18.68
N GLN A 438 42.73 -67.52 18.69
CA GLN A 438 43.02 -68.26 19.92
C GLN A 438 44.45 -68.76 19.86
N GLY A 439 45.25 -68.40 20.85
CA GLY A 439 46.64 -68.81 20.90
C GLY A 439 47.10 -69.22 22.29
N LEU A 457 56.86 -55.70 18.53
CA LEU A 457 56.49 -56.35 19.78
C LEU A 457 56.48 -55.35 20.94
N VAL A 458 55.32 -55.21 21.58
CA VAL A 458 55.13 -54.27 22.67
C VAL A 458 54.60 -55.03 23.88
N CYS A 459 55.25 -54.86 25.03
CA CYS A 459 54.84 -55.50 26.28
C CYS A 459 54.98 -54.52 27.42
N ASN A 460 54.14 -54.67 28.44
CA ASN A 460 54.17 -53.80 29.60
C ASN A 460 54.86 -54.48 30.78
N SER A 523 67.84 -58.94 31.46
CA SER A 523 68.87 -59.50 30.59
C SER A 523 68.29 -60.57 29.68
N LEU A 524 66.99 -60.84 29.84
CA LEU A 524 66.32 -61.84 29.02
C LEU A 524 66.15 -61.41 27.57
N PHE A 525 66.30 -60.12 27.27
CA PHE A 525 66.19 -59.66 25.89
C PHE A 525 67.29 -60.26 25.02
N SER A 526 68.51 -60.33 25.55
CA SER A 526 69.61 -60.93 24.80
C SER A 526 69.47 -62.43 24.63
N ARG A 527 68.72 -63.09 25.50
CA ARG A 527 68.47 -64.53 25.34
C ARG A 527 67.70 -64.81 24.06
N VAL A 528 66.68 -64.00 23.77
CA VAL A 528 65.96 -64.11 22.51
C VAL A 528 66.76 -63.55 21.35
N SER A 529 67.84 -62.82 21.62
CA SER A 529 68.69 -62.20 20.61
C SER A 529 67.91 -61.17 19.79
N LEU A 530 67.23 -60.27 20.50
CA LEU A 530 66.50 -59.16 19.90
C LEU A 530 67.21 -57.85 20.25
N ARG A 531 66.81 -56.79 19.57
CA ARG A 531 67.42 -55.47 19.73
C ARG A 531 66.41 -54.49 20.30
N LEU A 532 66.80 -53.84 21.38
CA LEU A 532 65.94 -52.87 22.05
C LEU A 532 65.96 -51.55 21.27
N VAL A 533 64.77 -51.05 20.95
CA VAL A 533 64.66 -49.80 20.19
C VAL A 533 64.36 -48.62 21.10
N GLY A 534 63.36 -48.73 21.96
CA GLY A 534 63.01 -47.66 22.87
C GLY A 534 62.49 -48.20 24.18
N LEU A 535 62.64 -47.38 25.22
CA LEU A 535 62.20 -47.74 26.57
C LEU A 535 61.49 -46.53 27.16
N LYS A 536 60.35 -46.78 27.80
CA LYS A 536 59.52 -45.73 28.38
C LYS A 536 59.28 -46.05 29.85
N LYS A 537 60.08 -45.44 30.72
CA LYS A 537 59.97 -45.64 32.17
C LYS A 537 59.52 -44.33 32.83
N SER A 538 58.60 -44.47 33.79
CA SER A 538 58.00 -43.25 34.40
C SER A 538 58.05 -43.27 35.93
N PHE A 539 57.18 -42.50 36.58
CA PHE A 539 57.11 -42.51 38.06
C PHE A 539 56.15 -43.64 38.46
N TYR A 540 55.75 -44.45 37.48
CA TYR A 540 54.86 -45.60 37.76
C TYR A 540 55.71 -46.85 37.87
N GLY A 541 57.03 -46.72 37.72
CA GLY A 541 57.91 -47.91 37.75
C GLY A 541 57.62 -48.76 36.53
N SER A 542 56.47 -48.56 35.89
CA SER A 542 56.12 -49.32 34.70
C SER A 542 57.11 -49.01 33.57
N THR A 543 57.36 -50.03 32.75
CA THR A 543 58.30 -49.90 31.64
C THR A 543 57.63 -50.43 30.38
N LEU A 544 57.77 -49.70 29.28
CA LEU A 544 57.24 -50.09 27.98
C LEU A 544 58.40 -50.42 27.05
N PHE A 545 58.42 -51.64 26.54
CA PHE A 545 59.51 -52.13 25.70
C PHE A 545 59.06 -52.24 24.26
N LEU A 546 60.05 -52.30 23.36
CA LEU A 546 59.80 -52.49 21.94
C LEU A 546 61.04 -53.08 21.30
N CYS A 547 60.86 -54.17 20.56
CA CYS A 547 61.96 -54.85 19.89
C CYS A 547 61.68 -54.89 18.39
N ARG A 548 62.71 -54.59 17.60
CA ARG A 548 62.58 -54.57 16.15
C ARG A 548 62.65 -56.00 15.61
N ARG A 549 62.48 -56.12 14.29
CA ARG A 549 62.56 -57.41 13.62
C ARG A 549 63.93 -57.56 12.97
N PRO A 550 64.75 -58.52 13.41
CA PRO A 550 66.09 -58.65 12.83
C PRO A 550 66.03 -59.10 11.37
N THR A 551 66.71 -58.36 10.51
CA THR A 551 66.79 -58.66 9.09
C THR A 551 68.25 -58.56 8.64
N PRO A 552 68.91 -59.68 8.40
CA PRO A 552 70.33 -59.62 8.00
C PRO A 552 70.51 -58.89 6.68
N GLN A 553 71.58 -58.11 6.60
CA GLN A 553 71.91 -57.36 5.40
C GLN A 553 73.39 -57.01 5.42
N ASP A 554 73.92 -56.68 4.24
CA ASP A 554 75.34 -56.34 4.12
C ASP A 554 75.55 -55.23 3.09
N SER A 555 76.83 -54.91 2.83
CA SER A 555 77.23 -53.88 1.88
C SER A 555 76.54 -52.55 2.19
N PRO A 556 76.92 -51.86 3.27
CA PRO A 556 76.31 -50.57 3.59
C PRO A 556 76.90 -49.46 2.74
N ILE A 557 76.09 -48.91 1.84
CA ILE A 557 76.51 -47.80 0.99
C ILE A 557 76.36 -46.51 1.77
N PHE A 558 77.44 -45.75 1.88
CA PHE A 558 77.43 -44.44 2.53
C PHE A 558 77.66 -43.37 1.47
N LEU A 559 76.73 -42.42 1.40
CA LEU A 559 76.78 -41.36 0.39
C LEU A 559 76.73 -40.02 1.09
N PRO A 560 77.77 -39.18 0.96
CA PRO A 560 77.70 -37.85 1.60
C PRO A 560 76.72 -36.94 0.89
N VAL A 561 75.57 -36.71 1.52
CA VAL A 561 74.56 -35.81 0.98
C VAL A 561 74.83 -34.37 1.35
N ASP A 562 75.58 -34.13 2.43
CA ASP A 562 75.84 -32.77 2.91
C ASP A 562 76.79 -32.08 1.94
N ASP A 563 76.23 -31.38 0.96
CA ASP A 563 77.02 -30.70 -0.06
C ASP A 563 76.14 -29.77 -0.89
N THR A 564 76.71 -28.67 -1.37
CA THR A 564 76.01 -27.72 -2.21
C THR A 564 76.04 -28.19 -3.67
N SER A 565 75.25 -27.53 -4.51
CA SER A 565 75.11 -27.77 -5.94
C SER A 565 74.50 -29.13 -6.26
N PHE A 566 74.22 -29.95 -5.25
CA PHE A 566 73.47 -31.19 -5.39
C PHE A 566 74.09 -32.14 -6.42
N ARG A 567 75.42 -32.22 -6.45
CA ARG A 567 76.08 -33.17 -7.35
C ARG A 567 75.95 -34.61 -6.87
N TRP A 568 75.57 -34.81 -5.60
CA TRP A 568 75.39 -36.15 -5.06
C TRP A 568 74.15 -36.84 -5.62
N VAL A 569 73.26 -36.10 -6.29
CA VAL A 569 72.03 -36.70 -6.79
C VAL A 569 72.33 -37.76 -7.83
N GLU A 570 73.28 -37.49 -8.73
CA GLU A 570 73.67 -38.48 -9.73
C GLU A 570 74.26 -39.72 -9.07
N SER A 571 75.06 -39.53 -8.02
CA SER A 571 75.61 -40.66 -7.28
C SER A 571 74.50 -41.49 -6.66
N LEU A 572 73.49 -40.84 -6.06
CA LEU A 572 72.37 -41.56 -5.48
C LEU A 572 71.60 -42.32 -6.55
N LYS A 573 71.41 -41.70 -7.72
CA LYS A 573 70.76 -42.40 -8.83
C LYS A 573 71.55 -43.64 -9.24
N GLY A 574 72.88 -43.52 -9.31
CA GLY A 574 73.70 -44.67 -9.65
C GLY A 574 73.60 -45.77 -8.61
N ILE A 575 73.56 -45.40 -7.33
CA ILE A 575 73.40 -46.39 -6.27
C ILE A 575 72.03 -47.06 -6.36
N LEU A 576 71.00 -46.28 -6.64
CA LEU A 576 69.63 -46.78 -6.73
C LEU A 576 69.26 -47.25 -8.13
N ALA A 577 70.22 -47.24 -9.07
CA ALA A 577 69.93 -47.64 -10.44
C ALA A 577 69.63 -49.14 -10.54
N ASP A 578 70.59 -49.97 -10.12
CA ASP A 578 70.43 -51.41 -10.21
C ASP A 578 69.37 -51.90 -9.23
N GLU A 579 68.35 -52.60 -9.74
CA GLU A 579 67.30 -53.13 -8.88
C GLU A 579 67.78 -54.32 -8.04
N ASP A 580 68.77 -55.07 -8.53
CA ASP A 580 69.28 -56.23 -7.81
C ASP A 580 70.47 -55.84 -6.94
N SER A 581 70.22 -54.89 -6.02
CA SER A 581 71.21 -54.45 -5.06
C SER A 581 71.07 -55.17 -3.73
N SER A 582 69.89 -55.08 -3.10
CA SER A 582 69.62 -55.70 -1.81
C SER A 582 70.64 -55.27 -0.75
N ARG A 583 71.10 -54.02 -0.85
CA ARG A 583 72.08 -53.47 0.09
C ARG A 583 71.56 -52.13 0.58
N PRO A 584 71.57 -51.87 1.89
CA PRO A 584 71.02 -50.60 2.39
C PRO A 584 71.83 -49.41 1.91
N VAL A 585 71.15 -48.28 1.75
CA VAL A 585 71.77 -47.01 1.40
C VAL A 585 71.60 -46.07 2.58
N TRP A 586 72.71 -45.46 3.01
CA TRP A 586 72.73 -44.61 4.20
C TRP A 586 73.14 -43.21 3.79
N LEU A 587 72.16 -42.30 3.75
CA LEU A 587 72.44 -40.90 3.46
C LEU A 587 73.01 -40.22 4.69
N LYS A 588 74.00 -39.34 4.47
CA LYS A 588 74.72 -38.69 5.56
C LYS A 588 74.68 -37.18 5.35
N ALA A 589 74.20 -36.46 6.36
CA ALA A 589 74.29 -35.01 6.43
C ALA A 589 75.06 -34.64 7.69
N ILE A 590 76.19 -33.98 7.53
CA ILE A 590 77.10 -33.76 8.64
C ILE A 590 77.36 -32.28 8.88
N ASN A 591 77.90 -31.58 7.88
CA ASN A 591 78.39 -30.22 8.05
C ASN A 591 77.27 -29.20 7.80
N CYS A 592 76.01 -29.61 7.92
CA CYS A 592 74.90 -28.67 7.80
C CYS A 592 73.70 -29.27 8.51
N ALA A 593 73.40 -28.76 9.70
CA ALA A 593 72.17 -29.17 10.38
C ALA A 593 70.94 -28.70 9.63
N THR A 594 71.10 -27.72 8.74
CA THR A 594 70.02 -27.21 7.90
C THR A 594 69.89 -28.10 6.68
N SER A 595 69.43 -29.32 6.93
CA SER A 595 69.24 -30.31 5.88
C SER A 595 67.79 -30.79 5.86
N GLY A 596 67.26 -30.99 4.65
CA GLY A 596 65.90 -31.45 4.49
C GLY A 596 65.87 -32.87 3.98
N VAL A 597 66.89 -33.65 4.33
CA VAL A 597 66.98 -35.04 3.88
C VAL A 597 65.88 -35.88 4.51
N VAL A 598 65.23 -35.40 5.57
CA VAL A 598 64.11 -36.12 6.15
C VAL A 598 62.98 -36.24 5.14
N GLY A 599 62.59 -35.12 4.55
CA GLY A 599 61.55 -35.15 3.53
C GLY A 599 61.98 -35.89 2.28
N LEU A 600 63.26 -35.79 1.91
CA LEU A 600 63.74 -36.51 0.74
C LEU A 600 63.68 -38.01 0.95
N VAL A 601 64.07 -38.50 2.13
CA VAL A 601 64.03 -39.93 2.38
C VAL A 601 62.57 -40.39 2.53
N ASN A 602 61.71 -39.53 3.08
CA ASN A 602 60.29 -39.88 3.16
C ASN A 602 59.68 -40.05 1.78
N CYS A 603 59.97 -39.12 0.86
CA CYS A 603 59.37 -39.19 -0.47
C CYS A 603 60.02 -40.26 -1.33
N LEU A 604 61.33 -40.48 -1.18
CA LEU A 604 62.05 -41.48 -1.96
C LEU A 604 61.83 -42.89 -1.45
N ARG A 605 61.42 -43.05 -0.20
CA ARG A 605 61.16 -44.37 0.36
C ARG A 605 59.95 -45.04 -0.29
N ARG A 606 58.99 -44.27 -0.80
CA ARG A 606 57.84 -44.85 -1.48
C ARG A 606 58.00 -44.79 -3.00
N GLU A 607 59.20 -44.45 -3.47
CA GLU A 607 59.46 -44.39 -4.89
C GLU A 607 59.33 -45.79 -5.50
N PRO A 608 58.71 -45.90 -6.68
CA PRO A 608 58.66 -47.20 -7.36
C PRO A 608 60.03 -47.60 -7.87
N GLY A 609 60.61 -48.64 -7.27
CA GLY A 609 61.97 -49.03 -7.60
C GLY A 609 62.98 -48.43 -6.64
N GLY A 610 63.70 -49.28 -5.92
CA GLY A 610 64.61 -48.80 -4.90
C GLY A 610 63.90 -48.23 -3.69
N ASN A 611 62.67 -48.68 -3.42
CA ASN A 611 61.91 -48.15 -2.30
C ASN A 611 62.61 -48.46 -0.98
N ARG A 612 62.99 -49.71 -0.77
CA ARG A 612 63.71 -50.10 0.44
C ARG A 612 65.21 -49.89 0.33
N LEU A 613 65.71 -49.48 -0.84
CA LEU A 613 67.15 -49.25 -0.99
C LEU A 613 67.60 -48.12 -0.09
N ARG A 614 67.01 -46.93 -0.24
CA ARG A 614 67.29 -45.83 0.67
C ARG A 614 66.69 -46.14 2.03
N CYS A 615 67.52 -46.57 2.98
CA CYS A 615 67.05 -47.12 4.25
C CYS A 615 66.93 -46.03 5.32
N VAL A 616 68.04 -45.37 5.65
CA VAL A 616 68.06 -44.45 6.79
C VAL A 616 68.87 -43.22 6.42
N LEU A 617 68.75 -42.20 7.27
CA LEU A 617 69.49 -40.96 7.15
C LEU A 617 70.29 -40.72 8.44
N LEU A 618 71.31 -39.87 8.34
CA LEU A 618 72.11 -39.46 9.48
C LEU A 618 72.16 -37.93 9.50
N SER A 619 71.27 -37.33 10.29
CA SER A 619 71.16 -35.88 10.40
C SER A 619 71.56 -35.46 11.80
N ASN A 620 72.50 -34.54 11.90
CA ASN A 620 72.97 -33.99 13.17
C ASN A 620 72.36 -32.60 13.33
N LEU A 621 71.15 -32.55 13.88
CA LEU A 621 70.42 -31.30 14.03
C LEU A 621 70.66 -30.73 15.43
N SER A 622 71.87 -30.23 15.64
CA SER A 622 72.24 -29.60 16.90
C SER A 622 71.79 -28.15 16.86
N SER A 623 70.55 -27.90 17.30
CA SER A 623 69.96 -26.56 17.28
C SER A 623 70.48 -25.76 18.48
N THR A 624 71.73 -25.34 18.38
CA THR A 624 72.38 -24.56 19.42
C THR A 624 73.51 -23.76 18.80
N SER A 625 73.96 -22.75 19.55
CA SER A 625 75.07 -21.90 19.10
C SER A 625 76.41 -22.59 19.35
N HIS A 626 76.57 -23.74 18.68
CA HIS A 626 77.76 -24.58 18.82
C HIS A 626 78.02 -24.97 20.27
N VAL A 627 76.93 -25.17 21.02
CA VAL A 627 77.02 -25.55 22.43
C VAL A 627 77.42 -27.02 22.52
N PRO A 628 76.64 -27.94 21.94
CA PRO A 628 77.01 -29.36 21.99
C PRO A 628 78.02 -29.72 20.92
N GLU A 629 78.53 -30.96 20.96
CA GLU A 629 79.51 -31.41 19.98
C GLU A 629 79.39 -32.91 19.82
N VAL A 630 79.31 -33.35 18.57
CA VAL A 630 79.24 -34.78 18.25
C VAL A 630 79.74 -35.00 16.82
N ASP A 631 80.40 -36.12 16.59
CA ASP A 631 80.92 -36.45 15.27
C ASP A 631 80.69 -37.92 14.95
N PRO A 632 80.25 -38.25 13.74
CA PRO A 632 80.03 -39.66 13.41
C PRO A 632 81.33 -40.42 13.16
N GLY A 633 81.25 -41.73 13.12
CA GLY A 633 82.43 -42.54 12.89
C GLY A 633 82.08 -44.02 12.94
N SER A 634 83.10 -44.86 12.75
CA SER A 634 82.88 -46.30 12.71
C SER A 634 82.27 -46.80 14.02
N ALA A 635 82.77 -46.31 15.14
CA ALA A 635 82.16 -46.63 16.43
C ALA A 635 80.78 -46.02 16.55
N GLU A 636 80.62 -44.77 16.09
CA GLU A 636 79.32 -44.11 16.15
C GLU A 636 78.30 -44.76 15.23
N LEU A 637 78.73 -45.18 14.04
CA LEU A 637 77.81 -45.83 13.11
C LEU A 637 77.27 -47.14 13.68
N GLN A 638 78.10 -47.86 14.43
CA GLN A 638 77.70 -49.17 14.93
C GLN A 638 76.43 -49.09 15.77
N LYS A 639 76.35 -48.09 16.65
CA LYS A 639 75.14 -47.93 17.46
C LYS A 639 73.92 -47.67 16.58
N VAL A 640 74.06 -46.81 15.59
CA VAL A 640 72.97 -46.55 14.66
C VAL A 640 72.70 -47.72 13.72
N LEU A 641 73.75 -48.32 13.15
CA LEU A 641 73.57 -49.41 12.19
C LEU A 641 73.05 -50.69 12.83
N GLN A 642 73.22 -50.85 14.15
CA GLN A 642 72.68 -52.04 14.81
C GLN A 642 71.16 -52.09 14.72
N GLY A 643 70.50 -50.96 14.91
CA GLY A 643 69.06 -50.89 14.75
C GLY A 643 68.66 -50.26 13.43
N ASP A 644 68.08 -51.06 12.53
CA ASP A 644 67.70 -50.59 11.20
C ASP A 644 66.44 -49.73 11.31
N LEU A 645 66.65 -48.49 11.74
CA LEU A 645 65.58 -47.52 11.89
C LEU A 645 65.66 -46.50 10.75
N VAL A 646 64.51 -46.21 10.15
CA VAL A 646 64.47 -45.28 9.02
C VAL A 646 64.95 -43.90 9.45
N MET A 647 64.50 -43.44 10.61
CA MET A 647 64.84 -42.12 11.12
C MET A 647 65.89 -42.24 12.22
N ASN A 648 66.99 -41.49 12.07
CA ASN A 648 68.05 -41.47 13.09
C ASN A 648 68.56 -40.03 13.15
N VAL A 649 68.12 -39.29 14.17
CA VAL A 649 68.41 -37.88 14.30
C VAL A 649 69.04 -37.63 15.67
N TYR A 650 70.14 -36.89 15.69
CA TYR A 650 70.82 -36.49 16.92
C TYR A 650 70.54 -35.02 17.16
N ARG A 651 69.81 -34.72 18.23
CA ARG A 651 69.39 -33.35 18.54
C ARG A 651 69.94 -32.95 19.92
N ASP A 652 71.07 -32.24 19.89
CA ASP A 652 71.62 -31.58 21.08
C ASP A 652 71.83 -32.55 22.25
N GLY A 653 72.32 -33.74 21.95
CA GLY A 653 72.69 -34.66 23.01
C GLY A 653 72.00 -36.01 22.97
N ALA A 654 70.79 -36.07 22.42
CA ALA A 654 69.99 -37.28 22.43
C ALA A 654 69.70 -37.72 20.99
N TRP A 655 69.63 -39.03 20.81
CA TRP A 655 69.30 -39.61 19.52
C TRP A 655 67.82 -40.01 19.50
N GLY A 656 67.14 -39.65 18.42
CA GLY A 656 65.73 -39.92 18.32
C GLY A 656 65.21 -39.71 16.92
N ALA A 657 63.89 -39.57 16.81
CA ALA A 657 63.24 -39.41 15.53
C ALA A 657 62.20 -38.30 15.63
N PHE A 658 61.83 -37.75 14.47
CA PHE A 658 60.81 -36.72 14.37
C PHE A 658 59.45 -37.40 14.30
N ARG A 659 58.50 -36.92 15.10
CA ARG A 659 57.17 -37.51 15.18
C ARG A 659 56.13 -36.53 14.68
N HIS A 660 55.27 -37.00 13.78
CA HIS A 660 54.18 -36.22 13.21
C HIS A 660 52.83 -36.71 13.74
N PHE A 661 52.83 -37.38 14.89
CA PHE A 661 51.66 -38.08 15.38
C PHE A 661 50.96 -37.37 16.53
N LEU A 662 51.69 -36.52 17.26
CA LEU A 662 51.12 -35.82 18.42
C LEU A 662 49.97 -34.92 18.01
N LEU A 663 48.87 -34.99 18.76
CA LEU A 663 47.66 -34.23 18.47
C LEU A 663 47.73 -32.84 19.06
N GLU A 664 46.66 -32.07 18.86
CA GLU A 664 46.57 -30.72 19.39
C GLU A 664 45.51 -30.65 20.49
N GLU A 665 45.36 -29.46 21.07
CA GLU A 665 44.48 -29.25 22.21
C GLU A 665 43.42 -28.19 21.91
N ASP A 666 42.67 -27.80 22.94
CA ASP A 666 41.52 -26.92 22.78
C ASP A 666 41.98 -25.46 22.73
N LYS A 667 41.01 -24.56 22.61
CA LYS A 667 41.31 -23.14 22.44
C LYS A 667 42.26 -22.56 23.49
N PRO A 668 43.11 -21.62 23.09
CA PRO A 668 43.96 -20.91 24.06
C PRO A 668 43.30 -19.64 24.57
N GLU A 669 43.65 -19.27 25.79
CA GLU A 669 43.11 -18.08 26.43
C GLU A 669 44.25 -17.24 27.01
N GLU A 670 44.06 -15.93 27.01
CA GLU A 670 45.04 -15.00 27.54
C GLU A 670 44.35 -13.93 28.37
N PRO A 671 45.01 -13.43 29.42
CA PRO A 671 44.42 -12.34 30.22
C PRO A 671 44.64 -11.01 29.53
N THR A 672 43.53 -10.33 29.21
CA THR A 672 43.57 -9.08 28.47
C THR A 672 42.65 -8.06 29.14
N ALA A 673 42.83 -6.79 28.75
CA ALA A 673 41.98 -5.70 29.24
C ALA A 673 40.97 -5.23 28.21
N HIS A 674 41.09 -5.66 26.95
CA HIS A 674 40.16 -5.31 25.89
C HIS A 674 39.59 -6.57 25.30
N ALA A 675 38.26 -6.68 25.24
CA ALA A 675 37.61 -7.87 24.74
C ALA A 675 36.16 -7.54 24.38
N PHE A 676 35.47 -8.54 23.84
CA PHE A 676 34.06 -8.43 23.54
C PHE A 676 33.45 -9.82 23.60
N VAL A 677 32.15 -9.90 23.29
CA VAL A 677 31.42 -11.16 23.25
C VAL A 677 30.96 -11.39 21.82
N SER A 678 31.05 -12.64 21.36
CA SER A 678 30.61 -13.01 20.02
C SER A 678 30.15 -14.45 20.01
N THR A 679 29.32 -14.78 19.03
CA THR A 679 28.85 -16.14 18.84
C THR A 679 29.85 -16.88 17.94
N LEU A 680 30.58 -17.83 18.52
CA LEU A 680 31.55 -18.59 17.74
C LEU A 680 30.87 -19.37 16.62
N THR A 681 29.73 -20.00 16.93
CA THR A 681 28.90 -20.67 15.94
C THR A 681 27.57 -19.93 15.83
N ARG A 682 27.21 -19.54 14.61
CA ARG A 682 26.02 -18.75 14.40
C ARG A 682 24.77 -19.54 14.78
N GLY A 683 23.84 -18.87 15.46
CA GLY A 683 22.57 -19.46 15.83
C GLY A 683 22.58 -20.24 17.13
N ASP A 684 23.73 -20.40 17.78
CA ASP A 684 23.84 -21.14 19.02
C ASP A 684 24.15 -20.19 20.17
N LEU A 685 23.29 -20.20 21.19
CA LEU A 685 23.47 -19.32 22.33
C LEU A 685 24.40 -19.87 23.39
N SER A 686 24.85 -21.12 23.25
CA SER A 686 25.82 -21.70 24.17
C SER A 686 27.26 -21.49 23.73
N SER A 687 27.48 -20.86 22.57
CA SER A 687 28.81 -20.60 22.05
C SER A 687 29.27 -19.17 22.30
N ILE A 688 28.55 -18.43 23.14
CA ILE A 688 28.88 -17.03 23.43
C ILE A 688 30.01 -17.01 24.47
N ARG A 689 31.12 -16.39 24.11
CA ARG A 689 32.27 -16.31 25.00
C ARG A 689 32.97 -14.98 24.79
N TRP A 690 33.95 -14.71 25.64
CA TRP A 690 34.73 -13.47 25.57
C TRP A 690 35.91 -13.66 24.62
N VAL A 691 36.02 -12.75 23.66
CA VAL A 691 37.04 -12.81 22.61
C VAL A 691 37.85 -11.53 22.66
N CYS A 692 39.18 -11.67 22.57
CA CYS A 692 40.05 -10.50 22.57
C CYS A 692 39.73 -9.58 21.40
N SER A 693 39.81 -8.28 21.64
CA SER A 693 39.38 -7.27 20.68
C SER A 693 40.58 -6.62 20.01
N SER A 694 40.29 -5.88 18.94
CA SER A 694 41.30 -5.19 18.15
C SER A 694 41.67 -3.83 18.72
N LEU A 695 41.06 -3.41 19.83
CA LEU A 695 41.32 -2.10 20.39
C LEU A 695 42.62 -2.04 21.19
N ARG A 696 43.20 -3.19 21.54
CA ARG A 696 44.44 -3.17 22.31
C ARG A 696 45.63 -2.79 21.44
N HIS A 697 45.70 -3.34 20.23
CA HIS A 697 46.86 -3.09 19.37
C HIS A 697 46.82 -1.69 18.77
N ALA A 698 45.65 -1.25 18.33
CA ALA A 698 45.49 0.05 17.67
C ALA A 698 44.56 0.91 18.50
N GLN A 699 45.09 2.03 19.01
CA GLN A 699 44.30 3.03 19.73
C GLN A 699 44.64 4.41 19.19
N PRO A 700 44.34 4.67 17.91
CA PRO A 700 44.69 5.97 17.34
C PRO A 700 44.06 7.15 18.07
N THR A 701 42.81 7.01 18.51
CA THR A 701 42.09 8.05 19.24
C THR A 701 42.16 9.39 18.51
N CYS A 702 41.59 9.40 17.31
CA CYS A 702 41.57 10.59 16.47
C CYS A 702 40.76 11.70 17.14
N PRO A 703 40.82 12.93 16.62
CA PRO A 703 40.02 14.02 17.22
C PRO A 703 38.53 13.73 17.26
N GLY A 704 38.00 13.05 16.25
CA GLY A 704 36.61 12.67 16.24
C GLY A 704 36.36 11.31 16.84
N ALA A 705 37.18 10.93 17.83
CA ALA A 705 37.05 9.63 18.48
C ALA A 705 37.56 9.75 19.91
N GLN A 706 37.12 8.80 20.74
CA GLN A 706 37.52 8.76 22.14
C GLN A 706 37.28 7.36 22.67
N LEU A 707 38.17 6.91 23.56
CA LEU A 707 38.10 5.57 24.12
C LEU A 707 37.52 5.64 25.52
N CYS A 708 36.47 4.86 25.78
CA CYS A 708 35.79 4.85 27.05
C CYS A 708 35.72 3.43 27.59
N THR A 709 35.91 3.30 28.91
CA THR A 709 35.80 2.02 29.60
C THR A 709 34.34 1.78 29.97
N VAL A 710 33.86 0.58 29.67
CA VAL A 710 32.44 0.24 29.83
C VAL A 710 32.25 -0.50 31.15
N TYR A 711 31.32 -0.03 31.96
CA TYR A 711 30.91 -0.74 33.17
C TYR A 711 29.62 -1.51 33.00
N TYR A 712 28.65 -0.94 32.29
CA TYR A 712 27.35 -1.56 32.07
C TYR A 712 26.98 -1.47 30.60
N ALA A 713 26.43 -2.56 30.06
CA ALA A 713 25.97 -2.61 28.69
C ALA A 713 24.56 -3.16 28.64
N SER A 714 23.77 -2.68 27.70
CA SER A 714 22.36 -3.01 27.60
C SER A 714 22.10 -3.87 26.37
N LEU A 715 21.17 -4.80 26.50
CA LEU A 715 20.81 -5.73 25.45
C LEU A 715 19.54 -5.25 24.76
N ASN A 716 19.47 -5.43 23.45
CA ASN A 716 18.32 -5.01 22.65
C ASN A 716 17.83 -6.18 21.80
N PHE A 717 16.69 -5.97 21.15
CA PHE A 717 16.06 -7.04 20.36
C PHE A 717 16.94 -7.41 19.17
N ARG A 718 17.60 -6.43 18.57
CA ARG A 718 18.52 -6.69 17.47
C ARG A 718 19.63 -7.64 17.92
N ASP A 719 20.08 -7.51 19.17
CA ASP A 719 21.11 -8.41 19.68
C ASP A 719 20.61 -9.85 19.72
N ILE A 720 19.38 -10.06 20.18
CA ILE A 720 18.82 -11.41 20.21
C ILE A 720 18.68 -11.95 18.80
N MET A 721 18.21 -11.13 17.87
CA MET A 721 18.06 -11.58 16.49
C MET A 721 19.40 -11.96 15.87
N LEU A 722 20.45 -11.17 16.13
CA LEU A 722 21.76 -11.51 15.61
C LEU A 722 22.32 -12.76 16.26
N ALA A 723 22.17 -12.91 17.57
CA ALA A 723 22.72 -14.07 18.28
C ALA A 723 22.04 -15.38 17.90
N THR A 724 20.71 -15.35 17.75
CA THR A 724 19.98 -16.57 17.40
C THR A 724 19.98 -16.85 15.90
N GLY A 725 20.37 -15.88 15.07
CA GLY A 725 20.58 -16.11 13.66
C GLY A 725 19.46 -15.68 12.72
N LYS A 726 18.34 -15.17 13.25
CA LYS A 726 17.28 -14.69 12.37
C LYS A 726 17.71 -13.46 11.58
N LEU A 727 18.65 -12.69 12.10
CA LEU A 727 19.10 -11.46 11.45
C LEU A 727 20.52 -11.63 10.91
N SER A 728 20.72 -11.19 9.67
CA SER A 728 22.02 -11.26 9.00
C SER A 728 22.90 -10.10 9.44
N PRO A 729 24.20 -10.33 9.62
CA PRO A 729 25.10 -9.24 10.00
C PRO A 729 25.20 -8.13 8.96
N ASP A 730 24.90 -8.41 7.70
CA ASP A 730 24.97 -7.39 6.67
C ASP A 730 23.80 -6.41 6.71
N ALA A 731 22.73 -6.74 7.43
CA ALA A 731 21.62 -5.80 7.61
C ALA A 731 21.99 -4.64 8.51
N ILE A 732 23.04 -4.78 9.32
CA ILE A 732 23.48 -3.68 10.18
C ILE A 732 24.07 -2.58 9.31
N PRO A 733 23.63 -1.32 9.44
CA PRO A 733 24.17 -0.27 8.59
C PRO A 733 25.56 0.18 9.01
N GLY A 734 26.49 0.20 8.08
CA GLY A 734 27.84 0.63 8.36
C GLY A 734 28.83 -0.20 7.56
N LYS A 735 30.10 0.17 7.70
CA LYS A 735 31.21 -0.53 7.03
C LYS A 735 31.64 -1.69 7.92
N TRP A 736 30.89 -2.78 7.84
CA TRP A 736 31.14 -3.97 8.63
C TRP A 736 31.49 -5.15 7.73
N THR A 737 32.32 -4.90 6.73
CA THR A 737 32.75 -5.94 5.79
C THR A 737 33.63 -7.00 6.42
N SER A 738 34.14 -6.76 7.64
CA SER A 738 34.95 -7.73 8.36
C SER A 738 34.06 -8.48 9.34
N GLN A 739 34.12 -9.81 9.28
CA GLN A 739 33.31 -10.64 10.16
C GLN A 739 33.77 -10.48 11.60
N ASP A 740 32.96 -9.81 12.42
CA ASP A 740 33.30 -9.55 13.81
C ASP A 740 32.00 -9.41 14.60
N SER A 741 32.14 -9.24 15.91
CA SER A 741 30.98 -9.09 16.77
C SER A 741 30.24 -7.79 16.46
N LEU A 742 28.91 -7.85 16.49
CA LEU A 742 28.07 -6.69 16.27
C LEU A 742 27.01 -6.52 17.35
N LEU A 743 27.28 -6.96 18.58
CA LEU A 743 26.29 -6.96 19.65
C LEU A 743 26.43 -5.71 20.51
N GLY A 744 25.32 -5.03 20.71
CA GLY A 744 25.28 -3.89 21.61
C GLY A 744 25.02 -2.58 20.90
N MET A 745 24.29 -1.69 21.56
CA MET A 745 24.00 -0.37 21.01
C MET A 745 24.20 0.77 22.00
N GLU A 746 24.34 0.50 23.30
CA GLU A 746 24.53 1.55 24.28
C GLU A 746 25.30 1.00 25.46
N PHE A 747 25.87 1.91 26.25
CA PHE A 747 26.74 1.52 27.35
C PHE A 747 26.74 2.64 28.40
N SER A 748 27.50 2.42 29.46
CA SER A 748 27.71 3.42 30.50
C SER A 748 29.03 3.12 31.20
N GLY A 749 29.81 4.17 31.42
CA GLY A 749 31.11 4.01 32.06
C GLY A 749 31.85 5.31 32.21
N ARG A 750 33.18 5.27 32.10
CA ARG A 750 34.01 6.44 32.27
C ARG A 750 34.82 6.68 30.99
N ASP A 751 35.04 7.96 30.69
CA ASP A 751 35.84 8.34 29.53
C ASP A 751 37.32 8.35 29.92
N ALA A 752 38.15 8.94 29.06
CA ALA A 752 39.59 8.96 29.32
C ALA A 752 39.93 9.73 30.59
N SER A 753 39.20 10.80 30.88
CA SER A 753 39.46 11.63 32.05
C SER A 753 38.79 11.11 33.31
N GLY A 754 38.05 10.01 33.23
CA GLY A 754 37.37 9.45 34.38
C GLY A 754 35.99 10.00 34.65
N LYS A 755 35.49 10.88 33.79
CA LYS A 755 34.15 11.43 33.94
C LYS A 755 33.10 10.37 33.67
N ARG A 756 32.06 10.36 34.48
CA ARG A 756 31.01 9.36 34.38
C ARG A 756 30.09 9.70 33.21
N VAL A 757 30.11 8.87 32.17
CA VAL A 757 29.50 9.19 30.89
C VAL A 757 28.70 8.00 30.41
N MET A 758 27.63 8.28 29.64
CA MET A 758 26.86 7.27 28.94
C MET A 758 26.74 7.67 27.48
N GLY A 759 26.56 6.68 26.62
CA GLY A 759 26.54 6.98 25.19
C GLY A 759 25.84 5.91 24.37
N LEU A 760 25.73 6.19 23.08
CA LEU A 760 25.04 5.35 22.12
C LEU A 760 25.97 5.04 20.97
N VAL A 761 26.05 3.76 20.60
CA VAL A 761 26.97 3.31 19.55
C VAL A 761 26.20 2.52 18.50
N PRO A 762 26.66 2.48 17.25
CA PRO A 762 25.94 1.70 16.24
C PRO A 762 26.08 0.19 16.42
N ALA A 763 27.20 -0.26 16.96
CA ALA A 763 27.44 -1.69 17.15
C ALA A 763 28.61 -1.86 18.12
N LYS A 764 28.92 -3.12 18.40
CA LYS A 764 30.02 -3.48 19.30
C LYS A 764 29.84 -2.86 20.68
N GLY A 765 28.59 -2.77 21.12
CA GLY A 765 28.32 -2.20 22.43
C GLY A 765 28.85 -3.05 23.56
N LEU A 766 28.64 -4.37 23.50
CA LEU A 766 29.11 -5.27 24.55
C LEU A 766 30.62 -5.46 24.38
N ALA A 767 31.39 -4.72 25.18
CA ALA A 767 32.84 -4.82 25.14
C ALA A 767 33.39 -4.22 26.42
N THR A 768 34.66 -4.52 26.70
CA THR A 768 35.31 -3.93 27.87
C THR A 768 35.67 -2.47 27.62
N SER A 769 35.77 -2.06 26.36
CA SER A 769 36.02 -0.67 26.02
C SER A 769 35.38 -0.38 24.67
N VAL A 770 35.07 0.89 24.42
CA VAL A 770 34.39 1.31 23.21
C VAL A 770 35.06 2.58 22.68
N LEU A 771 35.29 2.63 21.37
CA LEU A 771 35.81 3.81 20.70
C LEU A 771 34.67 4.46 19.93
N LEU A 772 34.37 5.73 20.24
CA LEU A 772 33.24 6.40 19.63
C LEU A 772 33.46 7.90 19.61
N SER A 773 32.69 8.57 18.78
CA SER A 773 32.76 10.02 18.68
C SER A 773 32.17 10.66 19.94
N PRO A 774 32.67 11.83 20.34
CA PRO A 774 32.10 12.52 21.51
C PRO A 774 30.70 13.08 21.27
N ASP A 775 30.23 13.13 20.03
CA ASP A 775 28.88 13.62 19.77
C ASP A 775 27.83 12.72 20.40
N PHE A 776 28.05 11.41 20.37
CA PHE A 776 27.09 10.44 20.91
C PHE A 776 27.37 10.14 22.38
N LEU A 777 27.46 11.19 23.20
CA LEU A 777 27.76 11.03 24.62
C LEU A 777 26.91 11.99 25.44
N TRP A 778 26.56 11.57 26.65
CA TRP A 778 25.87 12.41 27.61
C TRP A 778 26.53 12.27 28.98
N ASP A 779 26.31 13.28 29.83
CA ASP A 779 26.84 13.28 31.18
C ASP A 779 25.80 12.72 32.14
N VAL A 780 26.23 11.78 32.97
CA VAL A 780 25.33 11.17 33.95
C VAL A 780 25.13 12.14 35.11
N PRO A 781 23.90 12.50 35.44
CA PRO A 781 23.68 13.38 36.59
C PRO A 781 24.06 12.71 37.90
N SER A 782 24.36 13.55 38.89
CA SER A 782 24.90 13.07 40.15
C SER A 782 23.93 12.19 40.92
N ASN A 783 22.63 12.29 40.64
CA ASN A 783 21.63 11.49 41.33
C ASN A 783 21.41 10.12 40.72
N TRP A 784 22.08 9.82 39.61
CA TRP A 784 21.95 8.53 38.93
C TRP A 784 23.16 7.66 39.20
N THR A 785 22.94 6.36 39.27
CA THR A 785 24.03 5.39 39.22
C THR A 785 24.11 4.82 37.80
N LEU A 786 25.30 4.30 37.47
CA LEU A 786 25.54 3.85 36.10
C LEU A 786 24.60 2.71 35.69
N GLU A 787 24.20 1.89 36.67
CA GLU A 787 23.31 0.76 36.39
C GLU A 787 22.06 1.21 35.63
N GLU A 788 21.27 2.10 36.22
CA GLU A 788 20.05 2.54 35.54
C GLU A 788 20.38 3.51 34.42
N ALA A 789 21.54 4.16 34.47
CA ALA A 789 21.96 5.04 33.39
C ALA A 789 22.20 4.28 32.10
N ALA A 790 22.51 2.99 32.17
CA ALA A 790 22.78 2.21 30.96
C ALA A 790 21.53 2.03 30.11
N SER A 791 20.35 2.26 30.68
CA SER A 791 19.10 1.96 29.98
C SER A 791 18.49 3.16 29.27
N VAL A 792 19.05 4.35 29.42
CA VAL A 792 18.44 5.58 28.91
C VAL A 792 18.66 5.82 27.41
N PRO A 793 19.90 5.72 26.87
CA PRO A 793 20.19 6.35 25.57
C PRO A 793 19.28 5.96 24.40
N VAL A 794 19.27 4.68 24.01
CA VAL A 794 18.60 4.33 22.76
C VAL A 794 17.10 4.48 22.89
N VAL A 795 16.53 4.11 24.04
CA VAL A 795 15.09 4.16 24.24
C VAL A 795 14.59 5.59 24.12
N TYR A 796 15.13 6.49 24.95
CA TYR A 796 14.67 7.86 24.93
C TYR A 796 15.04 8.57 23.65
N SER A 797 16.17 8.21 23.04
CA SER A 797 16.53 8.81 21.75
C SER A 797 15.50 8.46 20.69
N THR A 798 15.11 7.18 20.60
CA THR A 798 14.09 6.78 19.65
C THR A 798 12.77 7.45 19.94
N ALA A 799 12.38 7.51 21.21
CA ALA A 799 11.10 8.11 21.58
C ALA A 799 11.05 9.59 21.20
N TYR A 800 12.11 10.34 21.54
CA TYR A 800 12.16 11.75 21.20
C TYR A 800 12.18 11.96 19.69
N TYR A 801 12.99 11.20 18.96
CA TYR A 801 13.05 11.37 17.52
C TYR A 801 11.70 11.08 16.87
N ALA A 802 10.99 10.05 17.34
CA ALA A 802 9.67 9.76 16.79
C ALA A 802 8.67 10.86 17.13
N LEU A 803 8.58 11.23 18.40
CA LEU A 803 7.50 12.12 18.84
C LEU A 803 7.76 13.58 18.47
N VAL A 804 8.85 14.15 18.96
CA VAL A 804 9.07 15.59 18.82
C VAL A 804 9.60 15.94 17.43
N VAL A 805 10.72 15.34 17.03
CA VAL A 805 11.32 15.70 15.75
C VAL A 805 10.47 15.29 14.57
N ARG A 806 9.93 14.07 14.56
CA ARG A 806 9.21 13.56 13.41
C ARG A 806 7.72 13.79 13.49
N GLY A 807 7.10 13.46 14.64
CA GLY A 807 5.67 13.62 14.80
C GLY A 807 5.23 15.04 15.08
N ARG A 808 6.10 15.82 15.73
CA ARG A 808 5.82 17.20 16.12
C ARG A 808 4.53 17.27 16.94
N VAL A 809 4.56 16.57 18.07
CA VAL A 809 3.40 16.49 18.95
C VAL A 809 3.26 17.81 19.71
N ARG A 810 2.02 18.33 19.74
CA ARG A 810 1.63 19.53 20.45
C ARG A 810 0.90 19.18 21.73
N PRO A 811 0.95 20.03 22.76
CA PRO A 811 0.29 19.69 24.02
C PRO A 811 -1.22 19.58 23.85
N GLY A 812 -1.81 18.65 24.58
CA GLY A 812 -3.25 18.43 24.52
C GLY A 812 -3.70 17.69 23.28
N GLU A 813 -3.20 16.47 23.09
CA GLU A 813 -3.57 15.63 21.96
C GLU A 813 -3.75 14.20 22.45
N THR A 814 -4.30 13.36 21.59
CA THR A 814 -4.56 11.96 21.91
C THR A 814 -3.53 11.08 21.22
N LEU A 815 -2.95 10.15 21.97
CA LEU A 815 -1.89 9.28 21.47
C LEU A 815 -2.24 7.82 21.75
N LEU A 816 -1.84 6.95 20.84
CA LEU A 816 -1.97 5.50 21.02
C LEU A 816 -0.57 4.91 20.98
N ILE A 817 -0.09 4.42 22.12
CA ILE A 817 1.24 3.86 22.25
C ILE A 817 1.10 2.35 22.39
N HIS A 818 1.57 1.61 21.39
CA HIS A 818 1.48 0.17 21.40
C HIS A 818 2.58 -0.43 22.25
N SER A 819 2.25 -1.52 22.95
CA SER A 819 3.19 -2.22 23.85
C SER A 819 3.79 -1.25 24.86
N GLY A 820 2.90 -0.67 25.66
CA GLY A 820 3.29 0.34 26.63
C GLY A 820 4.26 -0.13 27.70
N SER A 821 4.37 -1.43 27.91
CA SER A 821 5.29 -1.96 28.90
C SER A 821 6.73 -2.05 28.38
N GLY A 822 6.93 -1.93 27.07
CA GLY A 822 8.28 -1.93 26.53
C GLY A 822 9.00 -0.63 26.82
N GLY A 823 10.31 -0.64 26.54
CA GLY A 823 11.11 0.54 26.80
C GLY A 823 10.67 1.75 26.01
N VAL A 824 10.53 1.58 24.69
CA VAL A 824 10.10 2.69 23.85
C VAL A 824 8.72 3.16 24.24
N GLY A 825 7.83 2.22 24.55
CA GLY A 825 6.51 2.58 25.02
C GLY A 825 6.54 3.39 26.30
N GLN A 826 7.37 2.98 27.27
CA GLN A 826 7.48 3.71 28.51
C GLN A 826 8.02 5.12 28.30
N ALA A 827 9.04 5.25 27.44
CA ALA A 827 9.60 6.57 27.18
C ALA A 827 8.58 7.47 26.49
N ALA A 828 7.85 6.93 25.51
CA ALA A 828 6.82 7.72 24.84
C ALA A 828 5.71 8.12 25.81
N ILE A 829 5.34 7.22 26.72
CA ILE A 829 4.33 7.54 27.73
C ILE A 829 4.82 8.68 28.60
N ALA A 830 6.07 8.61 29.04
CA ALA A 830 6.62 9.66 29.90
C ALA A 830 6.63 11.00 29.17
N ILE A 831 7.07 11.01 27.91
CA ILE A 831 7.12 12.27 27.16
C ILE A 831 5.73 12.84 26.96
N ALA A 832 4.77 11.99 26.56
CA ALA A 832 3.41 12.47 26.32
C ALA A 832 2.78 13.00 27.58
N LEU A 833 2.97 12.30 28.71
CA LEU A 833 2.41 12.77 29.97
C LEU A 833 3.06 14.08 30.40
N SER A 834 4.37 14.22 30.18
CA SER A 834 5.03 15.49 30.47
C SER A 834 4.48 16.62 29.62
N LEU A 835 4.09 16.32 28.37
CA LEU A 835 3.49 17.33 27.52
C LEU A 835 2.00 17.54 27.80
N GLY A 836 1.40 16.72 28.66
CA GLY A 836 -0.01 16.88 28.98
C GLY A 836 -0.92 16.41 27.87
N CYS A 837 -0.90 15.12 27.57
CA CYS A 837 -1.66 14.55 26.47
C CYS A 837 -2.51 13.38 26.99
N ARG A 838 -3.54 13.05 26.22
CA ARG A 838 -4.43 11.93 26.51
C ARG A 838 -3.83 10.68 25.87
N VAL A 839 -3.62 9.64 26.67
CA VAL A 839 -2.78 8.51 26.28
C VAL A 839 -3.60 7.24 26.33
N PHE A 840 -3.54 6.46 25.24
CA PHE A 840 -4.07 5.10 25.20
C PHE A 840 -2.92 4.15 24.95
N THR A 841 -2.83 3.10 25.75
CA THR A 841 -1.75 2.12 25.63
C THR A 841 -2.33 0.71 25.57
N THR A 842 -1.79 -0.10 24.66
CA THR A 842 -2.15 -1.51 24.56
C THR A 842 -1.15 -2.32 25.36
N VAL A 843 -1.65 -3.25 26.17
CA VAL A 843 -0.82 -3.98 27.12
C VAL A 843 -1.06 -5.47 26.93
N GLY A 844 0.00 -6.26 27.17
CA GLY A 844 -0.06 -7.69 26.98
C GLY A 844 -0.81 -8.44 28.07
N SER A 845 -0.50 -8.19 29.33
CA SER A 845 -1.08 -8.92 30.44
C SER A 845 -1.57 -7.95 31.52
N ALA A 846 -2.12 -8.53 32.60
CA ALA A 846 -2.62 -7.72 33.70
C ALA A 846 -1.51 -7.22 34.60
N GLU A 847 -0.45 -8.02 34.79
CA GLU A 847 0.66 -7.58 35.61
C GLU A 847 1.35 -6.35 35.01
N LYS A 848 1.48 -6.33 33.68
CA LYS A 848 2.04 -5.15 33.03
C LYS A 848 1.14 -3.94 33.22
N ARG A 849 -0.19 -4.15 33.18
CA ARG A 849 -1.11 -3.05 33.46
C ARG A 849 -0.92 -2.51 34.88
N ALA A 850 -0.78 -3.41 35.85
CA ALA A 850 -0.58 -2.97 37.23
C ALA A 850 0.73 -2.20 37.36
N TYR A 851 1.80 -2.69 36.72
CA TYR A 851 3.07 -1.99 36.79
C TYR A 851 2.97 -0.61 36.15
N LEU A 852 2.29 -0.50 35.01
CA LEU A 852 2.13 0.80 34.36
C LEU A 852 1.33 1.75 35.22
N GLN A 853 0.26 1.25 35.86
CA GLN A 853 -0.53 2.10 36.74
C GLN A 853 0.29 2.58 37.92
N ALA A 854 1.11 1.70 38.50
CA ALA A 854 1.99 2.12 39.59
C ALA A 854 3.02 3.15 39.12
N ARG A 855 3.53 2.97 37.91
CA ARG A 855 4.60 3.83 37.40
C ARG A 855 4.07 5.21 37.01
N PHE A 856 2.90 5.27 36.37
CA PHE A 856 2.32 6.51 35.88
C PHE A 856 0.96 6.71 36.53
N PRO A 857 0.90 7.44 37.65
CA PRO A 857 -0.39 7.62 38.35
C PRO A 857 -1.37 8.53 37.62
N GLN A 858 -1.00 9.09 36.48
CA GLN A 858 -1.90 9.94 35.71
C GLN A 858 -2.74 9.14 34.71
N LEU A 859 -2.59 7.82 34.70
CA LEU A 859 -3.34 6.96 33.79
C LEU A 859 -4.52 6.33 34.53
N ASP A 860 -5.69 6.37 33.89
CA ASP A 860 -6.91 5.82 34.45
C ASP A 860 -7.23 4.48 33.76
N SER A 861 -8.31 3.85 34.22
CA SER A 861 -8.68 2.53 33.69
C SER A 861 -9.11 2.58 32.24
N THR A 862 -9.50 3.75 31.73
CA THR A 862 -9.93 3.87 30.35
C THR A 862 -8.77 3.98 29.37
N SER A 863 -7.53 4.06 29.86
CA SER A 863 -6.37 4.24 29.01
C SER A 863 -5.73 2.92 28.58
N PHE A 864 -6.20 1.79 29.08
CA PHE A 864 -5.58 0.50 28.81
C PHE A 864 -6.45 -0.33 27.88
N ALA A 865 -5.80 -1.04 26.96
CA ALA A 865 -6.46 -1.97 26.04
C ALA A 865 -5.68 -3.28 26.05
N ASN A 866 -6.04 -4.16 25.12
CA ASN A 866 -5.37 -5.46 24.99
C ASN A 866 -4.55 -5.49 23.70
N SER A 867 -3.28 -5.89 23.84
CA SER A 867 -2.33 -5.89 22.72
C SER A 867 -2.28 -7.22 22.00
N ARG A 868 -3.02 -8.23 22.46
CA ARG A 868 -2.98 -9.56 21.87
C ARG A 868 -4.06 -9.78 20.82
N ASP A 869 -4.88 -8.77 20.53
CA ASP A 869 -5.89 -8.87 19.49
C ASP A 869 -6.24 -7.46 19.02
N THR A 870 -7.27 -7.37 18.19
CA THR A 870 -7.68 -6.10 17.59
C THR A 870 -8.82 -5.42 18.35
N SER A 871 -9.02 -5.73 19.63
CA SER A 871 -10.07 -5.07 20.39
C SER A 871 -9.72 -3.63 20.72
N PHE A 872 -8.42 -3.29 20.69
CA PHE A 872 -8.02 -1.92 20.98
C PHE A 872 -8.63 -0.92 20.00
N GLU A 873 -8.88 -1.37 18.76
CA GLU A 873 -9.52 -0.50 17.79
C GLU A 873 -10.91 -0.07 18.27
N GLN A 874 -11.73 -1.04 18.68
CA GLN A 874 -13.05 -0.72 19.19
C GLN A 874 -12.95 0.11 20.46
N HIS A 875 -12.00 -0.22 21.33
CA HIS A 875 -11.84 0.54 22.57
C HIS A 875 -11.57 2.02 22.30
N VAL A 876 -10.59 2.30 21.45
CA VAL A 876 -10.22 3.69 21.19
C VAL A 876 -11.32 4.40 20.39
N LEU A 877 -11.96 3.68 19.47
CA LEU A 877 -13.05 4.31 18.71
C LEU A 877 -14.26 4.62 19.57
N TRP A 878 -14.49 3.87 20.65
CA TRP A 878 -15.60 4.16 21.53
C TRP A 878 -15.28 5.19 22.61
N HIS A 879 -14.04 5.22 23.10
CA HIS A 879 -13.68 6.20 24.12
C HIS A 879 -13.28 7.55 23.57
N THR A 880 -13.09 7.67 22.26
CA THR A 880 -12.85 8.96 21.62
C THR A 880 -14.05 9.49 20.86
N GLY A 881 -15.22 8.87 21.03
CA GLY A 881 -16.40 9.31 20.33
C GLY A 881 -16.34 9.14 18.83
N GLY A 882 -15.68 8.08 18.36
CA GLY A 882 -15.61 7.83 16.93
C GLY A 882 -14.71 8.75 16.16
N LYS A 883 -13.86 9.52 16.82
CA LYS A 883 -12.95 10.44 16.14
C LYS A 883 -11.61 9.79 15.85
N GLY A 884 -11.05 9.08 16.82
CA GLY A 884 -9.73 8.49 16.68
C GLY A 884 -8.68 9.31 17.41
N VAL A 885 -7.44 8.87 17.28
CA VAL A 885 -6.31 9.52 17.93
C VAL A 885 -5.51 10.31 16.91
N ASP A 886 -4.61 11.14 17.41
CA ASP A 886 -3.80 12.00 16.55
C ASP A 886 -2.47 11.38 16.17
N LEU A 887 -1.86 10.63 17.08
CA LEU A 887 -0.58 9.98 16.83
C LEU A 887 -0.66 8.51 17.23
N VAL A 888 -0.06 7.65 16.41
CA VAL A 888 0.03 6.22 16.69
C VAL A 888 1.50 5.83 16.62
N LEU A 889 2.03 5.31 17.72
CA LEU A 889 3.38 4.78 17.75
C LEU A 889 3.28 3.26 17.66
N ASN A 890 3.36 2.73 16.44
CA ASN A 890 3.06 1.34 16.16
C ASN A 890 4.33 0.50 16.12
N SER A 891 4.29 -0.62 16.85
CA SER A 891 5.37 -1.60 16.79
C SER A 891 4.83 -3.02 16.65
N LEU A 892 3.58 -3.17 16.19
CA LEU A 892 2.92 -4.46 16.11
C LEU A 892 2.95 -4.99 14.68
N ALA A 893 2.68 -6.28 14.54
CA ALA A 893 2.82 -6.99 13.28
C ALA A 893 1.53 -6.90 12.48
N GLU A 894 1.43 -7.72 11.42
CA GLU A 894 0.30 -7.70 10.51
C GLU A 894 -1.02 -8.03 11.23
N GLU A 895 -2.12 -7.69 10.54
CA GLU A 895 -3.52 -7.72 11.00
C GLU A 895 -3.70 -6.90 12.28
N LYS A 896 -2.64 -6.23 12.72
CA LYS A 896 -2.75 -5.24 13.79
C LYS A 896 -2.28 -3.86 13.32
N LEU A 897 -1.39 -3.82 12.33
CA LEU A 897 -1.06 -2.54 11.71
C LEU A 897 -2.26 -1.95 10.99
N GLN A 898 -3.05 -2.79 10.32
CA GLN A 898 -4.27 -2.30 9.68
C GLN A 898 -5.27 -1.79 10.72
N ALA A 899 -5.40 -2.51 11.83
CA ALA A 899 -6.26 -2.04 12.91
C ALA A 899 -5.77 -0.69 13.44
N SER A 900 -4.45 -0.54 13.61
CA SER A 900 -3.90 0.71 14.11
C SER A 900 -4.18 1.86 13.14
N VAL A 901 -3.99 1.63 11.84
CA VAL A 901 -4.26 2.69 10.88
C VAL A 901 -5.75 2.99 10.78
N ARG A 902 -6.61 2.04 11.13
CA ARG A 902 -8.04 2.35 11.17
C ARG A 902 -8.42 3.18 12.38
N CYS A 903 -7.52 3.37 13.35
CA CYS A 903 -7.77 4.20 14.51
C CYS A 903 -7.34 5.65 14.32
N LEU A 904 -6.90 6.02 13.11
CA LEU A 904 -6.36 7.36 12.88
C LEU A 904 -7.47 8.37 12.67
N ALA A 905 -7.28 9.56 13.23
CA ALA A 905 -8.21 10.66 13.04
C ALA A 905 -7.75 11.52 11.86
N THR A 906 -8.52 12.57 11.58
CA THR A 906 -8.13 13.52 10.54
C THR A 906 -6.87 14.27 10.99
N HIS A 907 -5.97 14.53 10.03
CA HIS A 907 -4.68 15.15 10.31
C HIS A 907 -3.85 14.29 11.28
N GLY A 908 -4.08 12.98 11.24
CA GLY A 908 -3.35 12.08 12.08
C GLY A 908 -1.98 11.75 11.51
N ARG A 909 -1.07 11.34 12.40
CA ARG A 909 0.28 10.96 12.03
C ARG A 909 0.54 9.54 12.49
N PHE A 910 0.95 8.69 11.55
CA PHE A 910 1.26 7.30 11.86
C PHE A 910 2.78 7.13 11.91
N LEU A 911 3.27 6.62 13.03
CA LEU A 911 4.70 6.49 13.30
C LEU A 911 5.03 5.01 13.35
N GLU A 912 5.62 4.49 12.27
CA GLU A 912 5.94 3.08 12.17
C GLU A 912 7.40 2.87 12.57
N ILE A 913 7.61 2.10 13.64
CA ILE A 913 8.94 1.74 14.10
C ILE A 913 9.19 0.24 14.02
N GLY A 914 8.27 -0.53 13.44
CA GLY A 914 8.50 -1.93 13.22
C GLY A 914 9.28 -2.21 11.95
N LYS A 915 9.69 -3.47 11.79
CA LYS A 915 10.52 -3.86 10.65
C LYS A 915 9.95 -4.99 9.83
N PHE A 916 9.32 -5.99 10.45
CA PHE A 916 8.88 -7.18 9.72
C PHE A 916 7.89 -6.82 8.63
N ASP A 917 6.83 -6.10 8.99
CA ASP A 917 5.81 -5.75 8.01
C ASP A 917 6.35 -4.85 6.92
N LEU A 918 7.36 -4.03 7.24
CA LEU A 918 8.03 -3.23 6.23
C LEU A 918 8.97 -4.06 5.37
N SER A 919 9.66 -5.03 5.97
CA SER A 919 10.60 -5.85 5.22
C SER A 919 9.90 -6.77 4.23
N GLN A 920 8.68 -7.18 4.53
CA GLN A 920 7.96 -8.09 3.63
C GLN A 920 7.21 -7.36 2.52
N ASN A 921 7.28 -6.03 2.47
CA ASN A 921 6.64 -5.24 1.41
C ASN A 921 5.14 -5.52 1.35
N HIS A 922 4.51 -5.54 2.52
CA HIS A 922 3.07 -5.74 2.58
C HIS A 922 2.34 -4.53 1.99
N PRO A 923 1.18 -4.75 1.38
CA PRO A 923 0.45 -3.63 0.78
C PRO A 923 -0.25 -2.75 1.80
N LEU A 924 -0.45 -1.49 1.41
CA LEU A 924 -1.16 -0.52 2.22
C LEU A 924 -2.18 0.21 1.35
N GLY A 925 -3.42 0.25 1.81
CA GLY A 925 -4.46 0.95 1.08
C GLY A 925 -4.26 2.45 1.17
N MET A 926 -4.21 3.10 0.01
CA MET A 926 -3.99 4.54 -0.03
C MET A 926 -5.26 5.36 0.01
N ALA A 927 -6.40 4.77 0.41
CA ALA A 927 -7.59 5.58 0.66
C ALA A 927 -7.52 6.31 1.98
N ILE A 928 -6.66 5.87 2.91
CA ILE A 928 -6.51 6.54 4.20
C ILE A 928 -5.92 7.94 4.06
N PHE A 929 -5.24 8.23 2.95
CA PHE A 929 -4.64 9.55 2.76
C PHE A 929 -5.66 10.61 2.35
N LEU A 930 -6.91 10.22 2.10
CA LEU A 930 -7.97 11.20 1.90
C LEU A 930 -8.37 11.90 3.19
N LYS A 931 -7.90 11.41 4.33
CA LYS A 931 -8.14 12.04 5.62
C LYS A 931 -7.05 13.01 6.01
N ASN A 932 -6.22 13.44 5.05
CA ASN A 932 -5.13 14.39 5.30
C ASN A 932 -4.14 13.83 6.33
N VAL A 933 -3.72 12.59 6.09
CA VAL A 933 -2.93 11.82 7.04
C VAL A 933 -1.48 11.76 6.57
N THR A 934 -0.56 11.73 7.53
CA THR A 934 0.87 11.61 7.28
C THR A 934 1.36 10.26 7.77
N PHE A 935 2.13 9.56 6.93
CA PHE A 935 2.72 8.27 7.27
C PHE A 935 4.21 8.44 7.44
N HIS A 936 4.74 7.97 8.57
CA HIS A 936 6.15 8.15 8.91
C HIS A 936 6.83 6.79 9.03
N GLY A 937 7.96 6.63 8.34
CA GLY A 937 8.85 5.52 8.59
C GLY A 937 10.03 6.00 9.40
N VAL A 938 10.16 5.48 10.61
CA VAL A 938 11.13 5.97 11.58
C VAL A 938 12.19 4.91 11.80
N LEU A 939 13.45 5.29 11.55
CA LEU A 939 14.59 4.41 11.76
C LEU A 939 15.74 5.22 12.34
N LEU A 940 16.15 4.87 13.56
CA LEU A 940 17.23 5.60 14.22
C LEU A 940 18.60 5.21 13.67
N ASP A 941 18.69 4.09 12.96
CA ASP A 941 19.99 3.61 12.48
C ASP A 941 20.61 4.52 11.43
N ALA A 942 19.82 5.37 10.78
CA ALA A 942 20.34 6.22 9.73
C ALA A 942 21.21 7.35 10.25
N PHE A 943 21.23 7.59 11.56
CA PHE A 943 22.00 8.69 12.14
C PHE A 943 23.46 8.34 12.40
N PHE A 944 23.83 7.07 12.27
CA PHE A 944 25.19 6.64 12.54
C PHE A 944 26.10 6.74 11.32
N ASN A 945 25.58 7.19 10.18
CA ASN A 945 26.35 7.32 8.96
C ASN A 945 26.52 8.76 8.51
N GLU A 946 25.44 9.53 8.46
CA GLU A 946 25.48 10.91 8.01
C GLU A 946 24.30 11.66 8.62
N SER A 947 24.12 12.90 8.16
CA SER A 947 23.03 13.77 8.61
C SER A 947 23.09 14.00 10.13
N SER A 948 24.22 14.56 10.56
CA SER A 948 24.40 14.87 11.98
C SER A 948 23.61 16.09 12.43
N ALA A 949 23.05 16.86 11.50
CA ALA A 949 22.27 18.04 11.89
C ALA A 949 21.05 17.64 12.70
N ASP A 950 20.34 16.59 12.27
CA ASP A 950 19.21 16.10 13.05
C ASP A 950 19.65 15.39 14.32
N TRP A 951 20.81 14.74 14.29
CA TRP A 951 21.30 14.09 15.50
C TRP A 951 21.62 15.11 16.58
N ARG A 952 22.12 16.28 16.19
CA ARG A 952 22.36 17.33 17.19
C ARG A 952 21.05 17.77 17.82
N GLU A 953 19.98 17.89 17.03
CA GLU A 953 18.67 18.22 17.58
C GLU A 953 18.20 17.15 18.56
N VAL A 954 18.35 15.89 18.19
CA VAL A 954 17.92 14.80 19.08
C VAL A 954 18.74 14.80 20.36
N TRP A 955 20.05 15.02 20.24
CA TRP A 955 20.92 15.07 21.42
C TRP A 955 20.53 16.22 22.33
N ALA A 956 20.23 17.38 21.77
CA ALA A 956 19.79 18.52 22.57
C ALA A 956 18.47 18.22 23.27
N LEU A 957 17.54 17.58 22.58
CA LEU A 957 16.27 17.22 23.21
C LEU A 957 16.47 16.26 24.37
N VAL A 958 17.33 15.25 24.17
CA VAL A 958 17.58 14.28 25.24
C VAL A 958 18.25 14.95 26.43
N GLN A 959 19.20 15.84 26.15
CA GLN A 959 19.87 16.55 27.23
C GLN A 959 18.90 17.44 28.01
N ALA A 960 18.02 18.15 27.29
CA ALA A 960 17.03 18.98 27.96
C ALA A 960 16.09 18.13 28.81
N GLY A 961 15.68 16.98 28.29
CA GLY A 961 14.86 16.08 29.09
C GLY A 961 15.57 15.58 30.34
N ILE A 962 16.87 15.33 30.23
CA ILE A 962 17.64 14.89 31.39
C ILE A 962 17.75 16.01 32.41
N ARG A 963 17.86 17.27 31.95
CA ARG A 963 18.02 18.39 32.87
C ARG A 963 16.85 18.49 33.83
N ASP A 964 15.63 18.37 33.32
CA ASP A 964 14.45 18.31 34.16
C ASP A 964 14.12 16.84 34.46
N GLY A 965 12.96 16.59 35.04
CA GLY A 965 12.57 15.26 35.44
C GLY A 965 11.83 14.43 34.42
N VAL A 966 11.78 14.89 33.16
CA VAL A 966 11.03 14.16 32.13
C VAL A 966 11.64 12.79 31.89
N VAL A 967 12.96 12.74 31.75
CA VAL A 967 13.65 11.48 31.44
C VAL A 967 13.89 10.72 32.73
N ARG A 968 13.30 9.52 32.84
CA ARG A 968 13.50 8.67 33.99
C ARG A 968 14.10 7.34 33.55
N PRO A 969 15.10 6.84 34.28
CA PRO A 969 15.67 5.53 33.94
C PRO A 969 14.68 4.41 34.20
N LEU A 970 14.75 3.38 33.37
CA LEU A 970 13.86 2.23 33.50
C LEU A 970 14.36 1.31 34.62
N LYS A 971 13.60 0.26 34.89
CA LYS A 971 14.05 -0.77 35.81
C LYS A 971 14.89 -1.79 35.07
N CYS A 972 15.92 -2.29 35.75
CA CYS A 972 16.93 -3.11 35.10
C CYS A 972 17.15 -4.40 35.89
N THR A 973 17.46 -5.45 35.15
CA THR A 973 17.90 -6.73 35.72
C THR A 973 19.37 -6.91 35.39
N VAL A 974 20.18 -7.15 36.41
CA VAL A 974 21.64 -7.14 36.28
C VAL A 974 22.14 -8.57 36.18
N PHE A 975 22.93 -8.84 35.15
CA PHE A 975 23.62 -10.11 34.97
C PHE A 975 25.11 -9.86 34.91
N HIS A 976 25.88 -10.67 35.65
CA HIS A 976 27.32 -10.48 35.70
C HIS A 976 27.95 -10.78 34.34
N GLY A 977 29.20 -10.31 34.18
CA GLY A 977 29.90 -10.49 32.92
C GLY A 977 30.23 -11.92 32.60
N ALA A 978 30.19 -12.81 33.58
CA ALA A 978 30.45 -14.23 33.37
C ALA A 978 29.19 -15.03 33.09
N GLN A 979 28.03 -14.36 32.99
CA GLN A 979 26.77 -15.03 32.72
C GLN A 979 26.02 -14.37 31.56
N VAL A 980 26.74 -14.01 30.50
CA VAL A 980 26.12 -13.36 29.35
C VAL A 980 25.12 -14.30 28.68
N GLU A 981 25.45 -15.59 28.65
CA GLU A 981 24.53 -16.57 28.09
C GLU A 981 23.22 -16.60 28.86
N ASP A 982 23.30 -16.51 30.19
CA ASP A 982 22.10 -16.46 31.01
C ASP A 982 21.27 -15.22 30.68
N ALA A 983 21.92 -14.09 30.47
CA ALA A 983 21.21 -12.86 30.11
C ALA A 983 20.49 -13.01 28.78
N PHE A 984 21.17 -13.61 27.80
CA PHE A 984 20.55 -13.82 26.49
C PHE A 984 19.36 -14.76 26.59
N ARG A 985 19.50 -15.84 27.35
CA ARG A 985 18.39 -16.76 27.56
C ARG A 985 17.22 -16.08 28.24
N TYR A 986 17.51 -15.27 29.26
CA TYR A 986 16.46 -14.54 29.97
C TYR A 986 15.70 -13.59 29.04
N MET A 987 16.42 -12.80 28.25
CA MET A 987 15.73 -11.85 27.39
C MET A 987 15.04 -12.52 26.22
N ALA A 988 15.51 -13.70 25.80
CA ALA A 988 14.90 -14.40 24.67
C ALA A 988 13.41 -14.61 24.89
N GLN A 989 13.00 -14.96 26.11
CA GLN A 989 11.59 -15.03 26.46
C GLN A 989 11.12 -13.67 26.94
N GLY A 990 9.95 -13.26 26.49
CA GLY A 990 9.43 -11.93 26.79
C GLY A 990 8.72 -11.83 28.12
N LYS A 991 9.36 -12.31 29.18
CA LYS A 991 8.80 -12.26 30.52
C LYS A 991 9.41 -11.17 31.39
N HIS A 992 10.28 -10.33 30.82
CA HIS A 992 10.94 -9.30 31.61
C HIS A 992 10.21 -7.97 31.51
N ILE A 993 10.46 -7.10 32.49
CA ILE A 993 9.92 -5.75 32.52
C ILE A 993 11.08 -4.78 32.53
N GLY A 994 11.12 -3.89 31.55
CA GLY A 994 12.16 -2.86 31.52
C GLY A 994 13.33 -3.19 30.62
N LYS A 995 14.52 -3.28 31.21
CA LYS A 995 15.76 -3.50 30.47
C LYS A 995 16.56 -4.62 31.11
N VAL A 996 17.37 -5.28 30.29
CA VAL A 996 18.34 -6.28 30.75
C VAL A 996 19.72 -5.73 30.47
N VAL A 997 20.55 -5.65 31.51
CA VAL A 997 21.88 -5.07 31.42
C VAL A 997 22.91 -6.06 31.92
N VAL A 998 24.14 -5.90 31.45
CA VAL A 998 25.25 -6.75 31.82
C VAL A 998 26.28 -5.91 32.56
N GLN A 999 26.65 -6.35 33.76
CA GLN A 999 27.62 -5.62 34.58
C GLN A 999 29.02 -6.07 34.16
N VAL A 1000 29.63 -5.31 33.25
CA VAL A 1000 30.99 -5.62 32.83
C VAL A 1000 31.97 -5.42 33.99
N LEU A 1001 31.83 -4.31 34.70
CA LEU A 1001 32.69 -4.03 35.84
C LEU A 1001 31.92 -3.21 36.86
N ALA A 1002 32.14 -3.51 38.14
CA ALA A 1002 31.43 -2.83 39.21
C ALA A 1002 31.81 -1.36 39.28
N GLU A 1003 30.83 -0.54 39.68
CA GLU A 1003 31.05 0.90 39.79
C GLU A 1003 31.74 1.25 41.10
N GLU A 1004 32.78 2.10 41.01
CA GLU A 1004 33.51 2.58 42.16
C GLU A 1004 32.73 3.66 42.90
N PRO A 1005 32.92 3.78 44.22
CA PRO A 1005 32.16 4.78 44.98
C PRO A 1005 32.58 6.22 44.69
N GLU A 1006 33.70 6.45 44.03
CA GLU A 1006 34.18 7.80 43.76
C GLU A 1006 33.34 8.43 42.63
N ALA A 1007 33.64 9.68 42.31
CA ALA A 1007 32.94 10.39 41.24
C ALA A 1007 33.79 10.62 40.00
N VAL A 1008 35.07 10.95 40.16
CA VAL A 1008 35.98 11.09 39.03
C VAL A 1008 37.22 10.25 39.29
N LEU A 1009 37.25 9.04 38.74
CA LEU A 1009 38.39 8.12 38.92
C LEU A 1009 39.18 8.09 37.62
N LYS A 1010 40.16 8.99 37.51
CA LYS A 1010 41.00 9.05 36.33
C LYS A 1010 41.93 7.84 36.27
N GLY A 1011 42.35 7.50 35.06
CA GLY A 1011 43.19 6.32 34.88
C GLY A 1011 42.49 5.03 35.21
N ALA A 1012 41.24 4.88 34.76
CA ALA A 1012 40.43 3.71 35.07
C ALA A 1012 40.79 2.58 34.10
N LYS A 1013 41.91 1.94 34.37
CA LYS A 1013 42.34 0.80 33.58
C LYS A 1013 41.42 -0.38 33.82
N PRO A 1014 40.83 -0.97 32.78
CA PRO A 1014 39.93 -2.11 32.98
C PRO A 1014 40.62 -3.29 33.65
N LYS A 1015 39.90 -4.00 34.51
CA LYS A 1015 40.45 -5.16 35.18
C LYS A 1015 40.77 -6.26 34.17
N LEU A 1016 41.84 -7.00 34.44
CA LEU A 1016 42.26 -8.06 33.52
C LEU A 1016 41.20 -9.15 33.45
N MET A 1017 40.94 -9.62 32.24
CA MET A 1017 39.93 -10.64 32.00
C MET A 1017 40.45 -11.64 30.98
N SER A 1018 40.21 -12.92 31.25
CA SER A 1018 40.64 -13.99 30.36
C SER A 1018 39.67 -14.12 29.21
N ALA A 1019 40.19 -14.08 27.98
CA ALA A 1019 39.38 -14.17 26.78
C ALA A 1019 40.09 -15.05 25.76
N ILE A 1020 39.32 -15.51 24.77
CA ILE A 1020 39.86 -16.32 23.69
C ILE A 1020 40.84 -15.48 22.89
N SER A 1021 42.03 -16.02 22.65
CA SER A 1021 43.06 -15.28 21.94
C SER A 1021 42.68 -15.08 20.48
N LYS A 1022 43.05 -13.93 19.94
CA LYS A 1022 42.81 -13.60 18.54
C LYS A 1022 43.98 -12.77 18.02
N THR A 1023 44.18 -12.82 16.71
CA THR A 1023 45.31 -12.15 16.07
C THR A 1023 44.84 -10.86 15.43
N PHE A 1024 45.49 -9.75 15.78
CA PHE A 1024 45.21 -8.46 15.18
C PHE A 1024 46.54 -7.73 14.96
N CYS A 1025 46.53 -6.79 14.02
CA CYS A 1025 47.75 -6.12 13.64
C CYS A 1025 47.61 -4.61 13.77
N PRO A 1026 48.66 -3.93 14.22
CA PRO A 1026 48.61 -2.46 14.26
C PRO A 1026 48.59 -1.87 12.87
N ALA A 1027 48.02 -0.68 12.76
CA ALA A 1027 47.88 0.01 11.49
C ALA A 1027 49.10 0.82 11.10
N HIS A 1028 50.14 0.85 11.95
CA HIS A 1028 51.34 1.61 11.68
C HIS A 1028 52.51 0.74 11.23
N LYS A 1029 52.25 -0.53 10.92
CA LYS A 1029 53.29 -1.46 10.52
C LYS A 1029 53.10 -1.87 9.07
N SER A 1030 54.06 -2.63 8.56
CA SER A 1030 54.04 -3.15 7.21
C SER A 1030 54.29 -4.65 7.22
N TYR A 1031 53.68 -5.35 6.27
CA TYR A 1031 53.77 -6.80 6.18
C TYR A 1031 54.13 -7.20 4.77
N ILE A 1032 54.93 -8.27 4.65
CA ILE A 1032 55.46 -8.73 3.38
C ILE A 1032 54.95 -10.15 3.13
N ILE A 1033 54.39 -10.37 1.94
CA ILE A 1033 53.94 -11.69 1.51
C ILE A 1033 54.78 -12.08 0.30
N ALA A 1034 55.55 -13.16 0.43
CA ALA A 1034 56.41 -13.63 -0.65
C ALA A 1034 55.62 -14.56 -1.55
N GLY A 1035 55.54 -14.22 -2.83
CA GLY A 1035 54.75 -15.01 -3.76
C GLY A 1035 53.28 -15.04 -3.43
N GLY A 1036 52.73 -13.93 -2.95
CA GLY A 1036 51.35 -13.88 -2.53
C GLY A 1036 50.40 -13.30 -3.55
N LEU A 1037 50.84 -13.20 -4.80
CA LEU A 1037 50.04 -12.64 -5.89
C LEU A 1037 49.34 -13.74 -6.68
N GLY A 1038 49.02 -14.85 -6.03
CA GLY A 1038 48.32 -15.94 -6.69
C GLY A 1038 47.90 -17.06 -5.76
N GLY A 1039 46.68 -17.55 -5.96
CA GLY A 1039 46.17 -18.67 -5.19
C GLY A 1039 45.95 -18.36 -3.72
N PHE A 1040 46.68 -19.05 -2.85
CA PHE A 1040 46.50 -18.87 -1.41
C PHE A 1040 46.96 -17.48 -0.97
N GLY A 1041 47.85 -16.86 -1.75
CA GLY A 1041 48.40 -15.57 -1.36
C GLY A 1041 47.35 -14.48 -1.30
N LEU A 1042 46.47 -14.42 -2.30
CA LEU A 1042 45.43 -13.39 -2.31
C LEU A 1042 44.46 -13.57 -1.15
N GLU A 1043 44.07 -14.81 -0.87
CA GLU A 1043 43.17 -15.07 0.25
C GLU A 1043 43.83 -14.72 1.58
N LEU A 1044 45.11 -15.04 1.73
CA LEU A 1044 45.82 -14.67 2.96
C LEU A 1044 45.92 -13.17 3.10
N ALA A 1045 46.17 -12.46 2.00
CA ALA A 1045 46.23 -11.00 2.05
C ALA A 1045 44.88 -10.41 2.44
N GLN A 1046 43.80 -10.94 1.88
CA GLN A 1046 42.47 -10.46 2.25
C GLN A 1046 42.18 -10.72 3.72
N TRP A 1047 42.55 -11.90 4.21
CA TRP A 1047 42.35 -12.22 5.62
C TRP A 1047 43.14 -11.27 6.52
N LEU A 1048 44.39 -10.98 6.15
CA LEU A 1048 45.20 -10.05 6.94
C LEU A 1048 44.61 -8.65 6.91
N ILE A 1049 44.12 -8.22 5.75
CA ILE A 1049 43.52 -6.89 5.64
C ILE A 1049 42.28 -6.79 6.52
N GLN A 1050 41.46 -7.84 6.54
CA GLN A 1050 40.28 -7.85 7.40
C GLN A 1050 40.64 -7.81 8.88
N ARG A 1051 41.89 -8.11 9.24
CA ARG A 1051 42.32 -8.10 10.63
C ARG A 1051 43.05 -6.83 11.01
N GLY A 1052 43.05 -5.81 10.15
CA GLY A 1052 43.62 -4.53 10.49
C GLY A 1052 45.03 -4.31 9.99
N VAL A 1053 45.28 -4.58 8.71
CA VAL A 1053 46.57 -4.34 8.08
C VAL A 1053 46.39 -3.26 7.04
N GLN A 1054 47.22 -2.22 7.12
CA GLN A 1054 47.12 -1.07 6.23
C GLN A 1054 48.28 -0.93 5.26
N LYS A 1055 49.34 -1.71 5.40
CA LYS A 1055 50.50 -1.62 4.52
C LYS A 1055 50.89 -3.03 4.10
N LEU A 1056 50.76 -3.32 2.81
CA LEU A 1056 51.05 -4.64 2.27
C LEU A 1056 52.06 -4.54 1.13
N VAL A 1057 52.98 -5.49 1.09
CA VAL A 1057 53.95 -5.61 0.00
C VAL A 1057 53.89 -7.03 -0.53
N LEU A 1058 53.59 -7.17 -1.82
CA LEU A 1058 53.46 -8.47 -2.46
C LEU A 1058 54.54 -8.62 -3.53
N THR A 1059 55.20 -9.77 -3.55
CA THR A 1059 56.27 -10.05 -4.49
C THR A 1059 55.84 -11.15 -5.44
N SER A 1060 56.15 -10.98 -6.72
CA SER A 1060 55.86 -11.99 -7.73
C SER A 1060 56.91 -11.89 -8.83
N ARG A 1061 57.12 -13.01 -9.53
CA ARG A 1061 58.06 -13.01 -10.64
C ARG A 1061 57.62 -12.05 -11.74
N SER A 1062 56.33 -12.06 -12.05
CA SER A 1062 55.75 -11.12 -13.01
C SER A 1062 54.87 -10.10 -12.27
N GLY A 1063 54.25 -9.22 -13.05
CA GLY A 1063 53.32 -8.25 -12.51
C GLY A 1063 51.95 -8.86 -12.32
N ILE A 1064 50.95 -7.98 -12.23
CA ILE A 1064 49.55 -8.40 -12.12
C ILE A 1064 49.09 -8.81 -13.51
N ARG A 1065 48.89 -10.12 -13.71
CA ARG A 1065 48.56 -10.64 -15.03
C ARG A 1065 47.07 -10.93 -15.18
N THR A 1066 46.49 -11.70 -14.27
CA THR A 1066 45.09 -12.07 -14.36
C THR A 1066 44.20 -10.93 -13.90
N GLY A 1067 42.96 -10.93 -14.40
CA GLY A 1067 42.01 -9.91 -13.98
C GLY A 1067 41.61 -10.02 -12.52
N TYR A 1068 41.65 -11.23 -11.96
CA TYR A 1068 41.29 -11.42 -10.57
C TYR A 1068 42.24 -10.65 -9.65
N GLN A 1069 43.54 -10.73 -9.92
CA GLN A 1069 44.52 -10.01 -9.12
C GLN A 1069 44.30 -8.50 -9.22
N ALA A 1070 44.06 -8.01 -10.44
CA ALA A 1070 43.81 -6.57 -10.62
C ALA A 1070 42.57 -6.13 -9.86
N LYS A 1071 41.50 -6.92 -9.91
CA LYS A 1071 40.29 -6.57 -9.19
C LYS A 1071 40.53 -6.53 -7.69
N GLN A 1072 41.25 -7.52 -7.16
CA GLN A 1072 41.55 -7.54 -5.73
C GLN A 1072 42.39 -6.33 -5.33
N VAL A 1073 43.40 -5.99 -6.14
CA VAL A 1073 44.26 -4.86 -5.81
C VAL A 1073 43.48 -3.54 -5.87
N ARG A 1074 42.62 -3.38 -6.88
CA ARG A 1074 41.81 -2.16 -6.96
C ARG A 1074 40.88 -2.06 -5.76
N ARG A 1075 40.23 -3.16 -5.37
CA ARG A 1075 39.32 -3.12 -4.24
C ARG A 1075 40.06 -2.79 -2.95
N TRP A 1076 41.24 -3.38 -2.75
CA TRP A 1076 42.02 -3.09 -1.56
C TRP A 1076 42.50 -1.64 -1.53
N ARG A 1077 42.90 -1.11 -2.68
CA ARG A 1077 43.35 0.29 -2.74
C ARG A 1077 42.21 1.24 -2.45
N ARG A 1078 41.01 0.94 -2.96
CA ARG A 1078 39.86 1.80 -2.68
C ARG A 1078 39.49 1.78 -1.20
N GLN A 1079 39.86 0.71 -0.48
CA GLN A 1079 39.56 0.62 0.95
C GLN A 1079 40.45 1.54 1.77
N GLY A 1080 41.46 2.14 1.18
CA GLY A 1080 42.41 2.95 1.90
C GLY A 1080 43.68 2.25 2.33
N VAL A 1081 43.88 1.02 1.89
CA VAL A 1081 45.08 0.25 2.19
C VAL A 1081 46.07 0.45 1.04
N GLN A 1082 47.27 0.91 1.38
CA GLN A 1082 48.32 1.11 0.38
C GLN A 1082 49.06 -0.21 0.19
N VAL A 1083 49.01 -0.74 -1.02
CA VAL A 1083 49.62 -2.02 -1.36
C VAL A 1083 50.59 -1.81 -2.51
N GLN A 1084 51.76 -2.44 -2.42
CA GLN A 1084 52.82 -2.29 -3.41
C GLN A 1084 53.20 -3.66 -3.93
N VAL A 1085 53.28 -3.80 -5.25
CA VAL A 1085 53.76 -5.01 -5.89
C VAL A 1085 55.20 -4.79 -6.34
N SER A 1086 56.08 -5.69 -5.95
CA SER A 1086 57.51 -5.55 -6.24
C SER A 1086 58.01 -6.81 -6.95
N THR A 1087 58.93 -6.61 -7.87
CA THR A 1087 59.52 -7.71 -8.65
C THR A 1087 60.88 -8.13 -8.08
N SER A 1088 61.20 -7.69 -6.87
CA SER A 1088 62.47 -8.01 -6.24
C SER A 1088 62.53 -9.50 -5.92
N ASN A 1089 63.63 -10.14 -6.31
CA ASN A 1089 63.79 -11.56 -6.05
C ASN A 1089 64.05 -11.81 -4.57
N ILE A 1090 63.72 -13.01 -4.12
CA ILE A 1090 63.94 -13.39 -2.73
C ILE A 1090 65.18 -14.26 -2.55
N SER A 1091 65.60 -14.99 -3.58
CA SER A 1091 66.73 -15.89 -3.45
C SER A 1091 68.06 -15.14 -3.36
N SER A 1092 68.10 -13.89 -3.81
CA SER A 1092 69.32 -13.10 -3.77
C SER A 1092 69.38 -12.27 -2.50
N LEU A 1093 70.59 -12.11 -1.96
CA LEU A 1093 70.78 -11.27 -0.79
C LEU A 1093 70.39 -9.82 -1.09
N GLU A 1094 70.85 -9.30 -2.23
CA GLU A 1094 70.54 -7.92 -2.60
C GLU A 1094 69.04 -7.73 -2.82
N GLY A 1095 68.40 -8.70 -3.45
CA GLY A 1095 66.95 -8.60 -3.65
C GLY A 1095 66.19 -8.58 -2.34
N ALA A 1096 66.57 -9.45 -1.40
CA ALA A 1096 65.91 -9.47 -0.09
C ALA A 1096 66.14 -8.16 0.65
N ARG A 1097 67.38 -7.65 0.60
CA ARG A 1097 67.66 -6.38 1.27
C ARG A 1097 66.85 -5.23 0.66
N GLY A 1098 66.77 -5.18 -0.67
CA GLY A 1098 65.99 -4.14 -1.31
C GLY A 1098 64.51 -4.25 -0.99
N LEU A 1099 63.98 -5.47 -0.96
CA LEU A 1099 62.58 -5.67 -0.61
C LEU A 1099 62.31 -5.23 0.82
N ILE A 1100 63.20 -5.58 1.75
CA ILE A 1100 63.01 -5.17 3.14
C ILE A 1100 63.10 -3.66 3.28
N ALA A 1101 64.03 -3.03 2.55
CA ALA A 1101 64.12 -1.57 2.59
C ALA A 1101 62.86 -0.91 2.03
N GLU A 1102 62.32 -1.45 0.94
CA GLU A 1102 61.10 -0.92 0.37
C GLU A 1102 59.93 -1.07 1.34
N ALA A 1103 59.84 -2.21 2.02
CA ALA A 1103 58.80 -2.40 3.02
C ALA A 1103 58.96 -1.43 4.18
N ALA A 1104 60.19 -1.25 4.66
CA ALA A 1104 60.45 -0.34 5.76
C ALA A 1104 60.20 1.11 5.38
N GLN A 1105 60.28 1.44 4.09
CA GLN A 1105 59.96 2.80 3.66
C GLN A 1105 58.52 3.15 3.99
N LEU A 1106 57.59 2.21 3.78
CA LEU A 1106 56.20 2.44 4.14
C LEU A 1106 55.99 2.49 5.65
N GLY A 1107 56.72 1.66 6.39
CA GLY A 1107 56.60 1.62 7.83
C GLY A 1107 57.36 0.45 8.42
N PRO A 1108 57.40 0.37 9.75
CA PRO A 1108 58.11 -0.74 10.40
C PRO A 1108 57.54 -2.08 9.97
N VAL A 1109 58.43 -3.05 9.79
CA VAL A 1109 58.04 -4.37 9.31
C VAL A 1109 57.56 -5.21 10.49
N GLY A 1110 56.37 -5.78 10.35
CA GLY A 1110 55.80 -6.57 11.41
C GLY A 1110 55.86 -8.06 11.16
N GLY A 1111 55.59 -8.48 9.92
CA GLY A 1111 55.58 -9.90 9.61
C GLY A 1111 55.96 -10.22 8.18
N VAL A 1112 56.50 -11.42 7.97
CA VAL A 1112 56.90 -11.90 6.66
C VAL A 1112 56.24 -13.25 6.43
N PHE A 1113 55.66 -13.44 5.25
CA PHE A 1113 54.96 -14.67 4.90
C PHE A 1113 55.55 -15.21 3.61
N ASN A 1114 56.10 -16.42 3.66
CA ASN A 1114 56.69 -17.06 2.48
C ASN A 1114 55.68 -18.00 1.86
N LEU A 1115 55.26 -17.70 0.63
CA LEU A 1115 54.35 -18.55 -0.12
C LEU A 1115 54.88 -18.87 -1.51
N ALA A 1116 56.09 -18.44 -1.85
CA ALA A 1116 56.65 -18.72 -3.16
C ALA A 1116 56.91 -20.21 -3.32
N VAL A 1117 56.63 -20.73 -4.51
CA VAL A 1117 56.80 -22.15 -4.78
C VAL A 1117 57.12 -22.34 -6.26
N VAL A 1118 58.02 -23.27 -6.55
CA VAL A 1118 58.32 -23.71 -7.90
C VAL A 1118 58.19 -25.23 -7.93
N LEU A 1119 57.36 -25.74 -8.83
CA LEU A 1119 56.99 -27.15 -8.85
C LEU A 1119 57.64 -27.83 -10.06
N ARG A 1120 58.76 -28.51 -9.82
CA ARG A 1120 59.30 -29.47 -10.78
C ARG A 1120 58.78 -30.87 -10.47
N ASP A 1121 57.46 -30.98 -10.37
CA ASP A 1121 56.81 -32.20 -9.93
C ASP A 1121 56.80 -33.22 -11.06
N GLY A 1122 56.28 -34.42 -10.80
CA GLY A 1122 56.35 -35.49 -11.77
C GLY A 1122 57.76 -35.91 -12.10
N LEU A 1123 58.70 -35.72 -11.16
CA LEU A 1123 60.11 -35.98 -11.38
C LEU A 1123 60.49 -37.17 -10.52
N LEU A 1124 60.41 -38.37 -11.09
CA LEU A 1124 60.83 -39.57 -10.39
C LEU A 1124 62.34 -39.57 -10.21
N GLU A 1125 62.82 -40.33 -9.22
CA GLU A 1125 64.24 -40.32 -8.89
C GLU A 1125 65.09 -40.81 -10.05
N ASN A 1126 64.55 -41.69 -10.89
CA ASN A 1126 65.31 -42.22 -12.01
C ASN A 1126 65.63 -41.15 -13.05
N GLN A 1127 64.94 -40.01 -13.03
CA GLN A 1127 65.18 -38.94 -14.00
C GLN A 1127 65.45 -37.60 -13.34
N THR A 1128 65.77 -37.58 -12.05
CA THR A 1128 65.96 -36.31 -11.35
C THR A 1128 67.39 -35.81 -11.50
N PRO A 1129 67.60 -34.67 -12.17
CA PRO A 1129 68.95 -34.12 -12.31
C PRO A 1129 69.26 -33.13 -11.19
N GLU A 1130 70.51 -32.68 -11.18
CA GLU A 1130 70.91 -31.65 -10.23
C GLU A 1130 70.21 -30.33 -10.53
N PHE A 1131 70.01 -30.02 -11.80
CA PHE A 1131 69.47 -28.72 -12.19
C PHE A 1131 68.04 -28.52 -11.67
N PHE A 1132 67.20 -29.54 -11.81
CA PHE A 1132 65.80 -29.42 -11.39
C PHE A 1132 65.70 -29.25 -9.87
N GLN A 1133 66.50 -29.99 -9.11
CA GLN A 1133 66.46 -29.84 -7.66
C GLN A 1133 67.11 -28.53 -7.23
N ASP A 1134 68.01 -27.99 -8.05
CA ASP A 1134 68.55 -26.66 -7.79
C ASP A 1134 67.49 -25.59 -7.97
N VAL A 1135 66.77 -25.64 -9.10
CA VAL A 1135 65.75 -24.64 -9.38
C VAL A 1135 64.51 -24.82 -8.49
N CYS A 1136 64.36 -26.00 -7.88
CA CYS A 1136 63.29 -26.25 -6.94
C CYS A 1136 63.60 -25.70 -5.55
N LYS A 1137 64.56 -24.77 -5.44
CA LYS A 1137 64.86 -24.15 -4.16
C LYS A 1137 64.85 -22.63 -4.25
N PRO A 1138 63.70 -22.01 -4.55
CA PRO A 1138 63.58 -20.56 -4.31
C PRO A 1138 63.14 -20.22 -2.90
N LYS A 1139 62.48 -21.16 -2.22
CA LYS A 1139 62.11 -21.02 -0.82
C LYS A 1139 63.14 -21.65 0.11
N TYR A 1140 64.38 -21.78 -0.34
CA TYR A 1140 65.50 -22.15 0.51
C TYR A 1140 66.51 -21.03 0.64
N SER A 1141 67.09 -20.58 -0.47
CA SER A 1141 67.94 -19.39 -0.43
C SER A 1141 67.12 -18.18 -0.02
N GLY A 1142 65.89 -18.08 -0.52
CA GLY A 1142 65.03 -16.98 -0.13
C GLY A 1142 64.74 -16.96 1.36
N THR A 1143 64.44 -18.13 1.93
CA THR A 1143 64.15 -18.19 3.37
C THR A 1143 65.38 -17.89 4.20
N LEU A 1144 66.55 -18.39 3.79
CA LEU A 1144 67.77 -18.08 4.52
C LEU A 1144 68.08 -16.59 4.47
N ASN A 1145 67.91 -15.97 3.30
CA ASN A 1145 68.14 -14.54 3.18
C ASN A 1145 67.13 -13.75 4.01
N LEU A 1146 65.87 -14.20 4.03
CA LEU A 1146 64.87 -13.54 4.87
C LEU A 1146 65.26 -13.62 6.33
N ASP A 1147 65.70 -14.79 6.78
CA ASP A 1147 66.15 -14.95 8.16
C ASP A 1147 67.29 -13.99 8.48
N ARG A 1148 68.31 -13.96 7.62
CA ARG A 1148 69.46 -13.11 7.88
C ARG A 1148 69.09 -11.64 7.90
N VAL A 1149 68.30 -11.20 6.91
CA VAL A 1149 67.98 -9.78 6.82
C VAL A 1149 67.06 -9.35 7.97
N THR A 1150 66.11 -10.21 8.35
CA THR A 1150 65.26 -9.90 9.50
C THR A 1150 66.07 -9.84 10.79
N ARG A 1151 67.02 -10.77 10.97
CA ARG A 1151 67.89 -10.70 12.14
C ARG A 1151 68.79 -9.47 12.12
N GLU A 1152 69.11 -8.95 10.93
CA GLU A 1152 69.94 -7.76 10.82
C GLU A 1152 69.18 -6.48 11.12
N ALA A 1153 68.10 -6.20 10.37
CA ALA A 1153 67.46 -4.89 10.42
C ALA A 1153 65.94 -4.97 10.57
N CYS A 1154 65.42 -5.96 11.29
CA CYS A 1154 64.00 -6.04 11.61
C CYS A 1154 63.83 -6.36 13.09
N PRO A 1155 63.95 -5.34 13.95
CA PRO A 1155 63.84 -5.57 15.40
C PRO A 1155 62.42 -5.57 15.95
N GLU A 1156 61.42 -5.14 15.17
CA GLU A 1156 60.03 -5.12 15.61
C GLU A 1156 59.21 -6.23 14.97
N LEU A 1157 59.87 -7.24 14.40
CA LEU A 1157 59.18 -8.35 13.77
C LEU A 1157 58.49 -9.21 14.82
N ASP A 1158 57.27 -9.66 14.50
CA ASP A 1158 56.56 -10.58 15.38
C ASP A 1158 55.90 -11.75 14.65
N TYR A 1159 55.92 -11.80 13.32
CA TYR A 1159 55.33 -12.88 12.55
C TYR A 1159 56.35 -13.40 11.56
N PHE A 1160 56.54 -14.72 11.52
CA PHE A 1160 57.47 -15.39 10.60
C PHE A 1160 56.81 -16.71 10.20
N VAL A 1161 56.14 -16.71 9.06
CA VAL A 1161 55.32 -17.84 8.64
C VAL A 1161 55.77 -18.32 7.27
N VAL A 1162 55.96 -19.63 7.15
CA VAL A 1162 56.24 -20.30 5.89
C VAL A 1162 55.24 -21.43 5.72
N PHE A 1163 54.93 -21.74 4.47
CA PHE A 1163 53.91 -22.74 4.14
C PHE A 1163 54.60 -24.01 3.64
N SER A 1164 54.49 -25.08 4.41
CA SER A 1164 54.98 -26.40 4.04
C SER A 1164 53.85 -27.23 3.45
N SER A 1165 54.10 -28.51 3.25
CA SER A 1165 53.11 -29.44 2.73
C SER A 1165 53.22 -30.78 3.44
N VAL A 1166 52.16 -31.58 3.35
CA VAL A 1166 52.12 -32.89 3.99
C VAL A 1166 53.19 -33.83 3.47
N SER A 1167 53.63 -33.67 2.23
CA SER A 1167 54.66 -34.53 1.67
C SER A 1167 55.98 -34.44 2.43
N CYS A 1168 56.19 -33.36 3.20
CA CYS A 1168 57.38 -33.24 4.02
C CYS A 1168 57.37 -34.17 5.21
N GLY A 1169 56.19 -34.60 5.67
CA GLY A 1169 56.10 -35.45 6.84
C GLY A 1169 55.55 -36.83 6.53
N ARG A 1170 54.69 -36.92 5.52
CA ARG A 1170 54.11 -38.20 5.12
C ARG A 1170 54.70 -38.77 3.84
N GLY A 1171 55.22 -37.93 2.96
CA GLY A 1171 55.89 -38.39 1.77
C GLY A 1171 54.99 -38.59 0.57
N ASN A 1172 55.50 -38.26 -0.61
CA ASN A 1172 54.79 -38.49 -1.87
C ASN A 1172 55.79 -38.98 -2.90
N ALA A 1173 55.29 -39.72 -3.89
CA ALA A 1173 56.17 -40.39 -4.85
C ALA A 1173 56.95 -39.38 -5.69
N GLY A 1174 56.24 -38.43 -6.31
CA GLY A 1174 56.88 -37.55 -7.28
C GLY A 1174 57.61 -36.36 -6.70
N GLN A 1175 57.20 -35.89 -5.53
CA GLN A 1175 57.73 -34.64 -4.98
C GLN A 1175 58.84 -34.90 -3.96
N SER A 1176 59.96 -35.44 -4.46
CA SER A 1176 61.11 -35.69 -3.60
C SER A 1176 61.81 -34.38 -3.23
N ASN A 1177 62.20 -33.60 -4.23
CA ASN A 1177 62.88 -32.33 -3.97
C ASN A 1177 61.97 -31.35 -3.24
N TYR A 1178 60.66 -31.41 -3.52
CA TYR A 1178 59.70 -30.55 -2.82
C TYR A 1178 59.72 -30.85 -1.32
N GLY A 1179 59.66 -32.13 -0.95
CA GLY A 1179 59.76 -32.49 0.45
C GLY A 1179 61.11 -32.16 1.05
N PHE A 1180 62.17 -32.30 0.26
CA PHE A 1180 63.50 -31.92 0.73
C PHE A 1180 63.54 -30.45 1.10
N ALA A 1181 62.95 -29.60 0.25
CA ALA A 1181 62.89 -28.18 0.56
C ALA A 1181 62.05 -27.92 1.81
N ASN A 1182 60.87 -28.54 1.89
CA ASN A 1182 59.97 -28.25 3.00
C ASN A 1182 60.53 -28.68 4.34
N SER A 1183 61.20 -29.85 4.40
CA SER A 1183 61.73 -30.32 5.68
C SER A 1183 62.77 -29.36 6.24
N ALA A 1184 63.70 -28.88 5.42
CA ALA A 1184 64.71 -27.96 5.94
C ALA A 1184 64.12 -26.57 6.14
N MET A 1185 63.05 -26.22 5.42
CA MET A 1185 62.35 -24.99 5.73
C MET A 1185 61.65 -25.07 7.08
N GLU A 1186 61.28 -26.27 7.51
CA GLU A 1186 60.87 -26.49 8.90
C GLU A 1186 62.05 -26.42 9.86
N ARG A 1187 63.20 -26.95 9.44
CA ARG A 1187 64.39 -26.94 10.29
C ARG A 1187 64.83 -25.53 10.64
N ILE A 1188 64.84 -24.63 9.65
CA ILE A 1188 65.26 -23.26 9.92
C ILE A 1188 64.29 -22.58 10.88
N CYS A 1189 62.99 -22.88 10.74
CA CYS A 1189 62.00 -22.33 11.66
C CYS A 1189 62.25 -22.82 13.08
N GLU A 1190 62.58 -24.10 13.23
CA GLU A 1190 62.91 -24.62 14.56
C GLU A 1190 64.09 -23.89 15.18
N LYS A 1191 65.15 -23.68 14.38
CA LYS A 1191 66.34 -23.01 14.90
C LYS A 1191 66.03 -21.56 15.30
N ARG A 1192 65.29 -20.84 14.47
CA ARG A 1192 65.00 -19.44 14.78
C ARG A 1192 64.04 -19.32 15.96
N ARG A 1193 63.16 -20.32 16.14
CA ARG A 1193 62.32 -20.34 17.33
C ARG A 1193 63.16 -20.59 18.57
N HIS A 1194 64.12 -21.50 18.48
CA HIS A 1194 65.01 -21.76 19.61
C HIS A 1194 65.84 -20.52 19.95
N GLU A 1195 66.22 -19.75 18.92
CA GLU A 1195 66.97 -18.52 19.14
C GLU A 1195 66.14 -17.45 19.84
N GLY A 1196 64.83 -17.62 19.93
CA GLY A 1196 63.95 -16.68 20.59
C GLY A 1196 63.14 -15.81 19.65
N LEU A 1197 63.48 -15.77 18.37
CA LEU A 1197 62.73 -15.00 17.38
C LEU A 1197 61.49 -15.76 16.96
N PRO A 1198 60.47 -15.07 16.46
CA PRO A 1198 59.26 -15.76 15.99
C PRO A 1198 59.56 -16.67 14.82
N GLY A 1199 58.83 -17.79 14.76
CA GLY A 1199 58.98 -18.73 13.67
C GLY A 1199 57.87 -19.76 13.65
N LEU A 1200 57.27 -19.97 12.48
CA LEU A 1200 56.15 -20.91 12.36
C LEU A 1200 56.17 -21.53 10.97
N ALA A 1201 55.92 -22.84 10.91
CA ALA A 1201 55.79 -23.57 9.66
C ALA A 1201 54.52 -24.39 9.72
N VAL A 1202 53.70 -24.31 8.67
CA VAL A 1202 52.42 -24.99 8.61
C VAL A 1202 52.45 -25.97 7.46
N GLN A 1203 52.09 -27.22 7.73
CA GLN A 1203 52.03 -28.27 6.72
C GLN A 1203 50.60 -28.37 6.22
N TRP A 1204 50.38 -27.97 4.96
CA TRP A 1204 49.04 -27.91 4.41
C TRP A 1204 48.76 -29.14 3.56
N GLY A 1205 47.51 -29.61 3.63
CA GLY A 1205 47.07 -30.68 2.77
C GLY A 1205 46.60 -30.17 1.44
N ALA A 1206 45.62 -30.84 0.84
CA ALA A 1206 45.03 -30.36 -0.41
C ALA A 1206 44.16 -29.15 -0.13
N ILE A 1207 44.35 -28.09 -0.91
CA ILE A 1207 43.64 -26.83 -0.73
C ILE A 1207 42.76 -26.60 -1.95
N GLY A 1208 41.45 -26.45 -1.72
CA GLY A 1208 40.51 -26.25 -2.79
C GLY A 1208 40.19 -24.78 -3.03
N ASP A 1209 39.20 -24.56 -3.90
CA ASP A 1209 38.67 -23.23 -4.20
C ASP A 1209 39.71 -22.34 -4.88
N VAL A 1210 40.87 -22.89 -5.23
CA VAL A 1210 41.93 -22.13 -5.89
C VAL A 1210 42.40 -22.78 -7.18
N GLY A 1211 42.01 -24.02 -7.46
CA GLY A 1211 42.44 -24.71 -8.66
C GLY A 1211 41.81 -24.15 -9.93
N ILE A 1223 42.78 -34.42 -5.18
CA ILE A 1223 43.25 -35.30 -4.10
C ILE A 1223 44.72 -35.65 -4.31
N VAL A 1224 45.52 -35.47 -3.26
CA VAL A 1224 46.94 -35.81 -3.27
C VAL A 1224 47.24 -36.62 -2.02
N SER A 1225 47.91 -37.76 -2.21
CA SER A 1225 48.28 -38.66 -1.11
C SER A 1225 47.07 -39.04 -0.27
N GLY A 1226 45.93 -39.27 -0.94
CA GLY A 1226 44.71 -39.62 -0.26
C GLY A 1226 44.17 -38.58 0.69
N THR A 1227 44.21 -37.30 0.29
CA THR A 1227 43.72 -36.22 1.13
C THR A 1227 42.77 -35.34 0.31
N LEU A 1228 41.58 -35.11 0.87
CA LEU A 1228 40.58 -34.31 0.21
C LEU A 1228 40.94 -32.83 0.25
N PRO A 1229 40.49 -32.05 -0.73
CA PRO A 1229 40.73 -30.61 -0.70
C PRO A 1229 40.01 -29.96 0.48
N GLN A 1230 40.64 -28.93 1.05
CA GLN A 1230 40.10 -28.20 2.18
C GLN A 1230 39.61 -26.83 1.74
N ARG A 1231 38.42 -26.46 2.21
CA ARG A 1231 37.83 -25.19 1.83
C ARG A 1231 38.64 -24.02 2.41
N MET A 1232 38.57 -22.88 1.72
CA MET A 1232 39.38 -21.74 2.10
C MET A 1232 38.98 -21.19 3.46
N ALA A 1233 37.69 -21.18 3.77
CA ALA A 1233 37.24 -20.66 5.06
C ALA A 1233 37.80 -21.48 6.22
N SER A 1234 37.73 -22.81 6.12
CA SER A 1234 38.32 -23.66 7.15
C SER A 1234 39.82 -23.49 7.21
N CYS A 1235 40.46 -23.27 6.05
CA CYS A 1235 41.90 -23.05 6.02
C CYS A 1235 42.26 -21.79 6.80
N LEU A 1236 41.53 -20.71 6.58
CA LEU A 1236 41.80 -19.47 7.30
C LEU A 1236 41.51 -19.61 8.79
N GLU A 1237 40.43 -20.34 9.13
CA GLU A 1237 40.11 -20.55 10.54
C GLU A 1237 41.21 -21.32 11.26
N VAL A 1238 41.68 -22.41 10.65
CA VAL A 1238 42.74 -23.18 11.30
C VAL A 1238 44.05 -22.40 11.30
N LEU A 1239 44.29 -21.55 10.30
CA LEU A 1239 45.46 -20.69 10.33
C LEU A 1239 45.40 -19.71 11.49
N ASP A 1240 44.23 -19.12 11.73
CA ASP A 1240 44.06 -18.23 12.87
C ASP A 1240 44.27 -18.96 14.18
N LEU A 1241 43.77 -20.21 14.26
CA LEU A 1241 44.01 -21.02 15.45
C LEU A 1241 45.49 -21.31 15.63
N PHE A 1242 46.20 -21.60 14.54
CA PHE A 1242 47.60 -21.98 14.63
C PHE A 1242 48.47 -20.79 15.02
N LEU A 1243 48.12 -19.59 14.55
CA LEU A 1243 48.97 -18.43 14.76
C LEU A 1243 49.18 -18.12 16.23
N ASN A 1244 48.25 -18.52 17.09
CA ASN A 1244 48.36 -18.26 18.52
C ASN A 1244 48.96 -19.43 19.29
N GLN A 1245 49.29 -20.53 18.62
CA GLN A 1245 49.85 -21.69 19.30
C GLN A 1245 51.32 -21.47 19.63
N PRO A 1246 51.83 -22.14 20.65
CA PRO A 1246 53.25 -22.02 21.01
C PRO A 1246 54.18 -23.00 20.30
N HIS A 1247 53.67 -23.87 19.45
CA HIS A 1247 54.49 -24.82 18.71
C HIS A 1247 55.07 -24.16 17.46
N MET A 1248 56.16 -24.74 16.95
CA MET A 1248 56.89 -24.17 15.84
C MET A 1248 56.44 -24.69 14.48
N VAL A 1249 56.01 -25.94 14.40
CA VAL A 1249 55.53 -26.53 13.14
C VAL A 1249 54.26 -27.33 13.43
N LEU A 1250 53.24 -27.11 12.60
CA LEU A 1250 51.93 -27.71 12.81
C LEU A 1250 51.40 -28.21 11.47
N SER A 1251 50.45 -29.14 11.53
CA SER A 1251 49.92 -29.79 10.33
C SER A 1251 48.40 -29.68 10.32
N SER A 1252 47.84 -29.68 9.11
CA SER A 1252 46.40 -29.60 8.91
C SER A 1252 46.02 -30.25 7.60
N PHE A 1253 45.10 -31.20 7.64
CA PHE A 1253 44.62 -31.86 6.44
C PHE A 1253 43.27 -32.52 6.73
N VAL A 1254 42.56 -32.85 5.66
CA VAL A 1254 41.27 -33.51 5.75
C VAL A 1254 41.42 -34.95 5.28
N LEU A 1255 41.07 -35.90 6.14
CA LEU A 1255 41.20 -37.31 5.82
C LEU A 1255 40.18 -37.74 4.79
N ALA A 1256 40.59 -38.66 3.92
CA ALA A 1256 39.71 -39.19 2.88
C ALA A 1256 38.87 -40.33 3.41
N PRO B 1 -12.88 -27.07 -15.08
CA PRO B 1 -13.49 -27.60 -13.86
C PRO B 1 -13.30 -26.67 -12.66
N SER B 2 -12.24 -25.87 -12.69
CA SER B 2 -11.97 -24.95 -11.59
C SER B 2 -12.91 -23.75 -11.62
N ALA B 3 -13.42 -23.38 -12.79
CA ALA B 3 -14.28 -22.20 -12.94
C ALA B 3 -15.74 -22.62 -12.84
N ALA B 4 -16.40 -22.23 -11.77
CA ALA B 4 -17.83 -22.48 -11.59
C ALA B 4 -18.61 -21.38 -12.29
N ILE B 5 -19.56 -21.77 -13.12
CA ILE B 5 -20.36 -20.83 -13.91
C ILE B 5 -21.78 -20.83 -13.38
N TYR B 6 -22.33 -19.62 -13.24
CA TYR B 6 -23.67 -19.43 -12.72
C TYR B 6 -24.49 -18.66 -13.75
N ASN B 7 -25.66 -19.19 -14.09
CA ASN B 7 -26.57 -18.55 -15.02
C ASN B 7 -27.66 -17.85 -14.22
N ILE B 8 -27.90 -16.58 -14.53
CA ILE B 8 -28.87 -15.77 -13.82
C ILE B 8 -30.04 -15.52 -14.76
N ASP B 9 -31.19 -16.09 -14.44
CA ASP B 9 -32.41 -15.95 -15.24
C ASP B 9 -33.48 -15.28 -14.38
N THR B 10 -34.08 -14.23 -14.91
CA THR B 10 -35.12 -13.47 -14.23
C THR B 10 -36.50 -13.74 -14.82
N SER B 11 -36.71 -14.97 -15.29
CA SER B 11 -38.01 -15.36 -15.82
C SER B 11 -38.96 -15.71 -14.68
N SER B 12 -40.26 -15.73 -15.00
CA SER B 12 -41.28 -15.98 -14.00
C SER B 12 -41.20 -17.37 -13.40
N GLU B 13 -40.56 -18.32 -14.07
CA GLU B 13 -40.43 -19.68 -13.56
C GLU B 13 -39.05 -19.98 -12.98
N SER B 14 -38.09 -19.09 -13.16
CA SER B 14 -36.74 -19.33 -12.67
C SER B 14 -36.70 -19.24 -11.14
N PRO B 15 -35.84 -20.03 -10.50
CA PRO B 15 -35.68 -19.92 -9.03
C PRO B 15 -35.11 -18.58 -8.60
N ASP B 16 -34.45 -17.84 -9.48
CA ASP B 16 -33.92 -16.52 -9.17
C ASP B 16 -34.85 -15.41 -9.65
N HIS B 17 -36.16 -15.65 -9.63
CA HIS B 17 -37.11 -14.65 -10.08
C HIS B 17 -37.18 -13.45 -9.13
N TYR B 18 -36.82 -13.63 -7.86
CA TYR B 18 -36.93 -12.55 -6.90
C TYR B 18 -35.96 -11.40 -7.19
N LEU B 19 -34.96 -11.61 -8.06
CA LEU B 19 -34.02 -10.55 -8.38
C LEU B 19 -34.66 -9.42 -9.17
N VAL B 20 -35.87 -9.60 -9.69
CA VAL B 20 -36.55 -8.55 -10.42
C VAL B 20 -36.96 -7.39 -9.51
N ASP B 21 -36.91 -7.59 -8.20
CA ASP B 21 -37.27 -6.56 -7.24
C ASP B 21 -36.12 -5.61 -6.91
N HIS B 22 -34.95 -5.81 -7.52
CA HIS B 22 -33.81 -4.93 -7.33
C HIS B 22 -33.77 -3.95 -8.49
N THR B 23 -34.54 -2.87 -8.37
CA THR B 23 -34.51 -1.82 -9.42
C THR B 23 -34.05 -0.53 -8.76
N LEU B 24 -32.74 -0.40 -8.52
CA LEU B 24 -32.21 0.79 -7.81
C LEU B 24 -32.61 2.08 -8.54
N ASP B 25 -32.53 2.09 -9.88
CA ASP B 25 -32.84 3.32 -10.65
C ASP B 25 -33.24 2.92 -12.07
N GLY B 26 -34.54 2.67 -12.30
CA GLY B 26 -34.99 2.31 -13.63
C GLY B 26 -34.25 1.16 -14.26
N ARG B 27 -33.51 0.38 -13.47
CA ARG B 27 -32.64 -0.65 -14.01
C ARG B 27 -32.55 -1.79 -13.00
N VAL B 28 -32.60 -3.02 -13.49
CA VAL B 28 -32.48 -4.21 -12.63
C VAL B 28 -31.00 -4.53 -12.55
N LEU B 29 -30.42 -4.34 -11.37
CA LEU B 29 -29.00 -4.58 -11.14
C LEU B 29 -28.82 -5.77 -10.20
N PHE B 30 -27.78 -6.55 -10.45
CA PHE B 30 -27.48 -7.67 -9.58
C PHE B 30 -27.11 -7.17 -8.19
N PRO B 31 -27.67 -7.74 -7.13
CA PRO B 31 -27.34 -7.27 -5.77
C PRO B 31 -25.88 -7.46 -5.46
N ALA B 32 -25.32 -6.52 -4.69
CA ALA B 32 -23.92 -6.61 -4.31
C ALA B 32 -23.65 -7.83 -3.44
N THR B 33 -24.67 -8.34 -2.75
CA THR B 33 -24.53 -9.54 -1.93
C THR B 33 -24.80 -10.83 -2.70
N GLY B 34 -25.34 -10.75 -3.91
CA GLY B 34 -25.45 -11.93 -4.74
C GLY B 34 -24.10 -12.49 -5.12
N TYR B 35 -23.11 -11.60 -5.33
CA TYR B 35 -21.75 -12.05 -5.57
C TYR B 35 -21.21 -12.82 -4.38
N LEU B 36 -21.45 -12.30 -3.17
CA LEU B 36 -21.02 -13.02 -1.97
C LEU B 36 -21.72 -14.36 -1.85
N SER B 37 -23.00 -14.41 -2.19
CA SER B 37 -23.74 -15.68 -2.12
C SER B 37 -23.14 -16.71 -3.08
N ILE B 38 -22.90 -16.32 -4.33
CA ILE B 38 -22.39 -17.28 -5.29
C ILE B 38 -20.96 -17.70 -4.95
N VAL B 39 -20.14 -16.77 -4.45
CA VAL B 39 -18.78 -17.11 -4.04
C VAL B 39 -18.81 -18.08 -2.86
N TRP B 40 -19.72 -17.84 -1.90
CA TRP B 40 -19.88 -18.75 -0.77
C TRP B 40 -20.30 -20.14 -1.24
N LYS B 41 -21.24 -20.21 -2.18
CA LYS B 41 -21.67 -21.50 -2.70
C LYS B 41 -20.53 -22.22 -3.41
N THR B 42 -19.74 -21.48 -4.19
CA THR B 42 -18.62 -22.09 -4.89
C THR B 42 -17.56 -22.61 -3.92
N LEU B 43 -17.26 -21.84 -2.88
CA LEU B 43 -16.30 -22.29 -1.87
C LEU B 43 -16.82 -23.53 -1.14
N ALA B 44 -18.11 -23.54 -0.81
CA ALA B 44 -18.69 -24.71 -0.15
C ALA B 44 -18.61 -25.95 -1.05
N ARG B 45 -18.91 -25.77 -2.33
CA ARG B 45 -18.79 -26.89 -3.28
C ARG B 45 -17.36 -27.38 -3.39
N ALA B 46 -16.39 -26.45 -3.43
CA ALA B 46 -14.99 -26.85 -3.52
C ALA B 46 -14.56 -27.62 -2.28
N LEU B 47 -15.03 -27.20 -1.10
CA LEU B 47 -14.69 -27.90 0.13
C LEU B 47 -15.55 -29.13 0.38
N GLY B 48 -16.54 -29.39 -0.47
CA GLY B 48 -17.39 -30.55 -0.28
C GLY B 48 -18.34 -30.46 0.89
N LEU B 49 -18.75 -29.25 1.27
CA LEU B 49 -19.65 -29.04 2.41
C LEU B 49 -20.84 -28.21 1.96
N GLY B 50 -21.92 -28.31 2.74
CA GLY B 50 -23.08 -27.49 2.49
C GLY B 50 -22.86 -26.04 2.91
N VAL B 51 -23.65 -25.14 2.32
CA VAL B 51 -23.53 -23.73 2.65
C VAL B 51 -23.90 -23.49 4.10
N GLU B 52 -24.97 -24.13 4.58
CA GLU B 52 -25.41 -23.96 5.95
C GLU B 52 -24.45 -24.56 6.98
N GLN B 53 -23.48 -25.37 6.55
CA GLN B 53 -22.50 -25.95 7.45
C GLN B 53 -21.14 -25.29 7.36
N LEU B 54 -21.01 -24.19 6.62
CA LEU B 54 -19.72 -23.56 6.37
C LEU B 54 -19.71 -22.12 6.84
N PRO B 55 -19.19 -21.83 8.04
CA PRO B 55 -18.97 -20.44 8.43
C PRO B 55 -17.82 -19.85 7.61
N VAL B 56 -18.06 -18.68 7.01
CA VAL B 56 -17.15 -18.12 6.02
C VAL B 56 -16.76 -16.71 6.44
N VAL B 57 -15.60 -16.27 5.95
CA VAL B 57 -15.07 -14.94 6.23
C VAL B 57 -14.66 -14.30 4.91
N PHE B 58 -15.12 -13.07 4.68
CA PHE B 58 -14.72 -12.29 3.52
C PHE B 58 -13.80 -11.17 3.96
N GLU B 59 -12.89 -10.76 3.07
CA GLU B 59 -11.93 -9.71 3.37
C GLU B 59 -11.64 -8.90 2.11
N ASP B 60 -11.60 -7.57 2.27
CA ASP B 60 -11.16 -6.65 1.22
C ASP B 60 -11.93 -6.86 -0.07
N VAL B 61 -13.25 -6.96 0.04
CA VAL B 61 -14.10 -7.13 -1.13
C VAL B 61 -14.16 -5.81 -1.89
N VAL B 62 -13.91 -5.86 -3.19
CA VAL B 62 -13.91 -4.68 -4.05
C VAL B 62 -14.79 -4.95 -5.26
N LEU B 63 -15.67 -4.01 -5.56
CA LEU B 63 -16.53 -4.10 -6.74
C LEU B 63 -16.05 -3.15 -7.82
N HIS B 64 -15.89 -3.68 -9.03
CA HIS B 64 -15.35 -2.90 -10.13
C HIS B 64 -16.37 -2.53 -11.19
N GLN B 65 -17.50 -3.22 -11.29
CA GLN B 65 -18.43 -2.99 -12.39
C GLN B 65 -19.83 -3.36 -11.92
N ALA B 66 -20.82 -2.79 -12.59
CA ALA B 66 -22.22 -3.04 -12.30
C ALA B 66 -22.81 -3.95 -13.37
N THR B 67 -23.53 -4.98 -12.93
CA THR B 67 -24.14 -5.96 -13.83
C THR B 67 -25.62 -5.63 -14.02
N ILE B 68 -26.01 -5.42 -15.26
CA ILE B 68 -27.40 -5.13 -15.60
C ILE B 68 -28.08 -6.43 -16.01
N LEU B 69 -29.26 -6.68 -15.44
CA LEU B 69 -30.00 -7.91 -15.72
C LEU B 69 -31.06 -7.63 -16.77
N PRO B 70 -30.94 -8.16 -17.99
CA PRO B 70 -31.99 -7.93 -18.98
C PRO B 70 -33.24 -8.73 -18.67
N LYS B 71 -34.39 -8.15 -19.04
CA LYS B 71 -35.66 -8.82 -18.80
C LYS B 71 -35.79 -10.09 -19.65
N THR B 72 -35.34 -10.05 -20.90
CA THR B 72 -35.42 -11.18 -21.82
C THR B 72 -33.99 -11.56 -22.20
N GLY B 73 -33.42 -12.49 -21.45
CA GLY B 73 -32.06 -12.91 -21.72
C GLY B 73 -31.51 -13.68 -20.53
N THR B 74 -30.18 -13.82 -20.52
CA THR B 74 -29.49 -14.54 -19.46
C THR B 74 -28.02 -14.12 -19.47
N VAL B 75 -27.50 -13.80 -18.29
CA VAL B 75 -26.09 -13.47 -18.11
C VAL B 75 -25.42 -14.60 -17.34
N SER B 76 -24.14 -14.81 -17.61
CA SER B 76 -23.37 -15.87 -16.97
C SER B 76 -22.21 -15.25 -16.19
N LEU B 77 -21.98 -15.73 -14.98
CA LEU B 77 -20.91 -15.26 -14.13
C LEU B 77 -19.98 -16.42 -13.81
N GLU B 78 -18.70 -16.24 -14.08
CA GLU B 78 -17.67 -17.25 -13.80
C GLU B 78 -16.92 -16.81 -12.56
N VAL B 79 -16.83 -17.70 -11.57
CA VAL B 79 -16.11 -17.42 -10.33
C VAL B 79 -14.97 -18.43 -10.19
N ARG B 80 -13.76 -17.92 -10.00
CA ARG B 80 -12.58 -18.74 -9.80
C ARG B 80 -11.87 -18.29 -8.53
N LEU B 81 -11.41 -19.25 -7.74
CA LEU B 81 -10.77 -18.95 -6.48
C LEU B 81 -9.46 -19.70 -6.35
N LEU B 82 -8.48 -19.06 -5.72
CA LEU B 82 -7.15 -19.63 -5.50
C LEU B 82 -7.03 -20.00 -4.02
N GLU B 83 -7.12 -21.29 -3.72
CA GLU B 83 -7.11 -21.73 -2.33
C GLU B 83 -5.79 -21.40 -1.64
N ALA B 84 -4.67 -21.58 -2.34
CA ALA B 84 -3.37 -21.27 -1.74
C ALA B 84 -3.23 -19.78 -1.49
N SER B 85 -3.58 -18.96 -2.48
CA SER B 85 -3.53 -17.51 -2.31
C SER B 85 -4.69 -16.97 -1.49
N ARG B 86 -5.72 -17.78 -1.26
CA ARG B 86 -6.89 -17.37 -0.48
C ARG B 86 -7.57 -16.15 -1.08
N ALA B 87 -7.87 -16.21 -2.37
CA ALA B 87 -8.50 -15.12 -3.09
C ALA B 87 -9.58 -15.66 -4.02
N PHE B 88 -10.29 -14.74 -4.68
CA PHE B 88 -11.33 -15.09 -5.63
C PHE B 88 -11.50 -13.96 -6.64
N GLU B 89 -12.22 -14.26 -7.72
CA GLU B 89 -12.61 -13.23 -8.67
C GLU B 89 -13.92 -13.63 -9.32
N VAL B 90 -14.66 -12.64 -9.83
CA VAL B 90 -15.88 -12.85 -10.58
C VAL B 90 -15.77 -12.06 -11.87
N SER B 91 -16.06 -12.72 -12.99
CA SER B 91 -16.03 -12.09 -14.30
C SER B 91 -17.22 -12.58 -15.12
N GLU B 92 -17.64 -11.75 -16.08
CA GLU B 92 -18.77 -12.09 -16.94
C GLU B 92 -18.34 -12.29 -18.38
N ASN B 93 -17.85 -11.26 -19.06
CA ASN B 93 -17.22 -11.43 -20.36
C ASN B 93 -15.70 -11.38 -20.24
N GLY B 94 -15.13 -12.23 -19.38
CA GLY B 94 -13.72 -12.12 -19.08
C GLY B 94 -13.33 -10.79 -18.47
N ASN B 95 -14.29 -10.04 -17.94
CA ASN B 95 -14.04 -8.73 -17.36
C ASN B 95 -14.27 -8.80 -15.86
N LEU B 96 -13.28 -8.38 -15.08
CA LEU B 96 -13.36 -8.47 -13.64
C LEU B 96 -14.46 -7.56 -13.10
N VAL B 97 -15.33 -8.11 -12.25
CA VAL B 97 -16.35 -7.31 -11.58
C VAL B 97 -16.25 -7.36 -10.06
N VAL B 98 -15.74 -8.44 -9.47
CA VAL B 98 -15.58 -8.55 -8.02
C VAL B 98 -14.26 -9.22 -7.73
N SER B 99 -13.55 -8.72 -6.71
CA SER B 99 -12.30 -9.33 -6.28
C SER B 99 -12.18 -9.17 -4.78
N GLY B 100 -11.40 -10.06 -4.17
CA GLY B 100 -11.20 -10.02 -2.74
C GLY B 100 -10.64 -11.34 -2.23
N LYS B 101 -10.92 -11.61 -0.97
CA LYS B 101 -10.45 -12.81 -0.30
C LYS B 101 -11.64 -13.54 0.33
N VAL B 102 -11.51 -14.85 0.48
CA VAL B 102 -12.56 -15.66 1.09
C VAL B 102 -11.92 -16.93 1.64
N TYR B 103 -12.35 -17.34 2.83
CA TYR B 103 -11.82 -18.54 3.47
C TYR B 103 -12.78 -18.97 4.57
N GLN B 104 -12.60 -20.20 5.03
CA GLN B 104 -13.42 -20.76 6.11
C GLN B 104 -12.99 -20.18 7.44
N TRP B 105 -13.98 -19.86 8.28
CA TRP B 105 -13.70 -19.29 9.59
C TRP B 105 -13.04 -20.30 10.51
N ASP B 106 -13.52 -21.55 10.50
CA ASP B 106 -12.96 -22.71 11.18
C ASP B 106 -12.80 -22.52 12.69
N ASP B 107 -13.33 -21.42 13.22
CA ASP B 107 -13.33 -21.18 14.65
C ASP B 107 -14.34 -20.07 14.98
N PRO B 108 -15.63 -20.32 14.80
CA PRO B 108 -16.63 -19.26 15.00
C PRO B 108 -16.75 -18.89 16.47
N ASP B 109 -16.71 -17.59 16.76
CA ASP B 109 -16.91 -17.07 18.10
C ASP B 109 -18.22 -16.32 18.17
N PRO B 110 -19.21 -16.82 18.92
CA PRO B 110 -20.51 -16.14 18.99
C PRO B 110 -20.48 -14.78 19.65
N ARG B 111 -19.40 -14.43 20.37
CA ARG B 111 -19.31 -13.13 21.00
C ARG B 111 -19.15 -12.00 19.99
N LEU B 112 -18.75 -12.32 18.76
CA LEU B 112 -18.62 -11.29 17.74
C LEU B 112 -19.97 -10.68 17.38
N PHE B 113 -21.04 -11.45 17.54
CA PHE B 113 -22.38 -11.01 17.14
C PHE B 113 -23.16 -10.37 18.27
N ASP B 114 -22.54 -10.15 19.43
CA ASP B 114 -23.19 -9.39 20.48
C ASP B 114 -23.37 -7.93 20.04
N HIS B 115 -24.54 -7.37 20.32
CA HIS B 115 -24.89 -6.06 19.82
C HIS B 115 -24.16 -4.98 20.61
N PRO B 116 -23.43 -4.08 19.96
CA PRO B 116 -22.75 -3.01 20.69
C PRO B 116 -23.76 -2.06 21.32
N GLU B 117 -23.35 -1.46 22.44
CA GLU B 117 -24.21 -0.55 23.19
C GLU B 117 -24.24 0.82 22.54
N SER B 118 -25.44 1.38 22.43
CA SER B 118 -25.65 2.66 21.75
C SER B 118 -25.13 3.82 22.59
N PRO B 119 -24.57 4.84 21.95
CA PRO B 119 -24.11 6.02 22.72
C PRO B 119 -25.21 6.71 23.49
N THR B 120 -26.43 6.72 22.97
CA THR B 120 -27.56 7.35 23.66
C THR B 120 -28.17 6.40 24.68
N GLU B 125 -38.31 6.42 23.79
CA GLU B 125 -38.96 7.05 22.62
C GLU B 125 -40.07 6.16 22.08
N PRO B 126 -41.32 6.53 22.40
CA PRO B 126 -42.45 5.72 21.91
C PRO B 126 -42.54 5.63 20.40
N LEU B 127 -42.15 6.68 19.69
CA LEU B 127 -42.28 6.72 18.24
C LEU B 127 -41.23 5.82 17.58
N PHE B 128 -41.62 5.20 16.48
CA PHE B 128 -40.71 4.42 15.65
C PHE B 128 -41.20 4.47 14.22
N LEU B 129 -40.34 4.02 13.31
CA LEU B 129 -40.62 4.16 11.89
C LEU B 129 -41.03 2.81 11.30
N ALA B 130 -42.19 2.78 10.67
CA ALA B 130 -42.77 1.54 10.16
C ALA B 130 -42.39 1.30 8.70
N GLN B 131 -42.67 0.09 8.24
CA GLN B 131 -42.16 -0.38 6.94
C GLN B 131 -42.62 0.51 5.80
N ALA B 132 -43.91 0.89 5.79
CA ALA B 132 -44.46 1.62 4.67
C ALA B 132 -43.75 2.96 4.49
N GLU B 133 -43.58 3.71 5.57
CA GLU B 133 -42.91 5.00 5.44
C GLU B 133 -41.40 4.85 5.27
N VAL B 134 -40.81 3.77 5.80
CA VAL B 134 -39.39 3.51 5.52
C VAL B 134 -39.16 3.39 4.02
N TYR B 135 -39.96 2.55 3.36
CA TYR B 135 -39.75 2.39 1.93
C TYR B 135 -40.31 3.54 1.12
N LYS B 136 -41.24 4.32 1.67
CA LYS B 136 -41.59 5.60 1.04
C LYS B 136 -40.40 6.55 1.03
N GLU B 137 -39.68 6.63 2.15
CA GLU B 137 -38.48 7.45 2.22
C GLU B 137 -37.43 6.95 1.24
N LEU B 138 -37.25 5.62 1.16
CA LEU B 138 -36.28 5.06 0.23
C LEU B 138 -36.67 5.36 -1.22
N ARG B 139 -37.97 5.28 -1.53
CA ARG B 139 -38.43 5.62 -2.87
C ARG B 139 -38.17 7.08 -3.18
N LEU B 140 -38.43 7.97 -2.22
CA LEU B 140 -38.12 9.39 -2.41
C LEU B 140 -36.64 9.60 -2.64
N ARG B 141 -35.79 8.86 -1.93
CA ARG B 141 -34.35 8.99 -2.11
C ARG B 141 -33.89 8.42 -3.45
N GLY B 142 -34.64 7.46 -4.00
CA GLY B 142 -34.33 6.94 -5.31
C GLY B 142 -34.47 5.44 -5.45
N TYR B 143 -34.57 4.73 -4.33
CA TYR B 143 -34.52 3.27 -4.31
C TYR B 143 -35.90 2.69 -4.52
N ASP B 144 -36.12 2.06 -5.67
CA ASP B 144 -37.41 1.44 -5.99
C ASP B 144 -37.37 -0.07 -5.72
N TYR B 145 -37.26 -0.42 -4.44
CA TYR B 145 -37.27 -1.81 -4.05
C TYR B 145 -38.66 -2.43 -4.22
N GLY B 146 -38.67 -3.73 -4.46
CA GLY B 146 -39.91 -4.47 -4.62
C GLY B 146 -40.26 -5.26 -3.36
N PRO B 147 -41.40 -5.96 -3.40
CA PRO B 147 -41.84 -6.71 -2.22
C PRO B 147 -40.86 -7.77 -1.75
N HIS B 148 -40.06 -8.35 -2.64
CA HIS B 148 -39.16 -9.42 -2.23
C HIS B 148 -37.99 -8.91 -1.40
N PHE B 149 -37.56 -7.67 -1.63
CA PHE B 149 -36.47 -7.06 -0.88
C PHE B 149 -36.95 -6.15 0.24
N GLN B 150 -38.27 -6.05 0.45
CA GLN B 150 -38.82 -5.21 1.51
C GLN B 150 -38.84 -6.01 2.80
N GLY B 151 -37.65 -6.19 3.37
CA GLY B 151 -37.48 -6.97 4.57
C GLY B 151 -37.35 -6.19 5.86
N ILE B 152 -37.33 -4.86 5.80
CA ILE B 152 -37.25 -4.03 7.00
C ILE B 152 -38.63 -3.95 7.62
N LEU B 153 -38.82 -4.63 8.75
CA LEU B 153 -40.12 -4.64 9.39
C LEU B 153 -40.35 -3.38 10.22
N GLU B 154 -39.35 -2.97 10.99
CA GLU B 154 -39.47 -1.82 11.87
C GLU B 154 -38.11 -1.17 12.01
N ALA B 155 -38.08 0.16 12.02
CA ALA B 155 -36.83 0.92 12.13
C ALA B 155 -37.00 2.04 13.15
N SER B 156 -35.89 2.38 13.81
CA SER B 156 -35.89 3.49 14.75
C SER B 156 -35.83 4.82 14.00
N LEU B 157 -36.08 5.90 14.74
CA LEU B 157 -36.12 7.22 14.11
C LEU B 157 -34.77 7.61 13.53
N GLU B 158 -33.69 7.41 14.29
CA GLU B 158 -32.37 7.77 13.81
C GLU B 158 -31.75 6.70 12.92
N GLY B 159 -32.39 5.55 12.78
CA GLY B 159 -31.90 4.52 11.89
C GLY B 159 -30.76 3.69 12.42
N ASP B 160 -30.66 3.51 13.73
CA ASP B 160 -29.59 2.72 14.32
C ASP B 160 -30.05 1.39 14.90
N SER B 161 -31.36 1.14 14.95
CA SER B 161 -31.88 -0.11 15.49
C SER B 161 -33.19 -0.46 14.81
N GLY B 162 -33.48 -1.74 14.71
CA GLY B 162 -34.69 -2.18 14.05
C GLY B 162 -34.76 -3.68 13.99
N ARG B 163 -35.71 -4.17 13.18
CA ARG B 163 -35.97 -5.59 13.02
C ARG B 163 -35.96 -5.95 11.54
N LEU B 164 -35.47 -7.15 11.24
CA LEU B 164 -35.33 -7.61 9.86
C LEU B 164 -36.03 -8.95 9.69
N LEU B 165 -36.70 -9.11 8.55
CA LEU B 165 -37.41 -10.34 8.22
C LEU B 165 -36.45 -11.40 7.69
N TRP B 166 -36.80 -12.65 7.94
CA TRP B 166 -36.03 -13.80 7.46
C TRP B 166 -36.93 -14.64 6.55
N LYS B 167 -36.49 -14.83 5.31
CA LYS B 167 -37.25 -15.59 4.32
C LYS B 167 -36.41 -16.71 3.71
N ASP B 168 -35.48 -17.26 4.50
CA ASP B 168 -34.57 -18.32 4.02
C ASP B 168 -33.79 -17.87 2.80
N ASN B 169 -33.44 -16.58 2.76
CA ASN B 169 -32.73 -15.99 1.64
C ASN B 169 -31.64 -15.09 2.18
N TRP B 170 -30.38 -15.43 1.92
CA TRP B 170 -29.26 -14.64 2.41
C TRP B 170 -29.09 -13.35 1.61
N VAL B 171 -29.38 -13.39 0.31
CA VAL B 171 -29.22 -12.21 -0.53
C VAL B 171 -30.13 -11.09 -0.05
N SER B 172 -31.41 -11.40 0.16
CA SER B 172 -32.34 -10.38 0.62
C SER B 172 -32.00 -9.91 2.03
N PHE B 173 -31.55 -10.82 2.89
CA PHE B 173 -31.21 -10.45 4.26
C PHE B 173 -30.04 -9.46 4.28
N MET B 174 -28.98 -9.76 3.53
CA MET B 174 -27.84 -8.85 3.50
C MET B 174 -28.18 -7.54 2.80
N ASP B 175 -29.04 -7.60 1.77
CA ASP B 175 -29.48 -6.38 1.13
C ASP B 175 -30.27 -5.50 2.09
N THR B 176 -31.09 -6.11 2.95
CA THR B 176 -31.81 -5.35 3.96
C THR B 176 -30.86 -4.77 5.00
N MET B 177 -29.81 -5.51 5.36
CA MET B 177 -28.83 -4.95 6.28
C MET B 177 -28.15 -3.73 5.67
N LEU B 178 -27.80 -3.80 4.39
CA LEU B 178 -27.20 -2.65 3.72
C LEU B 178 -28.20 -1.49 3.63
N GLN B 179 -29.47 -1.80 3.37
CA GLN B 179 -30.50 -0.77 3.35
C GLN B 179 -30.61 -0.08 4.70
N MET B 180 -30.56 -0.85 5.78
CA MET B 180 -30.61 -0.27 7.12
C MET B 180 -29.38 0.59 7.40
N SER B 181 -28.21 0.14 6.94
CA SER B 181 -27.00 0.95 7.11
C SER B 181 -27.11 2.28 6.38
N ILE B 182 -27.67 2.28 5.17
CA ILE B 182 -27.75 3.51 4.38
C ILE B 182 -28.98 4.35 4.68
N LEU B 183 -29.94 3.82 5.44
CA LEU B 183 -31.14 4.59 5.76
C LEU B 183 -30.83 5.78 6.66
N GLY B 184 -30.09 5.53 7.76
CA GLY B 184 -29.89 6.58 8.74
C GLY B 184 -29.03 7.72 8.22
N SER B 185 -28.00 7.41 7.44
CA SER B 185 -27.12 8.44 6.92
C SER B 185 -27.87 9.36 5.97
N ALA B 186 -27.72 10.66 6.17
CA ALA B 186 -28.45 11.68 5.41
C ALA B 186 -27.57 12.19 4.29
N LYS B 187 -27.76 11.64 3.09
CA LYS B 187 -27.09 12.11 1.88
C LYS B 187 -28.12 12.22 0.77
N HIS B 188 -27.84 13.11 -0.18
CA HIS B 188 -28.76 13.40 -1.28
C HIS B 188 -28.33 12.58 -2.49
N GLY B 189 -29.18 11.65 -2.90
CA GLY B 189 -28.93 10.81 -4.05
C GLY B 189 -28.67 9.37 -3.67
N LEU B 190 -28.63 8.52 -4.69
CA LEU B 190 -28.44 7.09 -4.49
C LEU B 190 -26.96 6.79 -4.24
N TYR B 191 -26.69 5.90 -3.30
CA TYR B 191 -25.34 5.50 -2.95
C TYR B 191 -25.23 3.98 -3.04
N LEU B 192 -24.29 3.51 -3.87
CA LEU B 192 -24.13 2.07 -4.04
C LEU B 192 -22.86 1.60 -3.36
N PRO B 193 -22.87 0.42 -2.74
CA PRO B 193 -21.65 -0.09 -2.11
C PRO B 193 -20.56 -0.36 -3.15
N THR B 194 -19.31 -0.08 -2.76
CA THR B 194 -18.17 -0.28 -3.63
C THR B 194 -17.02 -1.01 -2.96
N ARG B 195 -16.87 -0.91 -1.65
CA ARG B 195 -15.76 -1.51 -0.95
C ARG B 195 -16.22 -1.95 0.44
N VAL B 196 -15.91 -3.18 0.81
CA VAL B 196 -16.21 -3.68 2.14
C VAL B 196 -14.96 -4.31 2.72
N THR B 197 -14.74 -4.07 4.01
CA THR B 197 -13.52 -4.51 4.68
C THR B 197 -13.60 -5.98 5.10
N ALA B 198 -14.67 -6.37 5.77
CA ALA B 198 -14.80 -7.74 6.26
C ALA B 198 -16.26 -8.09 6.46
N ILE B 199 -16.62 -9.35 6.20
CA ILE B 199 -17.94 -9.89 6.46
C ILE B 199 -17.76 -11.24 7.14
N HIS B 200 -18.54 -11.48 8.20
CA HIS B 200 -18.51 -12.75 8.91
C HIS B 200 -19.92 -13.34 8.93
N ILE B 201 -20.02 -14.63 8.64
CA ILE B 201 -21.30 -15.35 8.66
C ILE B 201 -21.13 -16.60 9.51
N ASP B 202 -22.05 -16.83 10.43
CA ASP B 202 -22.09 -18.04 11.22
C ASP B 202 -23.52 -18.56 11.24
N PRO B 203 -23.90 -19.45 10.32
CA PRO B 203 -25.31 -19.86 10.22
C PRO B 203 -25.86 -20.53 11.48
N ALA B 204 -25.04 -21.19 12.28
CA ALA B 204 -25.54 -21.76 13.54
C ALA B 204 -25.98 -20.66 14.49
N THR B 205 -25.14 -19.65 14.69
CA THR B 205 -25.53 -18.51 15.50
C THR B 205 -26.70 -17.77 14.88
N HIS B 206 -26.75 -17.71 13.54
CA HIS B 206 -27.87 -17.08 12.86
C HIS B 206 -29.18 -17.77 13.20
N ARG B 207 -29.17 -19.10 13.20
CA ARG B 207 -30.38 -19.84 13.56
C ARG B 207 -30.69 -19.69 15.05
N GLN B 208 -29.65 -19.52 15.88
CA GLN B 208 -29.89 -19.36 17.31
C GLN B 208 -30.39 -17.96 17.67
N LYS B 209 -30.20 -16.97 16.80
CA LYS B 209 -30.56 -15.59 17.09
C LYS B 209 -31.95 -15.21 16.59
N LEU B 210 -32.69 -16.15 16.01
CA LEU B 210 -34.00 -15.85 15.44
C LEU B 210 -35.10 -16.18 16.43
N TYR B 211 -36.13 -15.33 16.47
CA TYR B 211 -37.30 -15.53 17.29
C TYR B 211 -38.54 -15.27 16.45
N THR B 212 -39.66 -15.84 16.88
CA THR B 212 -40.92 -15.79 16.14
C THR B 212 -41.86 -14.77 16.77
N LEU B 213 -42.60 -14.07 15.92
CA LEU B 213 -43.62 -13.14 16.37
C LEU B 213 -44.97 -13.84 16.48
N GLN B 214 -45.95 -13.11 17.03
CA GLN B 214 -47.31 -13.63 17.07
C GLN B 214 -47.88 -13.84 15.67
N ASP B 215 -47.40 -13.07 14.69
CA ASP B 215 -47.81 -13.23 13.30
C ASP B 215 -47.21 -14.47 12.66
N LYS B 216 -46.54 -15.33 13.43
CA LYS B 216 -45.90 -16.55 12.93
C LYS B 216 -44.89 -16.23 11.84
N ALA B 217 -44.07 -15.21 12.08
CA ALA B 217 -42.99 -14.83 11.19
C ALA B 217 -41.68 -14.80 11.97
N GLN B 218 -40.58 -15.06 11.25
CA GLN B 218 -39.26 -15.13 11.85
C GLN B 218 -38.52 -13.83 11.55
N VAL B 219 -38.01 -13.18 12.60
CA VAL B 219 -37.33 -11.90 12.48
C VAL B 219 -36.04 -11.92 13.30
N ALA B 220 -35.16 -10.98 12.98
CA ALA B 220 -33.91 -10.82 13.71
C ALA B 220 -33.68 -9.33 13.95
N ASP B 221 -32.92 -9.03 15.00
CA ASP B 221 -32.64 -7.67 15.41
C ASP B 221 -31.39 -7.15 14.73
N VAL B 222 -31.42 -5.89 14.32
CA VAL B 222 -30.31 -5.25 13.62
C VAL B 222 -29.96 -3.96 14.34
N VAL B 223 -28.67 -3.69 14.52
CA VAL B 223 -28.18 -2.44 15.08
C VAL B 223 -27.06 -1.92 14.20
N VAL B 224 -27.05 -0.61 13.98
CA VAL B 224 -26.05 0.06 13.17
C VAL B 224 -25.29 1.02 14.06
N SER B 225 -23.97 0.88 14.10
CA SER B 225 -23.10 1.70 14.94
C SER B 225 -22.18 2.52 14.05
N ARG B 226 -22.39 3.83 14.03
CA ARG B 226 -21.55 4.71 13.21
C ARG B 226 -20.19 4.96 13.85
N TRP B 227 -20.12 4.99 15.18
CA TRP B 227 -18.84 5.17 15.85
C TRP B 227 -17.89 4.03 15.54
N LEU B 228 -18.40 2.79 15.59
CA LEU B 228 -17.58 1.62 15.35
C LEU B 228 -17.61 1.16 13.88
N ARG B 229 -18.45 1.77 13.06
CA ARG B 229 -18.54 1.45 11.63
C ARG B 229 -18.83 -0.04 11.42
N VAL B 230 -19.82 -0.55 12.14
CA VAL B 230 -20.17 -1.96 12.12
C VAL B 230 -21.68 -2.10 12.04
N THR B 231 -22.14 -3.09 11.27
CA THR B 231 -23.54 -3.45 11.17
C THR B 231 -23.67 -4.94 11.44
N VAL B 232 -24.36 -5.31 12.52
CA VAL B 232 -24.51 -6.69 12.93
C VAL B 232 -26.00 -7.00 13.08
N ALA B 233 -26.40 -8.17 12.58
CA ALA B 233 -27.78 -8.62 12.67
C ALA B 233 -27.82 -10.13 12.53
N GLY B 234 -28.33 -10.81 13.55
CA GLY B 234 -28.38 -12.26 13.52
C GLY B 234 -27.01 -12.89 13.52
N GLY B 235 -26.67 -13.59 12.44
CA GLY B 235 -25.36 -14.21 12.33
C GLY B 235 -24.47 -13.59 11.27
N VAL B 236 -24.77 -12.34 10.89
CA VAL B 236 -24.05 -11.64 9.84
C VAL B 236 -23.41 -10.39 10.44
N HIS B 237 -22.19 -10.09 10.04
CA HIS B 237 -21.39 -9.02 10.65
C HIS B 237 -20.59 -8.32 9.56
N ILE B 238 -21.08 -7.18 9.07
CA ILE B 238 -20.39 -6.36 8.10
C ILE B 238 -19.58 -5.30 8.83
N SER B 239 -18.34 -5.10 8.39
CA SER B 239 -17.47 -4.07 8.95
C SER B 239 -16.85 -3.25 7.83
N GLY B 240 -16.79 -1.94 8.03
CA GLY B 240 -16.12 -1.05 7.11
C GLY B 240 -16.75 -0.95 5.72
N LEU B 241 -18.06 -0.80 5.67
CA LEU B 241 -18.75 -0.62 4.39
C LEU B 241 -18.46 0.76 3.84
N HIS B 242 -18.13 0.82 2.54
CA HIS B 242 -17.87 2.08 1.85
C HIS B 242 -18.82 2.20 0.67
N THR B 243 -19.40 3.38 0.50
CA THR B 243 -20.36 3.65 -0.57
C THR B 243 -19.99 4.94 -1.27
N GLU B 244 -20.22 4.98 -2.58
CA GLU B 244 -20.02 6.18 -3.37
C GLU B 244 -21.23 6.40 -4.27
N SER B 245 -21.61 7.67 -4.43
CA SER B 245 -22.82 8.01 -5.16
C SER B 245 -22.63 7.82 -6.67
N ALA B 246 -23.69 7.41 -7.33
CA ALA B 246 -23.74 7.22 -8.77
C ALA B 246 -24.59 8.29 -9.43
N PRO B 247 -24.28 8.66 -10.67
CA PRO B 247 -25.07 9.69 -11.36
C PRO B 247 -26.50 9.20 -11.63
N ARG B 248 -27.41 10.17 -11.67
CA ARG B 248 -28.81 9.88 -11.95
C ARG B 248 -28.98 9.47 -13.41
N ARG B 249 -29.89 8.50 -13.65
CA ARG B 249 -30.15 8.06 -15.01
C ARG B 249 -30.75 9.17 -15.86
N GLN B 250 -31.43 10.14 -15.22
CA GLN B 250 -32.10 11.22 -15.93
C GLN B 250 -33.09 10.68 -16.96
N GLN B 251 -33.88 9.69 -16.53
CA GLN B 251 -34.87 9.11 -17.41
C GLN B 251 -35.93 10.13 -17.84
N GLU B 252 -36.32 11.03 -16.94
CA GLU B 252 -37.29 12.07 -17.22
C GLU B 252 -38.60 11.48 -17.76
N GLN B 253 -39.04 10.40 -17.12
CA GLN B 253 -40.27 9.71 -17.49
C GLN B 253 -41.53 10.46 -17.04
N GLN B 254 -41.37 11.68 -16.55
CA GLN B 254 -42.50 12.51 -16.11
C GLN B 254 -42.46 13.81 -16.90
N VAL B 255 -43.08 13.80 -18.08
CA VAL B 255 -43.22 15.01 -18.88
C VAL B 255 -44.45 15.76 -18.38
N PRO B 256 -44.30 16.95 -17.82
CA PRO B 256 -45.45 17.64 -17.23
C PRO B 256 -46.25 18.44 -18.24
N ILE B 257 -47.52 18.09 -18.41
CA ILE B 257 -48.41 18.87 -19.26
C ILE B 257 -48.86 20.10 -18.47
N LEU B 258 -48.44 21.28 -18.93
CA LEU B 258 -48.60 22.51 -18.17
C LEU B 258 -49.51 23.46 -18.94
N GLU B 259 -50.46 24.07 -18.24
CA GLU B 259 -51.39 25.00 -18.85
C GLU B 259 -51.75 26.08 -17.84
N LYS B 260 -52.52 27.06 -18.31
CA LYS B 260 -53.10 28.09 -17.46
C LYS B 260 -54.61 28.13 -17.68
N PHE B 261 -55.31 28.62 -16.66
CA PHE B 261 -56.76 28.60 -16.63
C PHE B 261 -57.26 30.05 -16.67
N CYS B 262 -57.90 30.43 -17.76
CA CYS B 262 -58.25 31.82 -18.01
C CYS B 262 -59.69 31.94 -18.47
N PHE B 263 -60.25 33.13 -18.29
CA PHE B 263 -61.60 33.46 -18.72
C PHE B 263 -61.55 34.01 -20.14
N THR B 264 -62.19 33.32 -21.07
CA THR B 264 -62.17 33.68 -22.49
C THR B 264 -63.52 34.22 -22.90
N PRO B 265 -63.65 35.51 -23.22
CA PRO B 265 -64.92 36.02 -23.75
C PRO B 265 -65.26 35.37 -25.08
N HIS B 266 -66.57 35.19 -25.31
CA HIS B 266 -67.02 34.52 -26.52
C HIS B 266 -66.72 35.35 -27.76
N THR B 267 -66.93 36.66 -27.69
CA THR B 267 -66.73 37.56 -28.84
C THR B 267 -65.47 38.39 -28.61
N GLU B 268 -64.37 37.91 -29.16
CA GLU B 268 -63.09 38.62 -29.09
C GLU B 268 -62.95 39.50 -30.33
N GLU B 269 -62.93 40.82 -30.14
CA GLU B 269 -62.86 41.77 -31.23
C GLU B 269 -61.49 42.43 -31.26
N GLY B 270 -60.94 42.54 -32.47
CA GLY B 270 -59.61 43.12 -32.64
C GLY B 270 -58.50 42.30 -32.01
N CYS B 271 -58.54 40.99 -32.15
CA CYS B 271 -57.53 40.12 -31.57
C CYS B 271 -56.31 40.06 -32.48
N LEU B 272 -55.38 39.16 -32.13
CA LEU B 272 -54.15 38.95 -32.90
C LEU B 272 -53.34 40.23 -33.04
N SER B 273 -53.40 41.11 -32.04
CA SER B 273 -52.71 42.39 -32.05
C SER B 273 -51.34 42.24 -31.39
N GLU B 274 -50.68 43.38 -31.18
CA GLU B 274 -49.34 43.49 -30.59
C GLU B 274 -48.39 42.40 -31.11
N ARG B 275 -48.46 42.12 -32.41
CA ARG B 275 -47.58 41.15 -33.05
C ARG B 275 -46.39 41.87 -33.69
N ALA B 276 -45.51 41.09 -34.31
CA ALA B 276 -44.31 41.62 -34.94
C ALA B 276 -44.31 41.46 -36.45
N ALA B 277 -44.48 40.23 -36.95
CA ALA B 277 -44.45 40.01 -38.38
C ALA B 277 -45.71 40.52 -39.07
N LEU B 278 -46.86 40.34 -38.42
CA LEU B 278 -48.13 40.73 -39.03
C LEU B 278 -48.20 42.24 -39.24
N GLN B 279 -47.71 43.02 -38.28
CA GLN B 279 -47.78 44.48 -38.38
C GLN B 279 -47.04 44.98 -39.61
N GLU B 280 -45.79 44.52 -39.80
CA GLU B 280 -45.03 44.94 -40.98
C GLU B 280 -45.62 44.35 -42.25
N GLU B 281 -46.08 43.09 -42.20
CA GLU B 281 -46.65 42.45 -43.37
C GLU B 281 -47.91 43.13 -43.87
N LEU B 282 -48.68 43.76 -42.97
CA LEU B 282 -49.87 44.47 -43.40
C LEU B 282 -49.53 45.59 -44.38
N GLN B 283 -48.60 46.46 -44.00
CA GLN B 283 -48.17 47.51 -44.91
C GLN B 283 -47.37 46.97 -46.10
N LEU B 284 -46.65 45.86 -45.92
CA LEU B 284 -45.94 45.25 -47.04
C LEU B 284 -46.91 44.80 -48.12
N CYS B 285 -48.04 44.19 -47.73
CA CYS B 285 -49.04 43.78 -48.69
C CYS B 285 -49.84 44.97 -49.22
N LYS B 286 -50.07 45.98 -48.38
CA LYS B 286 -50.78 47.17 -48.83
C LYS B 286 -49.99 47.90 -49.92
N GLY B 287 -48.67 48.00 -49.75
CA GLY B 287 -47.87 48.64 -50.77
C GLY B 287 -47.85 47.88 -52.08
N LEU B 288 -47.77 46.54 -51.99
CA LEU B 288 -47.75 45.71 -53.19
C LEU B 288 -49.17 45.40 -53.66
N GLU B 355 -49.97 28.05 -45.31
CA GLU B 355 -49.95 28.82 -46.54
C GLU B 355 -49.10 30.08 -46.39
N ASP B 356 -49.56 31.00 -45.54
CA ASP B 356 -48.85 32.24 -45.30
C ASP B 356 -49.19 32.73 -43.91
N PRO B 357 -48.25 33.34 -43.18
CA PRO B 357 -48.57 33.85 -41.84
C PRO B 357 -49.73 34.84 -41.85
N LEU B 358 -49.82 35.71 -42.86
CA LEU B 358 -50.94 36.64 -42.94
C LEU B 358 -52.25 35.90 -43.24
N LEU B 359 -52.18 34.87 -44.09
CA LEU B 359 -53.38 34.10 -44.41
C LEU B 359 -53.87 33.31 -43.21
N SER B 360 -52.96 32.83 -42.36
CA SER B 360 -53.32 32.09 -41.14
C SER B 360 -52.69 32.81 -39.95
N GLY B 361 -53.38 33.82 -39.46
CA GLY B 361 -52.95 34.53 -38.28
C GLY B 361 -53.74 34.13 -37.05
N LEU B 362 -55.05 34.01 -37.22
CA LEU B 362 -55.91 33.53 -36.15
C LEU B 362 -55.97 32.01 -36.09
N LEU B 363 -55.47 31.32 -37.11
CA LEU B 363 -55.51 29.86 -37.12
C LEU B 363 -54.55 29.29 -36.09
N ASP B 364 -53.37 29.88 -35.94
CA ASP B 364 -52.39 29.43 -34.96
C ASP B 364 -52.55 30.11 -33.60
N SER B 365 -53.41 31.10 -33.49
CA SER B 365 -53.65 31.76 -32.22
C SER B 365 -54.45 30.84 -31.29
N PRO B 366 -54.36 31.05 -29.98
CA PRO B 366 -55.13 30.22 -29.04
C PRO B 366 -56.63 30.44 -29.11
N ALA B 367 -57.12 31.30 -30.00
CA ALA B 367 -58.57 31.49 -30.14
C ALA B 367 -59.24 30.21 -30.63
N LEU B 368 -58.59 29.50 -31.57
CA LEU B 368 -59.13 28.24 -32.06
C LEU B 368 -59.18 27.19 -30.95
N LYS B 369 -58.17 27.19 -30.07
CA LYS B 369 -58.11 26.22 -28.99
C LYS B 369 -59.29 26.37 -28.03
N ALA B 370 -59.66 27.62 -27.72
CA ALA B 370 -60.79 27.84 -26.83
C ALA B 370 -62.09 27.34 -27.44
N CYS B 371 -62.30 27.60 -28.73
CA CYS B 371 -63.49 27.10 -29.41
C CYS B 371 -63.51 25.58 -29.44
N LEU B 372 -62.35 24.96 -29.69
CA LEU B 372 -62.28 23.51 -29.70
C LEU B 372 -62.61 22.92 -28.33
N ASP B 373 -62.09 23.54 -27.27
CA ASP B 373 -62.39 23.08 -25.92
C ASP B 373 -63.88 23.23 -25.60
N THR B 374 -64.47 24.35 -26.02
CA THR B 374 -65.90 24.56 -25.81
C THR B 374 -66.72 23.50 -26.53
N ALA B 375 -66.34 23.19 -27.77
CA ALA B 375 -67.05 22.16 -28.52
C ALA B 375 -66.91 20.80 -27.86
N VAL B 376 -65.72 20.49 -27.34
CA VAL B 376 -65.51 19.22 -26.64
C VAL B 376 -66.38 19.14 -25.40
N GLU B 377 -66.41 20.22 -24.62
CA GLU B 377 -67.24 20.24 -23.42
C GLU B 377 -68.73 20.13 -23.77
N ASN B 378 -69.07 20.58 -24.99
CA ASN B 378 -70.49 20.50 -25.45
C ASN B 378 -70.78 19.08 -25.99
N MET B 379 -69.75 18.37 -26.48
CA MET B 379 -69.95 16.98 -26.96
C MET B 379 -70.68 16.19 -25.87
N PRO B 380 -71.87 15.62 -26.12
CA PRO B 380 -72.67 14.92 -25.07
C PRO B 380 -71.86 13.84 -24.36
N SER B 381 -71.19 12.98 -25.13
CA SER B 381 -70.38 11.89 -24.54
C SER B 381 -68.90 12.10 -24.91
N LEU B 382 -67.99 11.35 -24.29
CA LEU B 382 -66.59 11.46 -24.65
C LEU B 382 -66.33 11.22 -26.14
N LYS B 383 -67.26 10.57 -26.84
CA LYS B 383 -67.11 10.36 -28.28
C LYS B 383 -67.28 11.67 -29.03
N MET B 384 -66.54 11.80 -30.13
CA MET B 384 -66.60 13.00 -30.95
C MET B 384 -66.22 12.66 -32.37
N LYS B 385 -67.01 13.10 -33.34
CA LYS B 385 -66.76 12.89 -34.75
C LYS B 385 -66.55 14.25 -35.41
N VAL B 386 -65.41 14.41 -36.09
CA VAL B 386 -65.07 15.65 -36.77
C VAL B 386 -64.87 15.35 -38.24
N VAL B 387 -65.50 16.15 -39.10
CA VAL B 387 -65.44 16.00 -40.55
C VAL B 387 -64.79 17.24 -41.14
N GLU B 388 -63.80 17.04 -42.01
CA GLU B 388 -63.10 18.13 -42.67
C GLU B 388 -63.65 18.27 -44.09
N VAL B 389 -64.10 19.46 -44.43
CA VAL B 389 -64.70 19.75 -45.74
C VAL B 389 -63.73 20.61 -46.53
N LEU B 390 -63.56 20.28 -47.81
CA LEU B 390 -62.64 20.99 -48.71
C LEU B 390 -61.22 20.99 -48.16
N ALA B 391 -60.77 19.82 -47.70
CA ALA B 391 -59.42 19.70 -47.17
C ALA B 391 -58.41 19.46 -48.28
N GLY B 392 -58.45 20.30 -49.32
CA GLY B 392 -57.48 20.25 -50.39
C GLY B 392 -56.67 21.52 -50.47
N HIS B 393 -57.29 22.64 -50.09
CA HIS B 393 -56.62 23.93 -50.03
C HIS B 393 -56.15 24.29 -48.63
N GLY B 394 -57.05 24.30 -47.65
CA GLY B 394 -56.66 24.51 -46.27
C GLY B 394 -56.01 23.28 -45.69
N HIS B 395 -55.17 23.51 -44.67
CA HIS B 395 -54.44 22.43 -44.00
C HIS B 395 -54.68 22.44 -42.50
N LEU B 396 -55.91 22.72 -42.07
CA LEU B 396 -56.26 22.68 -40.66
C LEU B 396 -56.30 21.26 -40.11
N TYR B 397 -56.24 20.25 -40.98
CA TYR B 397 -56.25 18.86 -40.53
C TYR B 397 -54.94 18.45 -39.86
N SER B 398 -53.89 19.27 -39.98
CA SER B 398 -52.59 18.97 -39.38
C SER B 398 -52.41 19.61 -38.01
N ARG B 399 -53.42 20.34 -37.52
CA ARG B 399 -53.32 21.00 -36.23
C ARG B 399 -54.44 20.62 -35.27
N ILE B 400 -55.64 20.31 -35.80
CA ILE B 400 -56.75 19.92 -34.94
C ILE B 400 -56.45 18.64 -34.16
N PRO B 401 -55.98 17.55 -34.78
CA PRO B 401 -55.66 16.36 -33.98
C PRO B 401 -54.62 16.62 -32.91
N GLY B 402 -53.63 17.47 -33.19
CA GLY B 402 -52.64 17.80 -32.18
C GLY B 402 -53.16 18.59 -31.01
N LEU B 403 -54.11 19.50 -31.25
CA LEU B 403 -54.66 20.32 -30.18
C LEU B 403 -55.55 19.55 -29.23
N LEU B 404 -56.11 18.43 -29.66
CA LEU B 404 -56.96 17.60 -28.82
C LEU B 404 -56.19 16.58 -28.00
N SER B 405 -54.89 16.44 -28.24
CA SER B 405 -54.10 15.50 -27.45
C SER B 405 -54.09 15.80 -25.95
N PRO B 406 -53.95 17.06 -25.49
CA PRO B 406 -53.89 17.27 -24.03
C PRO B 406 -55.12 16.79 -23.28
N HIS B 407 -56.30 16.85 -23.89
CA HIS B 407 -57.51 16.43 -23.19
C HIS B 407 -57.52 14.92 -22.99
N PRO B 408 -57.57 14.43 -21.76
CA PRO B 408 -57.55 12.98 -21.54
C PRO B 408 -58.92 12.37 -21.75
N LEU B 409 -58.92 11.07 -22.10
CA LEU B 409 -60.14 10.29 -22.30
C LEU B 409 -61.04 10.95 -23.34
N LEU B 410 -60.52 11.01 -24.57
CA LEU B 410 -61.25 11.60 -25.69
C LEU B 410 -61.03 10.74 -26.92
N GLN B 411 -62.12 10.14 -27.42
CA GLN B 411 -62.07 9.35 -28.63
C GLN B 411 -62.44 10.25 -29.81
N LEU B 412 -61.47 10.52 -30.68
CA LEU B 412 -61.65 11.45 -31.80
C LEU B 412 -61.57 10.69 -33.11
N SER B 413 -62.60 10.81 -33.92
CA SER B 413 -62.62 10.26 -35.27
C SER B 413 -62.62 11.41 -36.27
N TYR B 414 -61.48 11.63 -36.92
CA TYR B 414 -61.30 12.74 -37.83
C TYR B 414 -61.32 12.23 -39.26
N THR B 415 -62.16 12.83 -40.10
CA THR B 415 -62.29 12.46 -41.50
C THR B 415 -62.03 13.69 -42.36
N ALA B 416 -61.21 13.52 -43.39
CA ALA B 416 -60.89 14.58 -44.33
C ALA B 416 -61.59 14.31 -45.65
N THR B 417 -62.45 15.24 -46.07
CA THR B 417 -63.21 15.11 -47.30
C THR B 417 -62.90 16.29 -48.21
N ASP B 418 -62.62 15.99 -49.48
CA ASP B 418 -62.32 17.01 -50.49
C ASP B 418 -63.24 16.80 -51.68
N ARG B 419 -63.85 17.89 -52.16
CA ARG B 419 -64.71 17.80 -53.34
C ARG B 419 -63.93 17.35 -54.57
N HIS B 420 -62.63 17.67 -54.62
CA HIS B 420 -61.77 17.21 -55.71
C HIS B 420 -60.85 16.12 -55.18
N PRO B 421 -61.03 14.87 -55.59
CA PRO B 421 -60.16 13.80 -55.09
C PRO B 421 -58.71 13.91 -55.52
N GLN B 422 -58.40 14.72 -56.54
CA GLN B 422 -57.02 14.88 -56.99
C GLN B 422 -56.14 15.57 -55.96
N ALA B 423 -56.73 16.20 -54.95
CA ALA B 423 -55.98 16.88 -53.92
C ALA B 423 -55.56 15.88 -52.83
N LEU B 424 -55.10 16.40 -51.70
CA LEU B 424 -54.68 15.58 -50.55
C LEU B 424 -53.53 14.66 -50.92
N GLU B 425 -52.45 15.26 -51.42
CA GLU B 425 -51.26 14.50 -51.77
C GLU B 425 -50.42 14.08 -50.56
N ALA B 426 -50.68 14.66 -49.39
CA ALA B 426 -49.92 14.33 -48.18
C ALA B 426 -50.60 13.16 -47.47
N ALA B 427 -50.46 11.98 -48.06
CA ALA B 427 -51.02 10.77 -47.46
C ALA B 427 -50.30 10.41 -46.17
N GLN B 428 -48.99 10.65 -46.09
CA GLN B 428 -48.25 10.37 -44.87
C GLN B 428 -48.75 11.24 -43.72
N ALA B 429 -49.05 12.50 -43.99
CA ALA B 429 -49.61 13.37 -42.97
C ALA B 429 -50.97 12.86 -42.50
N GLU B 430 -51.80 12.39 -43.42
CA GLU B 430 -53.09 11.83 -43.04
C GLU B 430 -52.94 10.50 -42.31
N LEU B 431 -51.79 9.83 -42.46
CA LEU B 431 -51.55 8.58 -41.75
C LEU B 431 -51.36 8.77 -40.25
N GLN B 432 -51.19 10.01 -39.79
CA GLN B 432 -51.00 10.28 -38.37
C GLN B 432 -52.36 10.37 -37.68
N GLN B 433 -53.01 9.21 -37.58
CA GLN B 433 -54.29 9.04 -36.90
C GLN B 433 -55.35 9.98 -37.50
N HIS B 434 -55.65 9.73 -38.78
CA HIS B 434 -56.66 10.50 -39.49
C HIS B 434 -57.25 9.60 -40.58
N ASP B 435 -58.37 10.05 -41.15
CA ASP B 435 -59.06 9.31 -42.18
C ASP B 435 -59.40 10.24 -43.33
N VAL B 436 -59.52 9.65 -44.53
CA VAL B 436 -59.81 10.40 -45.74
C VAL B 436 -61.19 10.02 -46.25
N ALA B 437 -61.77 10.89 -47.07
CA ALA B 437 -63.09 10.68 -47.64
C ALA B 437 -63.21 11.55 -48.89
N GLN B 438 -64.42 11.63 -49.43
CA GLN B 438 -64.67 12.43 -50.63
C GLN B 438 -66.10 12.96 -50.55
N GLY B 439 -66.23 14.29 -50.63
CA GLY B 439 -67.54 14.92 -50.57
C GLY B 439 -67.70 16.06 -51.56
N LEU B 457 -69.28 23.60 -36.32
CA LEU B 457 -68.96 24.11 -37.64
C LEU B 457 -68.07 25.35 -37.56
N VAL B 458 -66.89 25.26 -38.18
CA VAL B 458 -65.92 26.34 -38.17
C VAL B 458 -65.54 26.67 -39.61
N CYS B 459 -65.61 27.95 -39.96
CA CYS B 459 -65.26 28.41 -41.29
C CYS B 459 -64.49 29.72 -41.18
N ASN B 460 -63.61 29.96 -42.15
CA ASN B 460 -62.82 31.19 -42.16
C ASN B 460 -63.37 32.20 -43.16
N SER B 523 -75.80 38.06 -43.17
CA SER B 523 -77.18 37.75 -42.78
C SER B 523 -77.56 36.35 -43.22
N LEU B 524 -76.64 35.66 -43.90
CA LEU B 524 -76.89 34.30 -44.37
C LEU B 524 -76.96 33.29 -43.24
N PHE B 525 -76.47 33.64 -42.04
CA PHE B 525 -76.55 32.71 -40.91
C PHE B 525 -78.01 32.43 -40.54
N SER B 526 -78.86 33.45 -40.55
CA SER B 526 -80.27 33.27 -40.24
C SER B 526 -81.01 32.49 -41.32
N ARG B 527 -80.51 32.50 -42.56
CA ARG B 527 -81.13 31.70 -43.61
C ARG B 527 -81.06 30.21 -43.30
N VAL B 528 -79.91 29.75 -42.81
CA VAL B 528 -79.77 28.37 -42.36
C VAL B 528 -80.45 28.13 -41.02
N SER B 529 -80.83 29.21 -40.32
CA SER B 529 -81.48 29.14 -39.01
C SER B 529 -80.55 28.49 -37.98
N LEU B 530 -79.32 28.99 -37.91
CA LEU B 530 -78.33 28.57 -36.93
C LEU B 530 -78.08 29.70 -35.94
N ARG B 531 -77.39 29.37 -34.86
CA ARG B 531 -77.14 30.31 -33.77
C ARG B 531 -75.64 30.57 -33.67
N LEU B 532 -75.27 31.84 -33.70
CA LEU B 532 -73.87 32.25 -33.60
C LEU B 532 -73.42 32.15 -32.15
N VAL B 533 -72.30 31.47 -31.92
CA VAL B 533 -71.78 31.31 -30.57
C VAL B 533 -70.64 32.28 -30.29
N GLY B 534 -69.64 32.33 -31.19
CA GLY B 534 -68.52 33.23 -31.00
C GLY B 534 -68.00 33.73 -32.33
N LEU B 535 -67.39 34.91 -32.28
CA LEU B 535 -66.82 35.54 -33.46
C LEU B 535 -65.43 36.06 -33.11
N LYS B 536 -64.47 35.82 -34.00
CA LYS B 536 -63.07 36.21 -33.78
C LYS B 536 -62.63 37.07 -34.97
N LYS B 537 -62.66 38.39 -34.78
CA LYS B 537 -62.25 39.33 -35.81
C LYS B 537 -61.01 40.08 -35.36
N SER B 538 -60.05 40.25 -36.28
CA SER B 538 -58.75 40.84 -35.88
C SER B 538 -58.34 42.01 -36.79
N PHE B 539 -57.05 42.32 -36.84
CA PHE B 539 -56.54 43.39 -37.75
C PHE B 539 -56.28 42.75 -39.11
N TYR B 540 -56.69 41.49 -39.26
CA TYR B 540 -56.52 40.77 -40.54
C TYR B 540 -57.82 40.86 -41.33
N GLY B 541 -58.84 41.50 -40.75
CA GLY B 541 -60.16 41.56 -41.40
C GLY B 541 -60.77 40.16 -41.41
N SER B 542 -59.94 39.13 -41.22
CA SER B 542 -60.43 37.77 -41.19
C SER B 542 -61.37 37.57 -40.02
N THR B 543 -62.37 36.71 -40.23
CA THR B 543 -63.37 36.42 -39.21
C THR B 543 -63.51 34.92 -39.07
N LEU B 544 -63.56 34.45 -37.82
CA LEU B 544 -63.73 33.03 -37.51
C LEU B 544 -65.11 32.84 -36.88
N PHE B 545 -65.93 32.01 -37.50
CA PHE B 545 -67.30 31.78 -37.06
C PHE B 545 -67.44 30.40 -36.42
N LEU B 546 -68.53 30.25 -35.66
CA LEU B 546 -68.85 28.97 -35.03
C LEU B 546 -70.34 28.95 -34.75
N CYS B 547 -71.00 27.88 -35.19
CA CYS B 547 -72.44 27.72 -34.99
C CYS B 547 -72.69 26.43 -34.21
N ARG B 548 -73.58 26.50 -33.23
CA ARG B 548 -73.91 25.35 -32.40
C ARG B 548 -74.90 24.44 -33.14
N ARG B 549 -75.21 23.31 -32.51
CA ARG B 549 -76.17 22.35 -33.06
C ARG B 549 -77.52 22.57 -32.40
N PRO B 550 -78.55 22.96 -33.14
CA PRO B 550 -79.86 23.21 -32.50
C PRO B 550 -80.49 21.91 -32.02
N THR B 551 -80.88 21.92 -30.75
CA THR B 551 -81.54 20.77 -30.12
C THR B 551 -82.76 21.27 -29.36
N PRO B 552 -83.97 21.03 -29.87
CA PRO B 552 -85.17 21.52 -29.19
C PRO B 552 -85.32 20.90 -27.80
N GLN B 553 -85.77 21.71 -26.86
CA GLN B 553 -85.99 21.27 -25.48
C GLN B 553 -86.97 22.22 -24.80
N ASP B 554 -87.56 21.75 -23.71
CA ASP B 554 -88.52 22.56 -22.97
C ASP B 554 -88.43 22.31 -21.47
N SER B 555 -89.33 22.92 -20.70
CA SER B 555 -89.37 22.82 -19.25
C SER B 555 -88.03 23.18 -18.63
N PRO B 556 -87.63 24.45 -18.64
CA PRO B 556 -86.36 24.86 -18.02
C PRO B 556 -86.49 24.95 -16.51
N ILE B 557 -85.83 24.04 -15.80
CA ILE B 557 -85.83 24.05 -14.35
C ILE B 557 -84.77 25.04 -13.87
N PHE B 558 -85.19 25.99 -13.04
CA PHE B 558 -84.30 26.96 -12.44
C PHE B 558 -84.21 26.70 -10.94
N LEU B 559 -83.00 26.49 -10.45
CA LEU B 559 -82.76 26.17 -9.05
C LEU B 559 -81.79 27.18 -8.46
N PRO B 560 -82.19 27.95 -7.45
CA PRO B 560 -81.25 28.90 -6.83
C PRO B 560 -80.20 28.17 -6.02
N VAL B 561 -78.97 28.11 -6.55
CA VAL B 561 -77.86 27.50 -5.84
C VAL B 561 -77.18 28.47 -4.88
N ASP B 562 -77.32 29.77 -5.12
CA ASP B 562 -76.65 30.78 -4.31
C ASP B 562 -77.32 30.84 -2.94
N ASP B 563 -76.80 30.05 -1.99
CA ASP B 563 -77.36 29.96 -0.65
C ASP B 563 -76.43 29.22 0.28
N THR B 564 -76.43 29.59 1.57
CA THR B 564 -75.61 28.92 2.57
C THR B 564 -76.33 27.67 3.08
N SER B 565 -75.60 26.86 3.85
CA SER B 565 -76.06 25.61 4.46
C SER B 565 -76.40 24.54 3.44
N PHE B 566 -76.31 24.84 2.14
CA PHE B 566 -76.43 23.85 1.08
C PHE B 566 -77.73 23.06 1.15
N ARG B 567 -78.84 23.73 1.49
CA ARG B 567 -80.14 23.05 1.49
C ARG B 567 -80.66 22.80 0.08
N TRP B 568 -80.09 23.47 -0.92
CA TRP B 568 -80.50 23.28 -2.30
C TRP B 568 -80.07 21.93 -2.87
N VAL B 569 -79.17 21.22 -2.17
CA VAL B 569 -78.66 19.95 -2.68
C VAL B 569 -79.78 18.93 -2.79
N GLU B 570 -80.66 18.88 -1.78
CA GLU B 570 -81.79 17.96 -1.83
C GLU B 570 -82.73 18.31 -2.98
N SER B 571 -82.94 19.61 -3.22
CA SER B 571 -83.76 20.02 -4.35
C SER B 571 -83.14 19.57 -5.67
N LEU B 572 -81.82 19.73 -5.81
CA LEU B 572 -81.15 19.28 -7.03
C LEU B 572 -81.27 17.78 -7.20
N LYS B 573 -81.14 17.03 -6.10
CA LYS B 573 -81.33 15.58 -6.16
C LYS B 573 -82.74 15.24 -6.62
N GLY B 574 -83.75 15.94 -6.10
CA GLY B 574 -85.12 15.71 -6.55
C GLY B 574 -85.31 16.02 -8.02
N ILE B 575 -84.70 17.11 -8.50
CA ILE B 575 -84.79 17.43 -9.91
C ILE B 575 -84.10 16.37 -10.76
N LEU B 576 -82.94 15.90 -10.30
CA LEU B 576 -82.16 14.90 -11.04
C LEU B 576 -82.54 13.47 -10.67
N ALA B 577 -83.57 13.29 -9.83
CA ALA B 577 -83.97 11.95 -9.41
C ALA B 577 -84.56 11.16 -10.57
N ASP B 578 -85.63 11.68 -11.16
CA ASP B 578 -86.31 10.97 -12.25
C ASP B 578 -85.46 10.95 -13.51
N GLU B 579 -85.18 9.75 -14.03
CA GLU B 579 -84.38 9.63 -15.24
C GLU B 579 -85.14 10.07 -16.49
N ASP B 580 -86.47 9.97 -16.48
CA ASP B 580 -87.28 10.34 -17.64
C ASP B 580 -87.74 11.79 -17.51
N SER B 581 -86.76 12.69 -17.41
CA SER B 581 -87.02 14.13 -17.34
C SER B 581 -86.89 14.78 -18.71
N SER B 582 -85.73 14.65 -19.35
CA SER B 582 -85.46 15.24 -20.66
C SER B 582 -85.71 16.75 -20.67
N ARG B 583 -85.43 17.39 -19.53
CA ARG B 583 -85.63 18.82 -19.39
C ARG B 583 -84.36 19.43 -18.80
N PRO B 584 -83.83 20.51 -19.37
CA PRO B 584 -82.58 21.07 -18.87
C PRO B 584 -82.71 21.60 -17.46
N VAL B 585 -81.61 21.53 -16.71
CA VAL B 585 -81.53 22.08 -15.36
C VAL B 585 -80.54 23.23 -15.38
N TRP B 586 -80.96 24.39 -14.86
CA TRP B 586 -80.17 25.62 -14.92
C TRP B 586 -79.85 26.05 -13.49
N LEU B 587 -78.62 25.84 -13.06
CA LEU B 587 -78.17 26.29 -11.75
C LEU B 587 -77.89 27.79 -11.80
N LYS B 588 -78.26 28.48 -10.72
CA LYS B 588 -78.15 29.93 -10.66
C LYS B 588 -77.37 30.33 -9.41
N ALA B 589 -76.30 31.10 -9.60
CA ALA B 589 -75.57 31.74 -8.51
C ALA B 589 -75.60 33.25 -8.76
N ILE B 590 -76.19 33.99 -7.82
CA ILE B 590 -76.46 35.41 -8.05
C ILE B 590 -75.79 36.28 -7.00
N ASN B 591 -76.15 36.09 -5.73
CA ASN B 591 -75.75 36.99 -4.67
C ASN B 591 -74.40 36.59 -4.07
N CYS B 592 -73.59 35.83 -4.81
CA CYS B 592 -72.25 35.48 -4.35
C CYS B 592 -71.40 35.14 -5.57
N ALA B 593 -70.54 36.07 -5.98
CA ALA B 593 -69.58 35.77 -7.03
C ALA B 593 -68.59 34.71 -6.59
N THR B 594 -68.46 34.51 -5.29
CA THR B 594 -67.58 33.48 -4.72
C THR B 594 -68.32 32.15 -4.73
N SER B 595 -68.54 31.62 -5.92
CA SER B 595 -69.24 30.36 -6.11
C SER B 595 -68.35 29.38 -6.88
N GLY B 596 -68.41 28.12 -6.47
CA GLY B 596 -67.64 27.08 -7.13
C GLY B 596 -68.52 26.15 -7.91
N VAL B 597 -69.63 26.67 -8.41
CA VAL B 597 -70.59 25.87 -9.15
C VAL B 597 -69.99 25.42 -10.49
N VAL B 598 -68.90 26.05 -10.93
CA VAL B 598 -68.23 25.60 -12.15
C VAL B 598 -67.70 24.19 -11.97
N GLY B 599 -66.96 23.95 -10.88
CA GLY B 599 -66.47 22.61 -10.61
C GLY B 599 -67.58 21.62 -10.32
N LEU B 600 -68.65 22.08 -9.65
CA LEU B 600 -69.76 21.19 -9.37
C LEU B 600 -70.46 20.75 -10.64
N VAL B 601 -70.67 21.67 -11.59
CA VAL B 601 -71.33 21.29 -12.84
C VAL B 601 -70.39 20.45 -13.69
N ASN B 602 -69.08 20.71 -13.61
CA ASN B 602 -68.12 19.88 -14.34
C ASN B 602 -68.13 18.44 -13.83
N CYS B 603 -68.16 18.26 -12.51
CA CYS B 603 -68.12 16.91 -11.95
C CYS B 603 -69.47 16.21 -12.06
N LEU B 604 -70.56 16.94 -11.94
CA LEU B 604 -71.90 16.37 -12.04
C LEU B 604 -72.34 16.11 -13.46
N ARG B 605 -71.72 16.77 -14.43
CA ARG B 605 -72.05 16.55 -15.82
C ARG B 605 -71.66 15.16 -16.31
N ARG B 606 -70.64 14.54 -15.70
CA ARG B 606 -70.24 13.18 -16.07
C ARG B 606 -70.79 12.16 -15.09
N GLU B 607 -71.70 12.59 -14.21
CA GLU B 607 -72.31 11.68 -13.25
C GLU B 607 -73.13 10.62 -13.99
N PRO B 608 -73.05 9.35 -13.56
CA PRO B 608 -73.92 8.33 -14.16
C PRO B 608 -75.37 8.54 -13.77
N GLY B 609 -76.21 8.91 -14.73
CA GLY B 609 -77.59 9.25 -14.44
C GLY B 609 -77.77 10.74 -14.26
N GLY B 610 -78.59 11.36 -15.12
CA GLY B 610 -78.73 12.80 -15.08
C GLY B 610 -77.50 13.54 -15.57
N ASN B 611 -76.69 12.91 -16.42
CA ASN B 611 -75.47 13.53 -16.91
C ASN B 611 -75.78 14.79 -17.72
N ARG B 612 -76.71 14.68 -18.67
CA ARG B 612 -77.12 15.83 -19.47
C ARG B 612 -78.22 16.65 -18.81
N LEU B 613 -78.75 16.19 -17.67
CA LEU B 613 -79.80 16.94 -16.98
C LEU B 613 -79.29 18.29 -16.52
N ARG B 614 -78.22 18.31 -15.72
CA ARG B 614 -77.58 19.56 -15.34
C ARG B 614 -76.87 20.12 -16.55
N CYS B 615 -77.47 21.13 -17.19
CA CYS B 615 -77.00 21.63 -18.48
C CYS B 615 -76.01 22.77 -18.33
N VAL B 616 -76.43 23.88 -17.69
CA VAL B 616 -75.61 25.09 -17.67
C VAL B 616 -75.70 25.72 -16.29
N LEU B 617 -74.81 26.67 -16.04
CA LEU B 617 -74.77 27.46 -14.83
C LEU B 617 -74.88 28.94 -15.17
N LEU B 618 -75.25 29.73 -14.17
CA LEU B 618 -75.33 31.19 -14.30
C LEU B 618 -74.53 31.80 -13.15
N SER B 619 -73.28 32.13 -13.41
CA SER B 619 -72.39 32.70 -12.42
C SER B 619 -72.05 34.14 -12.81
N ASN B 620 -72.27 35.06 -11.88
CA ASN B 620 -71.97 36.48 -12.09
C ASN B 620 -70.70 36.79 -11.30
N LEU B 621 -69.55 36.57 -11.93
CA LEU B 621 -68.26 36.76 -11.29
C LEU B 621 -67.72 38.16 -11.63
N SER B 622 -68.34 39.15 -11.02
CA SER B 622 -67.92 40.54 -11.17
C SER B 622 -66.79 40.82 -10.19
N SER B 623 -65.55 40.57 -10.62
CA SER B 623 -64.37 40.74 -9.76
C SER B 623 -63.99 42.22 -9.71
N THR B 624 -64.79 42.98 -8.97
CA THR B 624 -64.56 44.41 -8.81
C THR B 624 -65.22 44.85 -7.50
N SER B 625 -64.81 46.05 -7.04
CA SER B 625 -65.36 46.63 -5.83
C SER B 625 -66.71 47.28 -6.11
N HIS B 626 -67.66 46.43 -6.53
CA HIS B 626 -69.00 46.86 -6.91
C HIS B 626 -68.98 47.95 -7.98
N VAL B 627 -68.01 47.85 -8.89
CA VAL B 627 -67.86 48.81 -9.97
C VAL B 627 -68.94 48.54 -11.02
N PRO B 628 -68.98 47.33 -11.60
CA PRO B 628 -70.02 47.04 -12.60
C PRO B 628 -71.34 46.65 -11.95
N GLU B 629 -72.38 46.48 -12.76
CA GLU B 629 -73.70 46.12 -12.24
C GLU B 629 -74.46 45.36 -13.32
N VAL B 630 -75.01 44.21 -12.94
CA VAL B 630 -75.82 43.40 -13.85
C VAL B 630 -76.75 42.52 -13.03
N ASP B 631 -77.94 42.27 -13.56
CA ASP B 631 -78.92 41.44 -12.87
C ASP B 631 -79.62 40.52 -13.87
N PRO B 632 -79.83 39.26 -13.53
CA PRO B 632 -80.51 38.35 -14.46
C PRO B 632 -82.01 38.59 -14.51
N GLY B 633 -82.67 38.01 -15.51
CA GLY B 633 -84.10 38.17 -15.65
C GLY B 633 -84.60 37.47 -16.89
N SER B 634 -85.90 37.56 -17.12
CA SER B 634 -86.52 36.87 -18.25
C SER B 634 -85.91 37.33 -19.57
N ALA B 635 -85.71 38.64 -19.71
CA ALA B 635 -85.01 39.16 -20.89
C ALA B 635 -83.56 38.72 -20.90
N GLU B 636 -82.91 38.76 -19.73
CA GLU B 636 -81.51 38.35 -19.64
C GLU B 636 -81.33 36.87 -19.89
N LEU B 637 -82.25 36.04 -19.39
CA LEU B 637 -82.15 34.59 -19.60
C LEU B 637 -82.25 34.25 -21.07
N GLN B 638 -83.07 34.99 -21.82
CA GLN B 638 -83.32 34.65 -23.23
C GLN B 638 -82.02 34.63 -24.02
N LYS B 639 -81.14 35.63 -23.81
CA LYS B 639 -79.87 35.64 -24.51
C LYS B 639 -79.02 34.42 -24.15
N VAL B 640 -78.97 34.07 -22.87
CA VAL B 640 -78.25 32.87 -22.45
C VAL B 640 -78.95 31.58 -22.85
N LEU B 641 -80.27 31.48 -22.68
CA LEU B 641 -81.00 30.27 -22.99
C LEU B 641 -81.07 29.98 -24.48
N GLN B 642 -80.90 31.00 -25.33
CA GLN B 642 -80.92 30.77 -26.77
C GLN B 642 -79.78 29.85 -27.19
N GLY B 643 -78.59 30.07 -26.64
CA GLY B 643 -77.47 29.18 -26.91
C GLY B 643 -77.21 28.21 -25.78
N ASP B 644 -77.44 26.93 -26.03
CA ASP B 644 -77.30 25.90 -25.00
C ASP B 644 -75.81 25.62 -24.78
N LEU B 645 -75.18 26.53 -24.03
CA LEU B 645 -73.77 26.43 -23.69
C LEU B 645 -73.63 26.00 -22.24
N VAL B 646 -72.74 25.03 -21.99
CA VAL B 646 -72.56 24.51 -20.65
C VAL B 646 -72.06 25.61 -19.71
N MET B 647 -71.12 26.42 -20.18
CA MET B 647 -70.52 27.48 -19.37
C MET B 647 -71.09 28.83 -19.81
N ASN B 648 -71.59 29.59 -18.85
CA ASN B 648 -72.12 30.94 -19.11
C ASN B 648 -71.73 31.81 -17.92
N VAL B 649 -70.68 32.59 -18.08
CA VAL B 649 -70.11 33.39 -17.01
C VAL B 649 -70.06 34.86 -17.45
N TYR B 650 -70.53 35.75 -16.58
CA TYR B 650 -70.48 37.19 -16.80
C TYR B 650 -69.40 37.78 -15.90
N ARG B 651 -68.33 38.30 -16.52
CA ARG B 651 -67.18 38.82 -15.80
C ARG B 651 -67.00 40.30 -16.14
N ASP B 652 -67.51 41.16 -15.26
CA ASP B 652 -67.24 42.61 -15.30
C ASP B 652 -67.56 43.22 -16.66
N GLY B 653 -68.69 42.81 -17.24
CA GLY B 653 -69.15 43.47 -18.46
C GLY B 653 -69.34 42.56 -19.65
N ALA B 654 -68.58 41.47 -19.72
CA ALA B 654 -68.60 40.58 -20.87
C ALA B 654 -69.03 39.19 -20.44
N TRP B 655 -69.74 38.52 -21.35
CA TRP B 655 -70.17 37.14 -21.12
C TRP B 655 -69.23 36.19 -21.83
N GLY B 656 -68.83 35.14 -21.13
CA GLY B 656 -67.89 34.20 -21.69
C GLY B 656 -67.79 32.94 -20.86
N ALA B 657 -66.70 32.21 -21.08
CA ALA B 657 -66.48 30.95 -20.39
C ALA B 657 -65.03 30.87 -19.91
N PHE B 658 -64.80 30.02 -18.92
CA PHE B 658 -63.47 29.77 -18.38
C PHE B 658 -62.79 28.72 -19.26
N ARG B 659 -61.54 28.99 -19.62
CA ARG B 659 -60.79 28.12 -20.51
C ARG B 659 -59.59 27.54 -19.77
N HIS B 660 -59.43 26.21 -19.86
CA HIS B 660 -58.33 25.49 -19.25
C HIS B 660 -57.37 24.97 -20.32
N PHE B 661 -57.38 25.59 -21.49
CA PHE B 661 -56.68 25.05 -22.66
C PHE B 661 -55.40 25.82 -22.99
N LEU B 662 -55.31 27.07 -22.58
CA LEU B 662 -54.14 27.90 -22.89
C LEU B 662 -52.86 27.31 -22.29
N LEU B 663 -51.81 27.25 -23.11
CA LEU B 663 -50.55 26.66 -22.71
C LEU B 663 -49.67 27.68 -21.99
N GLU B 664 -48.47 27.23 -21.60
CA GLU B 664 -47.51 28.08 -20.92
C GLU B 664 -46.31 28.37 -21.82
N GLU B 665 -45.39 29.17 -21.31
CA GLU B 665 -44.23 29.63 -22.07
C GLU B 665 -42.92 29.23 -21.41
N ASP B 666 -41.80 29.74 -21.93
CA ASP B 666 -40.48 29.33 -21.51
C ASP B 666 -40.07 30.09 -20.24
N LYS B 667 -38.85 29.81 -19.76
CA LYS B 667 -38.38 30.39 -18.51
C LYS B 667 -38.51 31.91 -18.42
N PRO B 668 -38.80 32.43 -17.23
CA PRO B 668 -38.79 33.87 -17.02
C PRO B 668 -37.43 34.38 -16.55
N GLU B 669 -37.15 35.63 -16.87
CA GLU B 669 -35.90 36.26 -16.51
C GLU B 669 -36.17 37.62 -15.89
N GLU B 670 -35.32 38.02 -14.96
CA GLU B 670 -35.43 39.30 -14.27
C GLU B 670 -34.06 39.95 -14.16
N PRO B 671 -34.00 41.28 -14.21
CA PRO B 671 -32.72 41.98 -14.02
C PRO B 671 -32.37 42.08 -12.55
N THR B 672 -31.24 41.50 -12.17
CA THR B 672 -30.81 41.44 -10.78
C THR B 672 -29.34 41.83 -10.66
N ALA B 673 -28.92 42.11 -9.43
CA ALA B 673 -27.53 42.42 -9.14
C ALA B 673 -26.78 41.27 -8.46
N HIS B 674 -27.49 40.24 -8.03
CA HIS B 674 -26.88 39.07 -7.40
C HIS B 674 -27.29 37.83 -8.17
N ALA B 675 -26.31 37.04 -8.60
CA ALA B 675 -26.59 35.85 -9.40
C ALA B 675 -25.38 34.93 -9.36
N PHE B 676 -25.53 33.77 -9.99
CA PHE B 676 -24.44 32.82 -10.15
C PHE B 676 -24.69 32.00 -11.41
N VAL B 677 -23.80 31.04 -11.66
CA VAL B 677 -23.92 30.14 -12.80
C VAL B 677 -24.10 28.72 -12.27
N SER B 678 -24.99 27.96 -12.91
CA SER B 678 -25.24 26.58 -12.53
C SER B 678 -25.64 25.78 -13.76
N THR B 679 -25.47 24.47 -13.67
CA THR B 679 -25.89 23.55 -14.73
C THR B 679 -27.33 23.15 -14.47
N LEU B 680 -28.25 23.62 -15.31
CA LEU B 680 -29.65 23.27 -15.14
C LEU B 680 -29.87 21.77 -15.28
N THR B 681 -29.23 21.15 -16.26
CA THR B 681 -29.23 19.71 -16.42
C THR B 681 -27.81 19.18 -16.18
N ARG B 682 -27.69 18.22 -15.28
CA ARG B 682 -26.38 17.70 -14.91
C ARG B 682 -25.71 17.02 -16.09
N GLY B 683 -24.41 17.28 -16.25
CA GLY B 683 -23.61 16.65 -17.28
C GLY B 683 -23.64 17.34 -18.63
N ASP B 684 -24.44 18.39 -18.79
CA ASP B 684 -24.55 19.10 -20.06
C ASP B 684 -23.95 20.49 -19.92
N LEU B 685 -22.98 20.79 -20.78
CA LEU B 685 -22.30 22.08 -20.73
C LEU B 685 -23.01 23.17 -21.50
N SER B 686 -24.07 22.84 -22.23
CA SER B 686 -24.87 23.83 -22.93
C SER B 686 -26.03 24.36 -22.09
N SER B 687 -26.21 23.84 -20.88
CA SER B 687 -27.28 24.27 -19.99
C SER B 687 -26.79 25.24 -18.92
N ILE B 688 -25.58 25.77 -19.07
CA ILE B 688 -25.01 26.69 -18.09
C ILE B 688 -25.57 28.08 -18.35
N ARG B 689 -26.23 28.66 -17.35
CA ARG B 689 -26.83 29.98 -17.48
C ARG B 689 -26.73 30.70 -16.14
N TRP B 690 -27.10 31.98 -16.16
CA TRP B 690 -27.07 32.80 -14.96
C TRP B 690 -28.39 32.67 -14.19
N VAL B 691 -28.27 32.34 -12.91
CA VAL B 691 -29.43 32.08 -12.05
C VAL B 691 -29.37 33.05 -10.87
N CYS B 692 -30.51 33.64 -10.54
CA CYS B 692 -30.57 34.56 -9.41
C CYS B 692 -30.19 33.85 -8.12
N SER B 693 -29.48 34.56 -7.25
CA SER B 693 -28.89 33.98 -6.06
C SER B 693 -29.68 34.37 -4.81
N SER B 694 -29.37 33.70 -3.71
CA SER B 694 -30.04 33.91 -2.44
C SER B 694 -29.43 35.05 -1.63
N LEU B 695 -28.40 35.70 -2.15
CA LEU B 695 -27.73 36.77 -1.41
C LEU B 695 -28.48 38.09 -1.45
N ARG B 696 -29.45 38.24 -2.36
CA ARG B 696 -30.19 39.50 -2.44
C ARG B 696 -31.19 39.63 -1.30
N HIS B 697 -31.90 38.55 -0.98
CA HIS B 697 -32.94 38.62 0.05
C HIS B 697 -32.33 38.68 1.45
N ALA B 698 -31.31 37.88 1.70
CA ALA B 698 -30.69 37.79 3.02
C ALA B 698 -29.24 38.24 2.92
N GLN B 699 -28.91 39.32 3.61
CA GLN B 699 -27.53 39.81 3.71
C GLN B 699 -27.23 40.11 5.17
N PRO B 700 -27.22 39.08 6.03
CA PRO B 700 -26.97 39.33 7.46
C PRO B 700 -25.63 39.98 7.74
N THR B 701 -24.59 39.59 7.01
CA THR B 701 -23.25 40.14 7.16
C THR B 701 -22.80 40.13 8.62
N CYS B 702 -22.69 38.93 9.17
CA CYS B 702 -22.29 38.74 10.56
C CYS B 702 -20.86 39.21 10.77
N PRO B 703 -20.40 39.31 12.02
CA PRO B 703 -19.02 39.75 12.25
C PRO B 703 -17.98 38.86 11.59
N GLY B 704 -18.24 37.56 11.51
CA GLY B 704 -17.33 36.66 10.82
C GLY B 704 -17.70 36.46 9.37
N ALA B 705 -18.25 37.50 8.75
CA ALA B 705 -18.64 37.43 7.34
C ALA B 705 -18.56 38.83 6.73
N GLN B 706 -18.47 38.85 5.41
CA GLN B 706 -18.38 40.11 4.67
C GLN B 706 -18.78 39.85 3.23
N LEU B 707 -19.46 40.82 2.63
CA LEU B 707 -19.96 40.70 1.26
C LEU B 707 -19.05 41.48 0.32
N CYS B 708 -18.56 40.80 -0.71
CA CYS B 708 -17.64 41.40 -1.68
C CYS B 708 -18.18 41.22 -3.09
N THR B 709 -18.01 42.27 -3.90
CA THR B 709 -18.40 42.24 -5.30
C THR B 709 -17.27 41.65 -6.12
N VAL B 710 -17.62 40.71 -7.00
CA VAL B 710 -16.64 39.93 -7.76
C VAL B 710 -16.49 40.54 -9.15
N TYR B 711 -15.26 40.82 -9.54
CA TYR B 711 -14.95 41.25 -10.91
C TYR B 711 -14.40 40.12 -11.76
N TYR B 712 -13.54 39.28 -11.20
CA TYR B 712 -12.92 38.18 -11.92
C TYR B 712 -13.01 36.91 -11.09
N ALA B 713 -13.33 35.80 -11.76
CA ALA B 713 -13.40 34.50 -11.11
C ALA B 713 -12.60 33.49 -11.92
N SER B 714 -11.99 32.53 -11.22
CA SER B 714 -11.09 31.57 -11.83
C SER B 714 -11.71 30.18 -11.83
N LEU B 715 -11.45 29.43 -12.89
CA LEU B 715 -11.98 28.08 -13.07
C LEU B 715 -10.92 27.07 -12.66
N ASN B 716 -11.36 25.97 -12.05
CA ASN B 716 -10.46 24.92 -11.61
C ASN B 716 -10.96 23.57 -12.13
N PHE B 717 -10.14 22.54 -11.92
CA PHE B 717 -10.46 21.21 -12.45
C PHE B 717 -11.70 20.64 -11.78
N ARG B 718 -11.88 20.92 -10.49
CA ARG B 718 -13.09 20.49 -9.77
C ARG B 718 -14.33 21.08 -10.43
N ASP B 719 -14.24 22.30 -10.94
CA ASP B 719 -15.38 22.91 -11.62
C ASP B 719 -15.75 22.14 -12.88
N ILE B 720 -14.75 21.73 -13.67
CA ILE B 720 -15.02 20.94 -14.87
C ILE B 720 -15.63 19.60 -14.49
N MET B 721 -15.09 18.96 -13.44
CA MET B 721 -15.63 17.66 -13.02
C MET B 721 -17.08 17.79 -12.57
N LEU B 722 -17.40 18.84 -11.81
CA LEU B 722 -18.78 19.04 -11.38
C LEU B 722 -19.70 19.36 -12.55
N ALA B 723 -19.26 20.20 -13.48
CA ALA B 723 -20.10 20.60 -14.60
C ALA B 723 -20.37 19.45 -15.56
N THR B 724 -19.37 18.62 -15.85
CA THR B 724 -19.55 17.51 -16.77
C THR B 724 -20.15 16.28 -16.09
N GLY B 725 -20.19 16.23 -14.77
CA GLY B 725 -20.90 15.19 -14.06
C GLY B 725 -20.07 14.05 -13.52
N LYS B 726 -18.75 14.03 -13.76
CA LYS B 726 -17.93 12.97 -13.18
C LYS B 726 -17.84 13.08 -11.66
N LEU B 727 -18.02 14.27 -11.11
CA LEU B 727 -17.90 14.49 -9.67
C LEU B 727 -19.27 14.78 -9.08
N SER B 728 -19.57 14.13 -7.96
CA SER B 728 -20.83 14.30 -7.24
C SER B 728 -20.77 15.54 -6.35
N PRO B 729 -21.87 16.30 -6.27
CA PRO B 729 -21.89 17.48 -5.40
C PRO B 729 -21.67 17.17 -3.93
N ASP B 730 -21.96 15.96 -3.49
CA ASP B 730 -21.78 15.59 -2.09
C ASP B 730 -20.32 15.38 -1.72
N ALA B 731 -19.44 15.20 -2.70
CA ALA B 731 -18.01 15.09 -2.41
C ALA B 731 -17.40 16.41 -1.96
N ILE B 732 -18.06 17.53 -2.23
CA ILE B 732 -17.57 18.83 -1.77
C ILE B 732 -17.71 18.92 -0.26
N PRO B 733 -16.64 19.25 0.47
CA PRO B 733 -16.76 19.29 1.94
C PRO B 733 -17.48 20.54 2.43
N GLY B 734 -18.50 20.34 3.25
CA GLY B 734 -19.25 21.44 3.81
C GLY B 734 -20.71 21.07 3.94
N LYS B 735 -21.47 22.01 4.51
CA LYS B 735 -22.92 21.84 4.69
C LYS B 735 -23.62 22.30 3.42
N TRP B 736 -23.64 21.43 2.43
CA TRP B 736 -24.23 21.70 1.12
C TRP B 736 -25.41 20.78 0.87
N THR B 737 -26.24 20.57 1.89
CA THR B 737 -27.41 19.70 1.78
C THR B 737 -28.47 20.25 0.85
N SER B 738 -28.39 21.53 0.48
CA SER B 738 -29.33 22.15 -0.44
C SER B 738 -28.74 22.12 -1.84
N GLN B 739 -29.52 21.62 -2.80
CA GLN B 739 -29.06 21.53 -4.18
C GLN B 739 -28.90 22.92 -4.77
N ASP B 740 -27.66 23.35 -4.97
CA ASP B 740 -27.37 24.66 -5.51
C ASP B 740 -26.03 24.61 -6.22
N SER B 741 -25.66 25.74 -6.84
CA SER B 741 -24.41 25.81 -7.57
C SER B 741 -23.22 25.67 -6.61
N LEU B 742 -22.20 24.95 -7.07
CA LEU B 742 -20.97 24.76 -6.30
C LEU B 742 -19.72 25.06 -7.12
N LEU B 743 -19.80 25.97 -8.09
CA LEU B 743 -18.71 26.24 -8.99
C LEU B 743 -17.89 27.44 -8.53
N GLY B 744 -16.58 27.24 -8.44
CA GLY B 744 -15.67 28.32 -8.13
C GLY B 744 -14.98 28.13 -6.79
N MET B 745 -13.72 28.57 -6.73
CA MET B 745 -12.95 28.50 -5.50
C MET B 745 -12.21 29.79 -5.16
N GLU B 746 -12.07 30.73 -6.07
CA GLU B 746 -11.35 31.96 -5.81
C GLU B 746 -11.91 33.07 -6.69
N PHE B 747 -11.64 34.31 -6.30
CA PHE B 747 -12.19 35.46 -6.98
C PHE B 747 -11.29 36.67 -6.76
N SER B 748 -11.69 37.80 -7.33
CA SER B 748 -11.01 39.06 -7.12
C SER B 748 -11.99 40.19 -7.38
N GLY B 749 -11.97 41.19 -6.50
CA GLY B 749 -12.90 42.30 -6.61
C GLY B 749 -12.74 43.31 -5.50
N ARG B 750 -13.84 43.92 -5.09
CA ARG B 750 -13.83 44.95 -4.05
C ARG B 750 -14.71 44.53 -2.89
N ASP B 751 -14.29 44.88 -1.68
CA ASP B 751 -15.06 44.60 -0.47
C ASP B 751 -16.10 45.70 -0.27
N ALA B 752 -16.71 45.72 0.92
CA ALA B 752 -17.76 46.71 1.20
C ALA B 752 -17.23 48.13 1.13
N SER B 753 -16.00 48.36 1.56
CA SER B 753 -15.41 49.70 1.58
C SER B 753 -14.77 50.07 0.25
N GLY B 754 -14.81 49.21 -0.76
CA GLY B 754 -14.22 49.49 -2.04
C GLY B 754 -12.76 49.15 -2.18
N LYS B 755 -12.15 48.56 -1.16
CA LYS B 755 -10.75 48.16 -1.22
C LYS B 755 -10.58 46.99 -2.18
N ARG B 756 -9.50 47.03 -2.96
CA ARG B 756 -9.26 46.00 -3.96
C ARG B 756 -8.69 44.76 -3.28
N VAL B 757 -9.47 43.68 -3.29
CA VAL B 757 -9.20 42.51 -2.46
C VAL B 757 -9.34 41.25 -3.32
N MET B 758 -8.59 40.22 -2.96
CA MET B 758 -8.73 38.88 -3.55
C MET B 758 -8.86 37.88 -2.41
N GLY B 759 -9.50 36.75 -2.71
CA GLY B 759 -9.76 35.78 -1.66
C GLY B 759 -10.03 34.39 -2.19
N LEU B 760 -10.18 33.47 -1.24
CA LEU B 760 -10.36 32.05 -1.52
C LEU B 760 -11.62 31.57 -0.80
N VAL B 761 -12.48 30.86 -1.53
CA VAL B 761 -13.76 30.40 -0.99
C VAL B 761 -13.89 28.89 -1.20
N PRO B 762 -14.65 28.18 -0.35
CA PRO B 762 -14.81 26.73 -0.56
C PRO B 762 -15.67 26.39 -1.76
N ALA B 763 -16.64 27.23 -2.10
CA ALA B 763 -17.53 26.96 -3.22
C ALA B 763 -18.25 28.26 -3.57
N LYS B 764 -19.09 28.16 -4.61
CA LYS B 764 -19.89 29.30 -5.08
C LYS B 764 -18.99 30.48 -5.49
N GLY B 765 -17.82 30.16 -6.04
CA GLY B 765 -16.92 31.22 -6.46
C GLY B 765 -17.45 32.04 -7.61
N LEU B 766 -18.00 31.38 -8.63
CA LEU B 766 -18.55 32.09 -9.79
C LEU B 766 -19.89 32.70 -9.40
N ALA B 767 -19.87 33.99 -9.08
CA ALA B 767 -21.07 34.72 -8.72
C ALA B 767 -20.80 36.21 -8.86
N THR B 768 -21.87 36.99 -8.88
CA THR B 768 -21.73 38.44 -8.92
C THR B 768 -21.30 39.00 -7.57
N SER B 769 -21.53 38.26 -6.49
CA SER B 769 -21.09 38.66 -5.17
C SER B 769 -20.84 37.41 -4.34
N VAL B 770 -19.99 37.54 -3.33
CA VAL B 770 -19.59 36.42 -2.48
C VAL B 770 -19.60 36.87 -1.03
N LEU B 771 -20.14 36.01 -0.16
CA LEU B 771 -20.12 36.23 1.28
C LEU B 771 -19.10 35.28 1.89
N LEU B 772 -18.10 35.83 2.58
CA LEU B 772 -17.02 35.01 3.11
C LEU B 772 -16.41 35.69 4.32
N SER B 773 -15.67 34.89 5.10
CA SER B 773 -14.99 35.40 6.28
C SER B 773 -13.80 36.27 5.84
N PRO B 774 -13.45 37.29 6.64
CA PRO B 774 -12.28 38.11 6.30
C PRO B 774 -10.95 37.40 6.46
N ASP B 775 -10.92 36.21 7.09
CA ASP B 775 -9.67 35.48 7.23
C ASP B 775 -9.13 35.04 5.87
N PHE B 776 -10.02 34.65 4.96
CA PHE B 776 -9.63 34.17 3.64
C PHE B 776 -9.57 35.32 2.63
N LEU B 777 -8.83 36.37 2.96
CA LEU B 777 -8.73 37.55 2.09
C LEU B 777 -7.29 38.05 2.09
N TRP B 778 -6.88 38.62 0.96
CA TRP B 778 -5.59 39.29 0.83
C TRP B 778 -5.78 40.62 0.12
N ASP B 779 -4.81 41.51 0.32
CA ASP B 779 -4.82 42.82 -0.32
C ASP B 779 -4.02 42.76 -1.61
N VAL B 780 -4.60 43.27 -2.68
CA VAL B 780 -3.94 43.28 -3.98
C VAL B 780 -2.91 44.42 -4.00
N PRO B 781 -1.64 44.14 -4.26
CA PRO B 781 -0.64 45.21 -4.33
C PRO B 781 -0.92 46.15 -5.50
N SER B 782 -0.41 47.37 -5.36
CA SER B 782 -0.71 48.43 -6.32
C SER B 782 -0.19 48.15 -7.71
N ASN B 783 0.81 47.27 -7.85
CA ASN B 783 1.39 46.96 -9.15
C ASN B 783 0.63 45.86 -9.89
N TRP B 784 -0.39 45.28 -9.28
CA TRP B 784 -1.18 44.22 -9.88
C TRP B 784 -2.52 44.74 -10.34
N THR B 785 -3.02 44.19 -11.44
CA THR B 785 -4.42 44.37 -11.81
C THR B 785 -5.22 43.14 -11.40
N LEU B 786 -6.53 43.33 -11.25
CA LEU B 786 -7.38 42.26 -10.72
C LEU B 786 -7.37 41.03 -11.61
N GLU B 787 -7.20 41.23 -12.92
CA GLU B 787 -7.17 40.11 -13.86
C GLU B 787 -6.18 39.03 -13.44
N GLU B 788 -4.90 39.38 -13.35
CA GLU B 788 -3.91 38.38 -12.97
C GLU B 788 -3.98 38.07 -11.48
N ALA B 789 -4.55 38.99 -10.69
CA ALA B 789 -4.72 38.73 -9.27
C ALA B 789 -5.71 37.60 -9.00
N ALA B 790 -6.63 37.35 -9.94
CA ALA B 790 -7.61 36.29 -9.74
C ALA B 790 -6.99 34.90 -9.74
N SER B 791 -5.75 34.77 -10.23
CA SER B 791 -5.13 33.47 -10.42
C SER B 791 -4.24 33.05 -9.27
N VAL B 792 -3.99 33.93 -8.29
CA VAL B 792 -3.00 33.67 -7.25
C VAL B 792 -3.50 32.75 -6.13
N PRO B 793 -4.69 32.98 -5.52
CA PRO B 793 -4.97 32.39 -4.19
C PRO B 793 -4.82 30.88 -4.07
N VAL B 794 -5.61 30.09 -4.80
CA VAL B 794 -5.65 28.65 -4.53
C VAL B 794 -4.34 28.00 -4.92
N VAL B 795 -3.75 28.42 -6.05
CA VAL B 795 -2.53 27.81 -6.55
C VAL B 795 -1.39 27.98 -5.55
N TYR B 796 -1.09 29.23 -5.20
CA TYR B 796 0.01 29.49 -4.28
C TYR B 796 -0.30 29.00 -2.88
N SER B 797 -1.56 29.02 -2.47
CA SER B 797 -1.92 28.46 -1.16
C SER B 797 -1.61 26.98 -1.09
N THR B 798 -2.00 26.23 -2.12
CA THR B 798 -1.71 24.80 -2.16
C THR B 798 -0.21 24.55 -2.21
N ALA B 799 0.50 25.32 -3.03
CA ALA B 799 1.95 25.13 -3.15
C ALA B 799 2.66 25.39 -1.82
N TYR B 800 2.33 26.48 -1.15
CA TYR B 800 2.94 26.78 0.13
C TYR B 800 2.59 25.75 1.18
N TYR B 801 1.32 25.35 1.26
CA TYR B 801 0.93 24.36 2.26
C TYR B 801 1.65 23.04 2.02
N ALA B 802 1.80 22.62 0.77
CA ALA B 802 2.51 21.38 0.49
C ALA B 802 4.00 21.50 0.83
N LEU B 803 4.66 22.56 0.34
CA LEU B 803 6.10 22.62 0.44
C LEU B 803 6.57 23.04 1.83
N VAL B 804 6.16 24.22 2.30
CA VAL B 804 6.72 24.77 3.53
C VAL B 804 6.08 24.16 4.76
N VAL B 805 4.76 24.23 4.87
CA VAL B 805 4.08 23.73 6.07
C VAL B 805 4.19 22.21 6.21
N ARG B 806 3.96 21.47 5.13
CA ARG B 806 3.90 20.02 5.21
C ARG B 806 5.23 19.36 4.90
N GLY B 807 5.88 19.77 3.81
CA GLY B 807 7.14 19.17 3.42
C GLY B 807 8.34 19.67 4.21
N ARG B 808 8.26 20.93 4.66
CA ARG B 808 9.35 21.58 5.39
C ARG B 808 10.66 21.53 4.59
N VAL B 809 10.59 22.13 3.40
CA VAL B 809 11.73 22.14 2.49
C VAL B 809 12.77 23.12 2.99
N ARG B 810 14.03 22.69 3.02
CA ARG B 810 15.20 23.45 3.40
C ARG B 810 15.98 23.89 2.15
N PRO B 811 16.69 25.01 2.22
CA PRO B 811 17.43 25.47 1.03
C PRO B 811 18.50 24.49 0.61
N GLY B 812 18.68 24.36 -0.70
CA GLY B 812 19.68 23.46 -1.24
C GLY B 812 19.27 22.00 -1.22
N GLU B 813 18.15 21.67 -1.87
CA GLU B 813 17.68 20.30 -1.95
C GLU B 813 17.19 20.04 -3.37
N THR B 814 16.92 18.78 -3.66
CA THR B 814 16.47 18.35 -4.98
C THR B 814 14.98 18.06 -4.94
N LEU B 815 14.24 18.57 -5.91
CA LEU B 815 12.79 18.45 -5.98
C LEU B 815 12.37 17.93 -7.34
N LEU B 816 11.31 17.12 -7.35
CA LEU B 816 10.69 16.65 -8.58
C LEU B 816 9.25 17.15 -8.60
N ILE B 817 8.97 18.08 -9.51
CA ILE B 817 7.64 18.70 -9.62
C ILE B 817 6.99 18.15 -10.89
N HIS B 818 5.93 17.38 -10.72
CA HIS B 818 5.22 16.79 -11.84
C HIS B 818 4.29 17.82 -12.48
N SER B 819 4.17 17.76 -13.80
CA SER B 819 3.33 18.66 -14.59
C SER B 819 3.67 20.12 -14.27
N GLY B 820 4.93 20.46 -14.57
CA GLY B 820 5.46 21.77 -14.25
C GLY B 820 4.76 22.92 -14.95
N SER B 821 4.03 22.65 -16.03
CA SER B 821 3.32 23.70 -16.75
C SER B 821 1.99 24.06 -16.10
N GLY B 822 1.50 23.23 -15.18
CA GLY B 822 0.28 23.54 -14.46
C GLY B 822 0.49 24.64 -13.45
N GLY B 823 -0.63 25.14 -12.91
CA GLY B 823 -0.56 26.22 -11.94
C GLY B 823 0.21 25.83 -10.69
N VAL B 824 -0.17 24.71 -10.08
CA VAL B 824 0.50 24.26 -8.86
C VAL B 824 1.97 23.98 -9.15
N GLY B 825 2.25 23.38 -10.31
CA GLY B 825 3.64 23.15 -10.69
C GLY B 825 4.43 24.44 -10.81
N GLN B 826 3.84 25.46 -11.45
CA GLN B 826 4.53 26.73 -11.60
C GLN B 826 4.78 27.38 -10.26
N ALA B 827 3.80 27.35 -9.36
CA ALA B 827 3.98 27.94 -8.04
C ALA B 827 5.06 27.22 -7.24
N ALA B 828 5.06 25.88 -7.30
CA ALA B 828 6.09 25.12 -6.61
C ALA B 828 7.47 25.40 -7.20
N ILE B 829 7.55 25.53 -8.52
CA ILE B 829 8.82 25.87 -9.16
C ILE B 829 9.31 27.21 -8.67
N ALA B 830 8.42 28.21 -8.62
CA ALA B 830 8.81 29.54 -8.17
C ALA B 830 9.31 29.50 -6.72
N ILE B 831 8.58 28.79 -5.85
CA ILE B 831 8.99 28.73 -4.44
C ILE B 831 10.33 28.04 -4.29
N ALA B 832 10.51 26.91 -4.98
CA ALA B 832 11.77 26.17 -4.87
C ALA B 832 12.93 26.98 -5.40
N LEU B 833 12.75 27.66 -6.54
CA LEU B 833 13.82 28.49 -7.08
C LEU B 833 14.13 29.65 -6.15
N SER B 834 13.11 30.26 -5.53
CA SER B 834 13.36 31.30 -4.57
C SER B 834 14.14 30.78 -3.36
N LEU B 835 13.91 29.53 -2.98
CA LEU B 835 14.68 28.94 -1.89
C LEU B 835 16.04 28.43 -2.33
N GLY B 836 16.34 28.45 -3.63
CA GLY B 836 17.63 27.98 -4.11
C GLY B 836 17.76 26.47 -4.06
N CYS B 837 16.97 25.77 -4.86
CA CYS B 837 16.93 24.32 -4.86
C CYS B 837 17.13 23.81 -6.29
N ARG B 838 17.54 22.54 -6.39
CA ARG B 838 17.72 21.86 -7.67
C ARG B 838 16.38 21.24 -8.06
N VAL B 839 15.90 21.56 -9.25
CA VAL B 839 14.52 21.30 -9.64
C VAL B 839 14.49 20.41 -10.87
N PHE B 840 13.71 19.33 -10.80
CA PHE B 840 13.39 18.50 -11.95
C PHE B 840 11.89 18.59 -12.19
N THR B 841 11.49 18.83 -13.43
CA THR B 841 10.08 18.95 -13.79
C THR B 841 9.77 18.07 -14.98
N THR B 842 8.64 17.37 -14.91
CA THR B 842 8.14 16.57 -16.01
C THR B 842 7.15 17.41 -16.81
N VAL B 843 7.29 17.40 -18.14
CA VAL B 843 6.54 18.29 -19.01
C VAL B 843 5.86 17.46 -20.09
N GLY B 844 4.68 17.91 -20.51
CA GLY B 844 3.90 17.21 -21.51
C GLY B 844 4.42 17.32 -22.93
N SER B 845 4.68 18.54 -23.39
CA SER B 845 5.09 18.79 -24.76
C SER B 845 6.31 19.70 -24.81
N ALA B 846 6.76 19.99 -26.03
CA ALA B 846 7.93 20.85 -26.22
C ALA B 846 7.58 22.32 -26.04
N GLU B 847 6.37 22.73 -26.45
CA GLU B 847 5.98 24.13 -26.28
C GLU B 847 5.92 24.50 -24.81
N LYS B 848 5.43 23.59 -23.96
CA LYS B 848 5.42 23.83 -22.53
C LYS B 848 6.84 23.95 -21.98
N ARG B 849 7.76 23.13 -22.50
CA ARG B 849 9.16 23.25 -22.11
C ARG B 849 9.72 24.61 -22.47
N ALA B 850 9.43 25.08 -23.68
CA ALA B 850 9.92 26.40 -24.10
C ALA B 850 9.33 27.49 -23.23
N TYR B 851 8.04 27.42 -22.91
CA TYR B 851 7.43 28.41 -22.04
C TYR B 851 8.05 28.39 -20.65
N LEU B 852 8.30 27.21 -20.10
CA LEU B 852 8.94 27.13 -18.79
C LEU B 852 10.34 27.69 -18.81
N GLN B 853 11.10 27.41 -19.87
CA GLN B 853 12.45 27.97 -19.97
C GLN B 853 12.42 29.48 -20.07
N ALA B 854 11.47 30.04 -20.83
CA ALA B 854 11.33 31.48 -20.90
C ALA B 854 10.92 32.07 -19.55
N ARG B 855 10.06 31.37 -18.83
CA ARG B 855 9.53 31.89 -17.57
C ARG B 855 10.57 31.83 -16.45
N PHE B 856 11.33 30.74 -16.37
CA PHE B 856 12.30 30.52 -15.31
C PHE B 856 13.69 30.35 -15.94
N PRO B 857 14.46 31.44 -16.06
CA PRO B 857 15.78 31.34 -16.71
C PRO B 857 16.82 30.59 -15.89
N GLN B 858 16.50 30.15 -14.67
CA GLN B 858 17.42 29.39 -13.84
C GLN B 858 17.36 27.89 -14.10
N LEU B 859 16.54 27.46 -15.06
CA LEU B 859 16.39 26.05 -15.39
C LEU B 859 17.20 25.74 -16.63
N ASP B 860 17.95 24.64 -16.57
CA ASP B 860 18.79 24.18 -17.67
C ASP B 860 18.12 23.00 -18.37
N SER B 861 18.76 22.51 -19.43
CA SER B 861 18.19 21.43 -20.22
C SER B 861 18.12 20.11 -19.46
N THR B 862 18.91 19.97 -18.39
CA THR B 862 18.90 18.74 -17.60
C THR B 862 17.74 18.67 -16.61
N SER B 863 16.96 19.74 -16.48
CA SER B 863 15.88 19.80 -15.52
C SER B 863 14.54 19.32 -16.07
N PHE B 864 14.46 19.01 -17.35
CA PHE B 864 13.20 18.66 -18.00
C PHE B 864 13.16 17.18 -18.32
N ALA B 865 11.99 16.57 -18.14
CA ALA B 865 11.74 15.19 -18.49
C ALA B 865 10.42 15.11 -19.25
N ASN B 866 9.94 13.89 -19.48
CA ASN B 866 8.69 13.67 -20.18
C ASN B 866 7.64 13.14 -19.21
N SER B 867 6.46 13.77 -19.23
CA SER B 867 5.39 13.45 -18.31
C SER B 867 4.41 12.43 -18.87
N ARG B 868 4.59 12.00 -20.10
CA ARG B 868 3.67 11.07 -20.75
C ARG B 868 4.09 9.61 -20.63
N ASP B 869 5.19 9.34 -19.93
CA ASP B 869 5.62 7.97 -19.69
C ASP B 869 6.50 7.96 -18.44
N THR B 870 7.13 6.80 -18.19
CA THR B 870 7.94 6.62 -17.00
C THR B 870 9.43 6.81 -17.26
N SER B 871 9.80 7.56 -18.30
CA SER B 871 11.23 7.81 -18.55
C SER B 871 11.82 8.78 -17.55
N PHE B 872 10.97 9.60 -16.90
CA PHE B 872 11.48 10.56 -15.92
C PHE B 872 12.19 9.85 -14.78
N GLU B 873 11.78 8.63 -14.46
CA GLU B 873 12.46 7.88 -13.42
C GLU B 873 13.92 7.64 -13.77
N GLN B 874 14.18 7.15 -14.98
CA GLN B 874 15.55 6.94 -15.42
C GLN B 874 16.30 8.25 -15.52
N HIS B 875 15.63 9.31 -16.00
CA HIS B 875 16.29 10.60 -16.12
C HIS B 875 16.78 11.10 -14.76
N VAL B 876 15.90 11.10 -13.75
CA VAL B 876 16.28 11.62 -12.45
C VAL B 876 17.29 10.70 -11.77
N LEU B 877 17.14 9.38 -11.95
CA LEU B 877 18.10 8.47 -11.35
C LEU B 877 19.48 8.57 -11.97
N TRP B 878 19.58 8.98 -13.23
CA TRP B 878 20.88 9.14 -13.86
C TRP B 878 21.50 10.51 -13.61
N HIS B 879 20.68 11.57 -13.52
CA HIS B 879 21.23 12.90 -13.28
C HIS B 879 21.48 13.21 -11.82
N THR B 880 21.00 12.37 -10.90
CA THR B 880 21.30 12.52 -9.48
C THR B 880 22.31 11.49 -8.99
N GLY B 881 22.95 10.75 -9.90
CA GLY B 881 23.91 9.75 -9.50
C GLY B 881 23.32 8.59 -8.72
N GLY B 882 22.09 8.19 -9.05
CA GLY B 882 21.47 7.05 -8.38
C GLY B 882 21.01 7.32 -6.97
N LYS B 883 20.96 8.57 -6.53
CA LYS B 883 20.54 8.89 -5.17
C LYS B 883 19.04 9.15 -5.10
N GLY B 884 18.51 9.92 -6.04
CA GLY B 884 17.12 10.32 -6.03
C GLY B 884 16.95 11.74 -5.53
N VAL B 885 15.69 12.14 -5.43
CA VAL B 885 15.34 13.49 -5.00
C VAL B 885 14.83 13.45 -3.57
N ASP B 886 14.72 14.63 -2.97
CA ASP B 886 14.28 14.74 -1.58
C ASP B 886 12.78 14.95 -1.45
N LEU B 887 12.16 15.69 -2.37
CA LEU B 887 10.73 15.94 -2.34
C LEU B 887 10.13 15.63 -3.70
N VAL B 888 8.95 15.03 -3.70
CA VAL B 888 8.19 14.75 -4.92
C VAL B 888 6.81 15.35 -4.75
N LEU B 889 6.44 16.26 -5.63
CA LEU B 889 5.09 16.82 -5.67
C LEU B 889 4.34 16.12 -6.79
N ASN B 890 3.63 15.05 -6.45
CA ASN B 890 3.04 14.15 -7.43
C ASN B 890 1.57 14.50 -7.67
N SER B 891 1.21 14.60 -8.95
CA SER B 891 -0.17 14.77 -9.35
C SER B 891 -0.55 13.84 -10.50
N LEU B 892 0.21 12.77 -10.70
CA LEU B 892 0.02 11.85 -11.81
C LEU B 892 -0.71 10.60 -11.36
N ALA B 893 -1.24 9.86 -12.34
CA ALA B 893 -2.10 8.73 -12.09
C ALA B 893 -1.29 7.45 -11.93
N GLU B 894 -1.96 6.31 -11.95
CA GLU B 894 -1.33 5.01 -11.73
C GLU B 894 -0.26 4.71 -12.78
N GLU B 895 0.60 3.73 -12.44
CA GLU B 895 1.82 3.31 -13.15
C GLU B 895 2.79 4.47 -13.32
N LYS B 896 2.44 5.64 -12.78
CA LYS B 896 3.37 6.75 -12.68
C LYS B 896 3.61 7.17 -11.23
N LEU B 897 2.63 6.93 -10.36
CA LEU B 897 2.86 7.11 -8.93
C LEU B 897 3.91 6.15 -8.42
N GLN B 898 3.89 4.89 -8.88
CA GLN B 898 4.92 3.94 -8.50
C GLN B 898 6.28 4.38 -9.01
N ALA B 899 6.34 4.87 -10.24
CA ALA B 899 7.60 5.40 -10.76
C ALA B 899 8.09 6.57 -9.92
N SER B 900 7.18 7.46 -9.52
CA SER B 900 7.57 8.61 -8.71
C SER B 900 8.11 8.16 -7.35
N VAL B 901 7.45 7.20 -6.70
CA VAL B 901 7.94 6.74 -5.42
C VAL B 901 9.25 5.97 -5.56
N ARG B 902 9.53 5.40 -6.74
CA ARG B 902 10.82 4.77 -6.94
C ARG B 902 11.95 5.79 -7.14
N CYS B 903 11.62 7.08 -7.30
CA CYS B 903 12.62 8.13 -7.43
C CYS B 903 12.99 8.76 -6.09
N LEU B 904 12.48 8.24 -4.98
CA LEU B 904 12.71 8.85 -3.68
C LEU B 904 14.06 8.47 -3.11
N ALA B 905 14.72 9.44 -2.49
CA ALA B 905 15.99 9.21 -1.80
C ALA B 905 15.74 8.90 -0.34
N THR B 906 16.81 8.66 0.41
CA THR B 906 16.69 8.46 1.84
C THR B 906 16.25 9.75 2.51
N HIS B 907 15.38 9.62 3.52
CA HIS B 907 14.78 10.76 4.20
C HIS B 907 13.97 11.62 3.23
N GLY B 908 13.43 10.97 2.20
CA GLY B 908 12.61 11.66 1.23
C GLY B 908 11.19 11.85 1.71
N ARG B 909 10.52 12.86 1.14
CA ARG B 909 9.14 13.18 1.47
C ARG B 909 8.32 13.11 0.20
N PHE B 910 7.25 12.31 0.23
CA PHE B 910 6.35 12.19 -0.91
C PHE B 910 5.09 13.00 -0.63
N LEU B 911 4.76 13.91 -1.53
CA LEU B 911 3.64 14.82 -1.36
C LEU B 911 2.60 14.49 -2.42
N GLU B 912 1.53 13.80 -2.01
CA GLU B 912 0.49 13.37 -2.91
C GLU B 912 -0.66 14.39 -2.90
N ILE B 913 -0.90 15.01 -4.05
CA ILE B 913 -2.02 15.94 -4.19
C ILE B 913 -3.03 15.45 -5.21
N GLY B 914 -2.90 14.23 -5.72
CA GLY B 914 -3.90 13.66 -6.59
C GLY B 914 -5.04 13.02 -5.83
N LYS B 915 -6.09 12.65 -6.56
CA LYS B 915 -7.29 12.11 -5.95
C LYS B 915 -7.70 10.74 -6.49
N PHE B 916 -7.55 10.51 -7.79
CA PHE B 916 -8.06 9.27 -8.39
C PHE B 916 -7.41 8.04 -7.76
N ASP B 917 -6.08 8.01 -7.73
CA ASP B 917 -5.38 6.85 -7.19
C ASP B 917 -5.66 6.66 -5.71
N LEU B 918 -5.92 7.76 -4.99
CA LEU B 918 -6.32 7.67 -3.59
C LEU B 918 -7.76 7.22 -3.45
N SER B 919 -8.65 7.68 -4.34
CA SER B 919 -10.06 7.31 -4.23
C SER B 919 -10.29 5.84 -4.55
N GLN B 920 -9.46 5.25 -5.40
CA GLN B 920 -9.64 3.85 -5.76
C GLN B 920 -9.01 2.87 -4.77
N ASN B 921 -8.35 3.37 -3.72
CA ASN B 921 -7.74 2.54 -2.69
C ASN B 921 -6.73 1.57 -3.30
N HIS B 922 -5.89 2.09 -4.19
CA HIS B 922 -4.85 1.29 -4.79
C HIS B 922 -3.80 0.91 -3.75
N PRO B 923 -3.18 -0.26 -3.88
CA PRO B 923 -2.19 -0.69 -2.89
C PRO B 923 -0.86 0.03 -3.04
N LEU B 924 -0.14 0.10 -1.92
CA LEU B 924 1.19 0.70 -1.86
C LEU B 924 2.12 -0.23 -1.09
N GLY B 925 3.26 -0.55 -1.70
CA GLY B 925 4.23 -1.40 -1.04
C GLY B 925 4.90 -0.66 0.09
N MET B 926 4.87 -1.26 1.29
CA MET B 926 5.45 -0.62 2.46
C MET B 926 6.91 -0.97 2.69
N ALA B 927 7.60 -1.51 1.68
CA ALA B 927 9.05 -1.67 1.80
C ALA B 927 9.79 -0.36 1.59
N ILE B 928 9.15 0.64 0.98
CA ILE B 928 9.78 1.94 0.77
C ILE B 928 10.03 2.68 2.07
N PHE B 929 9.32 2.32 3.14
CA PHE B 929 9.49 2.99 4.42
C PHE B 929 10.73 2.54 5.17
N LEU B 930 11.43 1.53 4.67
CA LEU B 930 12.74 1.17 5.21
C LEU B 930 13.82 2.18 4.86
N LYS B 931 13.53 3.11 3.95
CA LYS B 931 14.45 4.19 3.60
C LYS B 931 14.22 5.45 4.43
N ASN B 932 13.51 5.34 5.56
CA ASN B 932 13.23 6.47 6.45
C ASN B 932 12.46 7.56 5.70
N VAL B 933 11.39 7.15 5.02
CA VAL B 933 10.63 8.00 4.11
C VAL B 933 9.32 8.41 4.77
N THR B 934 8.87 9.62 4.45
CA THR B 934 7.60 10.16 4.93
C THR B 934 6.64 10.29 3.75
N PHE B 935 5.40 9.82 3.94
CA PHE B 935 4.35 9.90 2.93
C PHE B 935 3.31 10.91 3.40
N HIS B 936 2.97 11.86 2.54
CA HIS B 936 2.07 12.94 2.87
C HIS B 936 0.84 12.88 1.98
N GLY B 937 -0.35 12.93 2.59
CA GLY B 937 -1.57 13.16 1.87
C GLY B 937 -2.00 14.60 2.10
N VAL B 938 -2.02 15.38 1.02
CA VAL B 938 -2.22 16.83 1.10
C VAL B 938 -3.57 17.17 0.49
N LEU B 939 -4.43 17.81 1.28
CA LEU B 939 -5.74 18.25 0.82
C LEU B 939 -6.04 19.61 1.43
N LEU B 940 -6.19 20.62 0.57
CA LEU B 940 -6.45 21.97 1.05
C LEU B 940 -7.91 22.16 1.47
N ASP B 941 -8.79 21.25 1.08
CA ASP B 941 -10.21 21.42 1.35
C ASP B 941 -10.54 21.31 2.84
N ALA B 942 -9.65 20.70 3.64
CA ALA B 942 -9.92 20.52 5.05
C ALA B 942 -9.85 21.81 5.86
N PHE B 943 -9.33 22.89 5.28
CA PHE B 943 -9.17 24.15 5.99
C PHE B 943 -10.44 25.00 6.00
N PHE B 944 -11.45 24.64 5.22
CA PHE B 944 -12.68 25.41 5.13
C PHE B 944 -13.70 25.03 6.19
N ASN B 945 -13.38 24.06 7.05
CA ASN B 945 -14.31 23.61 8.08
C ASN B 945 -13.80 23.90 9.48
N GLU B 946 -12.55 23.57 9.77
CA GLU B 946 -11.98 23.78 11.10
C GLU B 946 -10.47 23.87 10.97
N SER B 947 -9.78 23.90 12.12
CA SER B 947 -8.33 23.98 12.20
C SER B 947 -7.80 25.24 11.50
N SER B 948 -8.25 26.39 11.99
CA SER B 948 -7.81 27.67 11.45
C SER B 948 -6.39 28.04 11.87
N ALA B 949 -5.82 27.32 12.84
CA ALA B 949 -4.46 27.63 13.28
C ALA B 949 -3.46 27.43 12.14
N ASP B 950 -3.60 26.34 11.40
CA ASP B 950 -2.72 26.12 10.25
C ASP B 950 -3.07 27.05 9.09
N TRP B 951 -4.35 27.41 8.95
CA TRP B 951 -4.72 28.33 7.89
C TRP B 951 -4.12 29.71 8.12
N ARG B 952 -3.99 30.13 9.37
CA ARG B 952 -3.31 31.39 9.66
C ARG B 952 -1.85 31.33 9.23
N GLU B 953 -1.19 30.20 9.48
CA GLU B 953 0.19 30.03 9.04
C GLU B 953 0.29 30.12 7.52
N VAL B 954 -0.62 29.44 6.81
CA VAL B 954 -0.60 29.46 5.35
C VAL B 954 -0.87 30.87 4.83
N TRP B 955 -1.82 31.57 5.45
CA TRP B 955 -2.12 32.94 5.05
C TRP B 955 -0.92 33.85 5.26
N ALA B 956 -0.22 33.70 6.39
CA ALA B 956 0.97 34.50 6.65
C ALA B 956 2.06 34.21 5.63
N LEU B 957 2.24 32.94 5.27
CA LEU B 957 3.24 32.58 4.27
C LEU B 957 2.91 33.20 2.92
N VAL B 958 1.64 33.14 2.51
CA VAL B 958 1.24 33.71 1.23
C VAL B 958 1.43 35.22 1.24
N GLN B 959 1.07 35.87 2.35
CA GLN B 959 1.24 37.32 2.44
C GLN B 959 2.72 37.71 2.38
N ALA B 960 3.57 36.95 3.08
CA ALA B 960 5.01 37.23 3.03
C ALA B 960 5.55 37.04 1.62
N GLY B 961 5.11 35.99 0.93
CA GLY B 961 5.50 35.81 -0.46
C GLY B 961 5.05 36.94 -1.36
N ILE B 962 3.85 37.47 -1.11
CA ILE B 962 3.37 38.60 -1.90
C ILE B 962 4.18 39.85 -1.62
N ARG B 963 4.62 40.03 -0.37
CA ARG B 963 5.37 41.24 -0.02
C ARG B 963 6.65 41.36 -0.84
N ASP B 964 7.39 40.27 -0.99
CA ASP B 964 8.55 40.24 -1.87
C ASP B 964 8.11 39.74 -3.25
N GLY B 965 9.06 39.44 -4.11
CA GLY B 965 8.77 39.04 -5.47
C GLY B 965 8.61 37.56 -5.70
N VAL B 966 8.52 36.76 -4.64
CA VAL B 966 8.42 35.31 -4.81
C VAL B 966 7.12 34.94 -5.51
N VAL B 967 6.00 35.52 -5.09
CA VAL B 967 4.70 35.19 -5.66
C VAL B 967 4.50 36.02 -6.93
N ARG B 968 4.34 35.32 -8.06
CA ARG B 968 4.08 35.97 -9.33
C ARG B 968 2.76 35.47 -9.90
N PRO B 969 1.91 36.36 -10.41
CA PRO B 969 0.66 35.92 -11.04
C PRO B 969 0.93 35.17 -12.33
N LEU B 970 0.07 34.19 -12.61
CA LEU B 970 0.20 33.38 -13.80
C LEU B 970 -0.36 34.14 -15.00
N LYS B 971 -0.24 33.55 -16.18
CA LYS B 971 -0.86 34.09 -17.37
C LYS B 971 -2.31 33.60 -17.45
N CYS B 972 -3.18 34.48 -17.93
CA CYS B 972 -4.61 34.23 -17.88
C CYS B 972 -5.24 34.46 -19.25
N THR B 973 -6.28 33.67 -19.54
CA THR B 973 -7.13 33.86 -20.71
C THR B 973 -8.49 34.34 -20.22
N VAL B 974 -8.95 35.46 -20.76
CA VAL B 974 -10.13 36.15 -20.26
C VAL B 974 -11.33 35.81 -21.13
N PHE B 975 -12.41 35.37 -20.50
CA PHE B 975 -13.67 35.12 -21.16
C PHE B 975 -14.75 35.99 -20.49
N HIS B 976 -15.56 36.64 -21.32
CA HIS B 976 -16.57 37.53 -20.79
C HIS B 976 -17.64 36.75 -20.03
N GLY B 977 -18.42 37.47 -19.23
CA GLY B 977 -19.45 36.84 -18.42
C GLY B 977 -20.58 36.24 -19.22
N ALA B 978 -20.73 36.62 -20.48
CA ALA B 978 -21.76 36.07 -21.35
C ALA B 978 -21.27 34.88 -22.15
N GLN B 979 -20.04 34.42 -21.93
CA GLN B 979 -19.48 33.28 -22.64
C GLN B 979 -18.88 32.26 -21.67
N VAL B 980 -19.59 31.98 -20.57
CA VAL B 980 -19.08 31.03 -19.59
C VAL B 980 -19.01 29.63 -20.19
N GLU B 981 -19.96 29.29 -21.05
CA GLU B 981 -19.93 28.00 -21.73
C GLU B 981 -18.68 27.87 -22.58
N ASP B 982 -18.30 28.94 -23.27
CA ASP B 982 -17.07 28.92 -24.07
C ASP B 982 -15.85 28.70 -23.19
N ALA B 983 -15.82 29.32 -22.01
CA ALA B 983 -14.72 29.13 -21.09
C ALA B 983 -14.63 27.68 -20.62
N PHE B 984 -15.78 27.09 -20.29
CA PHE B 984 -15.79 25.69 -19.86
C PHE B 984 -15.32 24.77 -20.99
N ARG B 985 -15.80 25.01 -22.21
CA ARG B 985 -15.35 24.21 -23.35
C ARG B 985 -13.85 24.35 -23.57
N TYR B 986 -13.34 25.58 -23.47
CA TYR B 986 -11.91 25.81 -23.64
C TYR B 986 -11.09 25.07 -22.61
N MET B 987 -11.46 25.16 -21.33
CA MET B 987 -10.67 24.50 -20.31
C MET B 987 -10.84 22.99 -20.33
N ALA B 988 -11.97 22.49 -20.83
CA ALA B 988 -12.19 21.05 -20.88
C ALA B 988 -11.07 20.31 -21.59
N GLN B 989 -10.57 20.88 -22.70
CA GLN B 989 -9.40 20.36 -23.36
C GLN B 989 -8.13 20.98 -22.75
N GLY B 990 -7.13 20.16 -22.52
CA GLY B 990 -5.93 20.60 -21.85
C GLY B 990 -4.91 21.26 -22.75
N LYS B 991 -5.35 22.22 -23.56
CA LYS B 991 -4.47 22.95 -24.47
C LYS B 991 -4.11 24.34 -23.97
N HIS B 992 -4.51 24.70 -22.76
CA HIS B 992 -4.26 26.03 -22.24
C HIS B 992 -2.99 26.06 -21.40
N ILE B 993 -2.43 27.25 -21.24
CA ILE B 993 -1.27 27.49 -20.40
C ILE B 993 -1.66 28.51 -19.33
N GLY B 994 -1.51 28.13 -18.07
CA GLY B 994 -1.79 29.04 -16.97
C GLY B 994 -3.17 28.88 -16.36
N LYS B 995 -3.97 29.93 -16.42
CA LYS B 995 -5.28 29.97 -15.80
C LYS B 995 -6.33 30.46 -16.79
N VAL B 996 -7.57 30.03 -16.57
CA VAL B 996 -8.72 30.52 -17.31
C VAL B 996 -9.61 31.28 -16.34
N VAL B 997 -9.90 32.53 -16.65
CA VAL B 997 -10.66 33.40 -15.76
C VAL B 997 -11.86 33.97 -16.52
N VAL B 998 -12.88 34.34 -15.76
CA VAL B 998 -14.12 34.91 -16.30
C VAL B 998 -14.26 36.33 -15.79
N GLN B 999 -14.41 37.28 -16.73
CA GLN B 999 -14.55 38.69 -16.38
C GLN B 999 -16.01 38.95 -16.07
N VAL B 1000 -16.36 38.89 -14.78
CA VAL B 1000 -17.73 39.19 -14.36
C VAL B 1000 -18.06 40.67 -14.61
N LEU B 1001 -17.13 41.55 -14.24
CA LEU B 1001 -17.33 42.98 -14.43
C LEU B 1001 -15.96 43.64 -14.64
N ALA B 1002 -15.92 44.60 -15.56
CA ALA B 1002 -14.66 45.28 -15.88
C ALA B 1002 -14.15 46.09 -14.70
N GLU B 1003 -12.83 46.17 -14.60
CA GLU B 1003 -12.20 46.91 -13.51
C GLU B 1003 -12.15 48.41 -13.82
N GLU B 1004 -12.54 49.22 -12.82
CA GLU B 1004 -12.53 50.67 -12.92
C GLU B 1004 -11.11 51.20 -12.77
N PRO B 1005 -10.79 52.34 -13.40
CA PRO B 1005 -9.43 52.88 -13.30
C PRO B 1005 -9.08 53.44 -11.93
N GLU B 1006 -10.04 53.62 -11.04
CA GLU B 1006 -9.78 54.18 -9.72
C GLU B 1006 -9.12 53.12 -8.83
N ALA B 1007 -8.78 53.52 -7.61
CA ALA B 1007 -8.17 52.60 -6.65
C ALA B 1007 -9.08 52.22 -5.51
N VAL B 1008 -9.87 53.15 -4.98
CA VAL B 1008 -10.85 52.85 -3.94
C VAL B 1008 -12.20 53.41 -4.37
N LEU B 1009 -13.04 52.54 -4.95
CA LEU B 1009 -14.36 52.95 -5.41
C LEU B 1009 -15.41 52.39 -4.45
N LYS B 1010 -15.73 53.17 -3.43
CA LYS B 1010 -16.71 52.76 -2.44
C LYS B 1010 -18.12 52.77 -3.05
N GLY B 1011 -18.99 51.96 -2.47
CA GLY B 1011 -20.34 51.84 -3.02
C GLY B 1011 -20.37 51.22 -4.39
N ALA B 1012 -19.60 50.16 -4.59
CA ALA B 1012 -19.51 49.50 -5.91
C ALA B 1012 -20.68 48.54 -6.08
N LYS B 1013 -21.83 49.12 -6.40
CA LYS B 1013 -23.02 48.32 -6.66
C LYS B 1013 -22.85 47.56 -7.98
N PRO B 1014 -23.02 46.23 -7.97
CA PRO B 1014 -22.86 45.47 -9.22
C PRO B 1014 -23.84 45.91 -10.31
N LYS B 1015 -23.39 45.90 -11.55
CA LYS B 1015 -24.26 46.26 -12.67
C LYS B 1015 -25.39 45.26 -12.81
N LEU B 1016 -26.55 45.76 -13.21
CA LEU B 1016 -27.72 44.91 -13.36
C LEU B 1016 -27.49 43.87 -14.44
N MET B 1017 -27.90 42.63 -14.16
CA MET B 1017 -27.72 41.53 -15.08
C MET B 1017 -28.98 40.67 -15.09
N SER B 1018 -29.39 40.26 -16.29
CA SER B 1018 -30.57 39.42 -16.44
C SER B 1018 -30.22 37.98 -16.15
N ALA B 1019 -30.98 37.35 -15.25
CA ALA B 1019 -30.75 35.98 -14.85
C ALA B 1019 -32.08 35.26 -14.71
N ILE B 1020 -32.02 33.93 -14.69
CA ILE B 1020 -33.21 33.11 -14.52
C ILE B 1020 -33.78 33.34 -13.13
N SER B 1021 -35.08 33.60 -13.05
CA SER B 1021 -35.70 33.91 -11.78
C SER B 1021 -35.74 32.68 -10.87
N LYS B 1022 -35.57 32.91 -9.57
CA LYS B 1022 -35.63 31.85 -8.58
C LYS B 1022 -36.26 32.41 -7.32
N THR B 1023 -36.83 31.51 -6.52
CA THR B 1023 -37.56 31.91 -5.31
C THR B 1023 -36.70 31.64 -4.08
N PHE B 1024 -36.51 32.68 -3.27
CA PHE B 1024 -35.77 32.57 -2.03
C PHE B 1024 -36.49 33.39 -0.96
N CYS B 1025 -36.26 33.03 0.30
CA CYS B 1025 -36.98 33.66 1.38
C CYS B 1025 -36.03 34.26 2.40
N PRO B 1026 -36.36 35.42 2.96
CA PRO B 1026 -35.52 35.98 4.03
C PRO B 1026 -35.60 35.14 5.29
N ALA B 1027 -34.54 35.19 6.09
CA ALA B 1027 -34.44 34.42 7.31
C ALA B 1027 -35.10 35.11 8.51
N HIS B 1028 -35.64 36.31 8.33
CA HIS B 1028 -36.26 37.05 9.42
C HIS B 1028 -37.78 37.01 9.36
N LYS B 1029 -38.35 36.16 8.51
CA LYS B 1029 -39.80 36.07 8.34
C LYS B 1029 -40.30 34.71 8.83
N SER B 1030 -41.63 34.58 8.83
CA SER B 1030 -42.29 33.35 9.23
C SER B 1030 -43.29 32.93 8.17
N TYR B 1031 -43.46 31.62 8.02
CA TYR B 1031 -44.33 31.06 7.00
C TYR B 1031 -45.27 30.04 7.63
N ILE B 1032 -46.50 29.99 7.12
CA ILE B 1032 -47.55 29.13 7.67
C ILE B 1032 -47.97 28.14 6.60
N ILE B 1033 -48.01 26.86 6.97
CA ILE B 1033 -48.50 25.80 6.09
C ILE B 1033 -49.73 25.19 6.76
N ALA B 1034 -50.88 25.31 6.09
CA ALA B 1034 -52.13 24.79 6.62
C ALA B 1034 -52.29 23.33 6.21
N GLY B 1035 -52.42 22.45 7.19
CA GLY B 1035 -52.49 21.03 6.92
C GLY B 1035 -51.25 20.46 6.27
N GLY B 1036 -50.08 20.95 6.68
CA GLY B 1036 -48.84 20.54 6.06
C GLY B 1036 -48.08 19.47 6.82
N LEU B 1037 -48.77 18.81 7.76
CA LEU B 1037 -48.15 17.77 8.58
C LEU B 1037 -48.42 16.38 8.01
N GLY B 1038 -48.57 16.28 6.70
CA GLY B 1038 -48.81 14.99 6.07
C GLY B 1038 -48.79 15.04 4.56
N GLY B 1039 -48.15 14.04 3.94
CA GLY B 1039 -48.12 13.94 2.50
C GLY B 1039 -47.33 15.03 1.80
N PHE B 1040 -48.03 15.82 0.98
CA PHE B 1040 -47.35 16.88 0.23
C PHE B 1040 -46.84 17.98 1.16
N GLY B 1041 -47.44 18.10 2.34
CA GLY B 1041 -47.06 19.18 3.25
C GLY B 1041 -45.63 19.07 3.72
N LEU B 1042 -45.21 17.86 4.10
CA LEU B 1042 -43.85 17.69 4.58
C LEU B 1042 -42.82 17.95 3.49
N GLU B 1043 -43.10 17.49 2.27
CA GLU B 1043 -42.20 17.74 1.16
C GLU B 1043 -42.11 19.23 0.84
N LEU B 1044 -43.26 19.92 0.86
CA LEU B 1044 -43.26 21.37 0.63
C LEU B 1044 -42.47 22.10 1.72
N ALA B 1045 -42.63 21.68 2.98
CA ALA B 1045 -41.88 22.30 4.06
C ALA B 1045 -40.38 22.08 3.89
N GLN B 1046 -39.98 20.87 3.51
CA GLN B 1046 -38.57 20.61 3.26
C GLN B 1046 -38.03 21.46 2.12
N TRP B 1047 -38.80 21.58 1.04
CA TRP B 1047 -38.40 22.42 -0.08
C TRP B 1047 -38.24 23.86 0.34
N LEU B 1048 -39.19 24.38 1.13
CA LEU B 1048 -39.09 25.76 1.60
C LEU B 1048 -37.89 25.96 2.52
N ILE B 1049 -37.61 24.98 3.38
CA ILE B 1049 -36.46 25.06 4.27
C ILE B 1049 -35.17 25.09 3.47
N GLN B 1050 -35.08 24.27 2.43
CA GLN B 1050 -33.89 24.28 1.58
C GLN B 1050 -33.71 25.59 0.83
N ARG B 1051 -34.74 26.43 0.77
CA ARG B 1051 -34.67 27.71 0.08
C ARG B 1051 -34.45 28.88 1.03
N GLY B 1052 -34.16 28.61 2.30
CA GLY B 1052 -33.82 29.66 3.23
C GLY B 1052 -34.96 30.13 4.11
N VAL B 1053 -35.69 29.20 4.71
CA VAL B 1053 -36.77 29.50 5.65
C VAL B 1053 -36.35 29.05 7.03
N GLN B 1054 -36.44 29.94 8.01
CA GLN B 1054 -36.00 29.65 9.37
C GLN B 1054 -37.13 29.61 10.39
N LYS B 1055 -38.35 29.99 10.01
CA LYS B 1055 -39.48 30.00 10.94
C LYS B 1055 -40.67 29.36 10.23
N LEU B 1056 -41.12 28.21 10.74
CA LEU B 1056 -42.21 27.46 10.14
C LEU B 1056 -43.30 27.19 11.18
N VAL B 1057 -44.55 27.30 10.76
CA VAL B 1057 -45.70 26.97 11.58
C VAL B 1057 -46.57 25.99 10.80
N LEU B 1058 -46.79 24.81 11.36
CA LEU B 1058 -47.59 23.77 10.72
C LEU B 1058 -48.83 23.50 11.55
N THR B 1059 -49.97 23.41 10.88
CA THR B 1059 -51.26 23.18 11.54
C THR B 1059 -51.79 21.81 11.14
N SER B 1060 -52.33 21.09 12.11
CA SER B 1060 -52.94 19.78 11.86
C SER B 1060 -54.05 19.56 12.88
N ARG B 1061 -55.03 18.73 12.50
CA ARG B 1061 -56.10 18.40 13.43
C ARG B 1061 -55.57 17.69 14.66
N SER B 1062 -54.64 16.77 14.49
CA SER B 1062 -53.98 16.09 15.58
C SER B 1062 -52.52 16.55 15.66
N GLY B 1063 -51.79 15.95 16.60
CA GLY B 1063 -50.37 16.22 16.75
C GLY B 1063 -49.56 15.40 15.78
N ILE B 1064 -48.26 15.25 16.10
CA ILE B 1064 -47.36 14.42 15.31
C ILE B 1064 -47.63 12.97 15.69
N ARG B 1065 -48.24 12.22 14.76
CA ARG B 1065 -48.65 10.85 15.05
C ARG B 1065 -47.68 9.82 14.48
N THR B 1066 -47.37 9.91 13.19
CA THR B 1066 -46.48 8.93 12.56
C THR B 1066 -45.03 9.22 12.90
N GLY B 1067 -44.20 8.19 12.83
CA GLY B 1067 -42.77 8.37 13.07
C GLY B 1067 -42.09 9.21 12.03
N TYR B 1068 -42.60 9.18 10.79
CA TYR B 1068 -42.00 9.98 9.72
C TYR B 1068 -42.06 11.47 10.05
N GLN B 1069 -43.21 11.93 10.52
CA GLN B 1069 -43.35 13.35 10.88
C GLN B 1069 -42.41 13.72 12.01
N ALA B 1070 -42.31 12.86 13.03
CA ALA B 1070 -41.41 13.13 14.14
C ALA B 1070 -39.95 13.20 13.68
N LYS B 1071 -39.56 12.27 12.80
CA LYS B 1071 -38.19 12.29 12.28
C LYS B 1071 -37.92 13.58 11.51
N GLN B 1072 -38.85 13.98 10.65
CA GLN B 1072 -38.67 15.21 9.89
C GLN B 1072 -38.56 16.42 10.81
N VAL B 1073 -39.41 16.49 11.84
CA VAL B 1073 -39.39 17.63 12.75
C VAL B 1073 -38.09 17.65 13.54
N ARG B 1074 -37.63 16.50 14.02
CA ARG B 1074 -36.36 16.45 14.75
C ARG B 1074 -35.21 16.90 13.85
N ARG B 1075 -35.18 16.41 12.61
CA ARG B 1075 -34.09 16.78 11.70
C ARG B 1075 -34.11 18.27 11.41
N TRP B 1076 -35.29 18.85 11.19
CA TRP B 1076 -35.39 20.28 10.93
C TRP B 1076 -34.99 21.09 12.16
N ARG B 1077 -35.37 20.66 13.36
CA ARG B 1077 -35.00 21.38 14.57
C ARG B 1077 -33.49 21.34 14.80
N ARG B 1078 -32.86 20.20 14.52
CA ARG B 1078 -31.41 20.10 14.66
C ARG B 1078 -30.69 21.01 13.67
N GLN B 1079 -31.33 21.34 12.54
CA GLN B 1079 -30.71 22.22 11.56
C GLN B 1079 -30.67 23.67 12.01
N GLY B 1080 -31.33 24.00 13.12
CA GLY B 1080 -31.43 25.36 13.59
C GLY B 1080 -32.67 26.10 13.17
N VAL B 1081 -33.64 25.42 12.56
CA VAL B 1081 -34.90 26.01 12.15
C VAL B 1081 -35.92 25.76 13.26
N GLN B 1082 -36.51 26.83 13.76
CA GLN B 1082 -37.54 26.72 14.80
C GLN B 1082 -38.89 26.49 14.13
N VAL B 1083 -39.50 25.35 14.43
CA VAL B 1083 -40.76 24.94 13.83
C VAL B 1083 -41.76 24.68 14.95
N GLN B 1084 -42.99 25.14 14.76
CA GLN B 1084 -44.04 25.03 15.77
C GLN B 1084 -45.24 24.34 15.14
N VAL B 1085 -45.77 23.34 15.83
CA VAL B 1085 -46.99 22.65 15.44
C VAL B 1085 -48.13 23.19 16.29
N SER B 1086 -49.21 23.61 15.64
CA SER B 1086 -50.35 24.22 16.32
C SER B 1086 -51.62 23.49 15.93
N THR B 1087 -52.53 23.36 16.90
CA THR B 1087 -53.82 22.69 16.68
C THR B 1087 -54.94 23.69 16.43
N SER B 1088 -54.59 24.94 16.15
CA SER B 1088 -55.58 25.99 15.91
C SER B 1088 -56.32 25.69 14.61
N ASN B 1089 -57.65 25.75 14.66
CA ASN B 1089 -58.46 25.50 13.48
C ASN B 1089 -58.37 26.67 12.50
N ILE B 1090 -58.60 26.37 11.24
CA ILE B 1090 -58.56 27.40 10.19
C ILE B 1090 -59.95 27.87 9.79
N SER B 1091 -60.98 27.05 9.97
CA SER B 1091 -62.33 27.42 9.54
C SER B 1091 -62.95 28.49 10.44
N SER B 1092 -62.44 28.65 11.66
CA SER B 1092 -62.97 29.63 12.59
C SER B 1092 -62.19 30.94 12.49
N LEU B 1093 -62.90 32.06 12.64
CA LEU B 1093 -62.24 33.35 12.64
C LEU B 1093 -61.26 33.47 13.81
N GLU B 1094 -61.67 33.05 15.00
CA GLU B 1094 -60.81 33.13 16.16
C GLU B 1094 -59.58 32.22 16.00
N GLY B 1095 -59.79 31.03 15.45
CA GLY B 1095 -58.66 30.14 15.23
C GLY B 1095 -57.65 30.71 14.25
N ALA B 1096 -58.12 31.30 13.15
CA ALA B 1096 -57.23 31.92 12.19
C ALA B 1096 -56.49 33.10 12.81
N ARG B 1097 -57.20 33.93 13.58
CA ARG B 1097 -56.54 35.05 14.23
C ARG B 1097 -55.48 34.59 15.21
N GLY B 1098 -55.78 33.57 16.01
CA GLY B 1098 -54.80 33.04 16.94
C GLY B 1098 -53.60 32.45 16.25
N LEU B 1099 -53.83 31.72 15.15
CA LEU B 1099 -52.72 31.16 14.39
C LEU B 1099 -51.83 32.25 13.81
N ILE B 1100 -52.45 33.29 13.26
CA ILE B 1100 -51.67 34.39 12.69
C ILE B 1100 -50.89 35.11 13.78
N ALA B 1101 -51.49 35.31 14.95
CA ALA B 1101 -50.78 35.93 16.05
C ALA B 1101 -49.60 35.08 16.51
N GLU B 1102 -49.80 33.76 16.59
CA GLU B 1102 -48.71 32.88 16.98
C GLU B 1102 -47.58 32.92 15.97
N ALA B 1103 -47.92 32.95 14.67
CA ALA B 1103 -46.90 33.06 13.64
C ALA B 1103 -46.15 34.39 13.74
N ALA B 1104 -46.89 35.48 13.94
CA ALA B 1104 -46.26 36.80 14.06
C ALA B 1104 -45.40 36.92 15.31
N GLN B 1105 -45.69 36.11 16.33
CA GLN B 1105 -44.84 36.13 17.52
C GLN B 1105 -43.41 35.73 17.17
N LEU B 1106 -43.25 34.72 16.32
CA LEU B 1106 -41.91 34.32 15.88
C LEU B 1106 -41.28 35.36 14.97
N GLY B 1107 -42.07 36.00 14.11
CA GLY B 1107 -41.55 37.00 13.21
C GLY B 1107 -42.60 37.42 12.20
N PRO B 1108 -42.28 38.41 11.37
CA PRO B 1108 -43.24 38.86 10.36
C PRO B 1108 -43.64 37.73 9.43
N VAL B 1109 -44.92 37.71 9.06
CA VAL B 1109 -45.47 36.64 8.23
C VAL B 1109 -45.18 36.96 6.77
N GLY B 1110 -44.60 35.98 6.08
CA GLY B 1110 -44.25 36.18 4.68
C GLY B 1110 -45.17 35.46 3.72
N GLY B 1111 -45.56 34.23 4.05
CA GLY B 1111 -46.39 33.45 3.16
C GLY B 1111 -47.30 32.46 3.87
N VAL B 1112 -48.43 32.16 3.25
CA VAL B 1112 -49.39 31.19 3.77
C VAL B 1112 -49.67 30.16 2.69
N PHE B 1113 -49.67 28.89 3.07
CA PHE B 1113 -49.88 27.78 2.14
C PHE B 1113 -51.01 26.92 2.67
N ASN B 1114 -52.09 26.80 1.89
CA ASN B 1114 -53.25 26.01 2.26
C ASN B 1114 -53.15 24.63 1.62
N LEU B 1115 -53.03 23.60 2.46
CA LEU B 1115 -52.99 22.23 1.98
C LEU B 1115 -53.98 21.34 2.71
N ALA B 1116 -54.81 21.90 3.59
CA ALA B 1116 -55.80 21.11 4.31
C ALA B 1116 -56.86 20.58 3.35
N VAL B 1117 -57.27 19.34 3.58
CA VAL B 1117 -58.25 18.68 2.71
C VAL B 1117 -59.05 17.67 3.53
N VAL B 1118 -60.34 17.60 3.25
CA VAL B 1118 -61.21 16.58 3.81
C VAL B 1118 -61.94 15.91 2.63
N LEU B 1119 -61.83 14.59 2.54
CA LEU B 1119 -62.30 13.84 1.39
C LEU B 1119 -63.54 13.03 1.77
N ARG B 1120 -64.72 13.57 1.44
CA ARG B 1120 -65.94 12.77 1.43
C ARG B 1120 -66.19 12.19 0.04
N ASP B 1121 -65.17 11.52 -0.49
CA ASP B 1121 -65.18 11.03 -1.86
C ASP B 1121 -66.08 9.80 -1.95
N GLY B 1122 -66.22 9.26 -3.17
CA GLY B 1122 -67.14 8.17 -3.39
C GLY B 1122 -68.58 8.53 -3.10
N LEU B 1123 -68.93 9.81 -3.23
CA LEU B 1123 -70.26 10.31 -2.90
C LEU B 1123 -70.94 10.73 -4.19
N LEU B 1124 -71.68 9.79 -4.79
CA LEU B 1124 -72.44 10.10 -5.98
C LEU B 1124 -73.59 11.06 -5.65
N GLU B 1125 -74.07 11.76 -6.68
CA GLU B 1125 -75.09 12.79 -6.44
C GLU B 1125 -76.37 12.20 -5.88
N ASN B 1126 -76.67 10.94 -6.22
CA ASN B 1126 -77.89 10.31 -5.73
C ASN B 1126 -77.89 10.10 -4.22
N GLN B 1127 -76.72 10.17 -3.57
CA GLN B 1127 -76.63 9.97 -2.14
C GLN B 1127 -75.93 11.13 -1.42
N THR B 1128 -75.77 12.27 -2.07
CA THR B 1128 -75.03 13.38 -1.47
C THR B 1128 -75.94 14.23 -0.59
N PRO B 1129 -75.70 14.27 0.71
CA PRO B 1129 -76.51 15.10 1.61
C PRO B 1129 -75.88 16.47 1.80
N GLU B 1130 -76.63 17.34 2.50
CA GLU B 1130 -76.11 18.66 2.83
C GLU B 1130 -74.94 18.56 3.80
N PHE B 1131 -75.00 17.61 4.72
CA PHE B 1131 -73.98 17.52 5.78
C PHE B 1131 -72.61 17.19 5.21
N PHE B 1132 -72.53 16.26 4.27
CA PHE B 1132 -71.23 15.87 3.72
C PHE B 1132 -70.60 17.01 2.93
N GLN B 1133 -71.40 17.73 2.15
CA GLN B 1133 -70.86 18.86 1.40
C GLN B 1133 -70.54 20.03 2.33
N ASP B 1134 -71.21 20.10 3.48
CA ASP B 1134 -70.84 21.09 4.48
C ASP B 1134 -69.49 20.78 5.10
N VAL B 1135 -69.28 19.53 5.50
CA VAL B 1135 -68.02 19.14 6.12
C VAL B 1135 -66.89 19.07 5.12
N CYS B 1136 -67.21 19.00 3.82
CA CYS B 1136 -66.21 19.04 2.77
C CYS B 1136 -65.74 20.46 2.45
N LYS B 1137 -65.98 21.40 3.37
CA LYS B 1137 -65.51 22.77 3.18
C LYS B 1137 -64.69 23.27 4.37
N PRO B 1138 -63.54 22.66 4.68
CA PRO B 1138 -62.61 23.31 5.60
C PRO B 1138 -61.65 24.26 4.90
N LYS B 1139 -61.43 24.06 3.60
CA LYS B 1139 -60.64 24.97 2.77
C LYS B 1139 -61.50 25.99 2.06
N TYR B 1140 -62.70 26.26 2.58
CA TYR B 1140 -63.52 27.37 2.12
C TYR B 1140 -63.68 28.45 3.19
N SER B 1141 -64.23 28.09 4.35
CA SER B 1141 -64.25 29.03 5.46
C SER B 1141 -62.83 29.35 5.91
N GLY B 1142 -61.96 28.34 5.92
CA GLY B 1142 -60.57 28.58 6.27
C GLY B 1142 -59.89 29.56 5.33
N THR B 1143 -60.10 29.39 4.03
CA THR B 1143 -59.48 30.27 3.06
C THR B 1143 -60.04 31.69 3.15
N LEU B 1144 -61.35 31.82 3.35
CA LEU B 1144 -61.93 33.16 3.50
C LEU B 1144 -61.39 33.84 4.76
N ASN B 1145 -61.28 33.10 5.85
CA ASN B 1145 -60.72 33.67 7.08
C ASN B 1145 -59.26 34.05 6.90
N LEU B 1146 -58.50 33.22 6.18
CA LEU B 1146 -57.11 33.55 5.89
C LEU B 1146 -57.01 34.84 5.09
N ASP B 1147 -57.86 34.97 4.06
CA ASP B 1147 -57.88 36.19 3.26
C ASP B 1147 -58.17 37.40 4.13
N ARG B 1148 -59.21 37.33 4.95
CA ARG B 1148 -59.59 38.47 5.77
C ARG B 1148 -58.50 38.83 6.78
N VAL B 1149 -57.94 37.83 7.46
CA VAL B 1149 -56.95 38.12 8.49
C VAL B 1149 -55.66 38.65 7.86
N THR B 1150 -55.24 38.10 6.72
CA THR B 1150 -54.08 38.62 6.04
C THR B 1150 -54.30 40.04 5.56
N ARG B 1151 -55.48 40.35 5.03
CA ARG B 1151 -55.78 41.71 4.64
C ARG B 1151 -55.84 42.66 5.84
N GLU B 1152 -56.16 42.14 7.03
CA GLU B 1152 -56.22 42.95 8.23
C GLU B 1152 -54.83 43.24 8.81
N ALA B 1153 -54.07 42.19 9.14
CA ALA B 1153 -52.84 42.38 9.92
C ALA B 1153 -51.64 41.64 9.33
N CYS B 1154 -51.54 41.53 8.01
CA CYS B 1154 -50.37 40.96 7.34
C CYS B 1154 -49.96 41.88 6.19
N PRO B 1155 -49.26 42.96 6.48
CA PRO B 1155 -48.86 43.91 5.43
C PRO B 1155 -47.57 43.54 4.70
N GLU B 1156 -46.79 42.58 5.19
CA GLU B 1156 -45.54 42.17 4.54
C GLU B 1156 -45.69 40.83 3.83
N LEU B 1157 -46.92 40.38 3.61
CA LEU B 1157 -47.16 39.12 2.94
C LEU B 1157 -46.76 39.20 1.46
N ASP B 1158 -46.14 38.13 0.97
CA ASP B 1158 -45.81 38.05 -0.45
C ASP B 1158 -46.13 36.71 -1.10
N TYR B 1159 -46.57 35.71 -0.34
CA TYR B 1159 -46.92 34.40 -0.89
C TYR B 1159 -48.30 34.01 -0.40
N PHE B 1160 -49.16 33.59 -1.32
CA PHE B 1160 -50.52 33.15 -1.01
C PHE B 1160 -50.84 32.01 -1.97
N VAL B 1161 -50.65 30.78 -1.49
CA VAL B 1161 -50.74 29.59 -2.33
C VAL B 1161 -51.77 28.63 -1.76
N VAL B 1162 -52.65 28.15 -2.64
CA VAL B 1162 -53.60 27.10 -2.31
C VAL B 1162 -53.48 26.00 -3.36
N PHE B 1163 -53.78 24.77 -2.95
CA PHE B 1163 -53.61 23.60 -3.81
C PHE B 1163 -54.98 23.13 -4.27
N SER B 1164 -55.23 23.24 -5.58
CA SER B 1164 -56.44 22.74 -6.20
C SER B 1164 -56.16 21.36 -6.81
N SER B 1165 -57.12 20.86 -7.59
CA SER B 1165 -56.98 19.58 -8.28
C SER B 1165 -57.58 19.68 -9.67
N VAL B 1166 -57.20 18.74 -10.52
CA VAL B 1166 -57.68 18.69 -11.91
C VAL B 1166 -59.18 18.54 -12.00
N SER B 1167 -59.81 17.90 -11.02
CA SER B 1167 -61.27 17.71 -11.05
C SER B 1167 -62.02 19.04 -11.05
N CYS B 1168 -61.38 20.13 -10.62
CA CYS B 1168 -62.01 21.44 -10.66
C CYS B 1168 -62.14 21.99 -12.08
N GLY B 1169 -61.30 21.53 -13.01
CA GLY B 1169 -61.34 22.03 -14.36
C GLY B 1169 -61.74 20.99 -15.38
N ARG B 1170 -61.42 19.72 -15.10
CA ARG B 1170 -61.75 18.63 -16.02
C ARG B 1170 -62.91 17.77 -15.52
N GLY B 1171 -63.13 17.72 -14.21
CA GLY B 1171 -64.27 17.01 -13.67
C GLY B 1171 -64.02 15.54 -13.38
N ASN B 1172 -64.61 15.04 -12.29
CA ASN B 1172 -64.55 13.64 -11.92
C ASN B 1172 -65.91 13.21 -11.39
N ALA B 1173 -66.21 11.93 -11.52
CA ALA B 1173 -67.55 11.43 -11.21
C ALA B 1173 -67.87 11.59 -9.72
N GLY B 1174 -67.00 11.11 -8.85
CA GLY B 1174 -67.32 11.06 -7.43
C GLY B 1174 -67.08 12.33 -6.66
N GLN B 1175 -66.15 13.17 -7.11
CA GLN B 1175 -65.73 14.34 -6.33
C GLN B 1175 -66.45 15.60 -6.81
N SER B 1176 -67.76 15.63 -6.59
CA SER B 1176 -68.55 16.81 -6.96
C SER B 1176 -68.29 17.96 -5.99
N ASN B 1177 -68.48 17.72 -4.69
CA ASN B 1177 -68.26 18.76 -3.69
C ASN B 1177 -66.79 19.18 -3.64
N TYR B 1178 -65.88 18.24 -3.90
CA TYR B 1178 -64.46 18.57 -3.95
C TYR B 1178 -64.17 19.60 -5.04
N GLY B 1179 -64.71 19.36 -6.25
CA GLY B 1179 -64.55 20.33 -7.31
C GLY B 1179 -65.26 21.64 -7.02
N PHE B 1180 -66.41 21.56 -6.35
CA PHE B 1180 -67.11 22.78 -5.96
C PHE B 1180 -66.24 23.63 -5.06
N ALA B 1181 -65.58 23.00 -4.08
CA ALA B 1181 -64.68 23.73 -3.20
C ALA B 1181 -63.51 24.32 -3.99
N ASN B 1182 -62.88 23.51 -4.85
CA ASN B 1182 -61.68 23.95 -5.55
C ASN B 1182 -61.95 25.11 -6.50
N SER B 1183 -63.08 25.07 -7.21
CA SER B 1183 -63.38 26.14 -8.16
C SER B 1183 -63.52 27.49 -7.48
N ALA B 1184 -64.25 27.56 -6.37
CA ALA B 1184 -64.38 28.84 -5.68
C ALA B 1184 -63.12 29.20 -4.91
N MET B 1185 -62.30 28.21 -4.55
CA MET B 1185 -60.99 28.52 -3.99
C MET B 1185 -60.08 29.13 -5.05
N GLU B 1186 -60.30 28.81 -6.32
CA GLU B 1186 -59.68 29.54 -7.42
C GLU B 1186 -60.28 30.93 -7.59
N ARG B 1187 -61.60 31.03 -7.41
CA ARG B 1187 -62.28 32.33 -7.57
C ARG B 1187 -61.77 33.35 -6.57
N ILE B 1188 -61.58 32.96 -5.30
CA ILE B 1188 -61.10 33.90 -4.29
C ILE B 1188 -59.69 34.35 -4.64
N CYS B 1189 -58.86 33.43 -5.15
CA CYS B 1189 -57.51 33.80 -5.57
C CYS B 1189 -57.55 34.81 -6.70
N GLU B 1190 -58.45 34.63 -7.66
CA GLU B 1190 -58.58 35.60 -8.75
C GLU B 1190 -58.95 36.98 -8.21
N LYS B 1191 -59.90 37.04 -7.27
CA LYS B 1191 -60.32 38.33 -6.72
C LYS B 1191 -59.19 39.00 -5.96
N ARG B 1192 -58.46 38.24 -5.14
CA ARG B 1192 -57.40 38.86 -4.36
C ARG B 1192 -56.22 39.26 -5.23
N ARG B 1193 -56.00 38.54 -6.34
CA ARG B 1193 -55.00 38.97 -7.30
C ARG B 1193 -55.42 40.27 -7.98
N HIS B 1194 -56.70 40.39 -8.34
CA HIS B 1194 -57.20 41.62 -8.93
C HIS B 1194 -57.08 42.78 -7.96
N GLU B 1195 -57.28 42.51 -6.67
CA GLU B 1195 -57.15 43.54 -5.65
C GLU B 1195 -55.71 44.02 -5.48
N GLY B 1196 -54.74 43.31 -6.05
CA GLY B 1196 -53.34 43.69 -5.96
C GLY B 1196 -52.52 42.87 -5.00
N LEU B 1197 -53.15 42.11 -4.12
CA LEU B 1197 -52.45 41.25 -3.18
C LEU B 1197 -52.00 39.97 -3.86
N PRO B 1198 -50.97 39.30 -3.34
CA PRO B 1198 -50.53 38.04 -3.95
C PRO B 1198 -51.61 36.98 -3.85
N GLY B 1199 -51.65 36.12 -4.87
CA GLY B 1199 -52.60 35.03 -4.91
C GLY B 1199 -52.27 34.02 -5.99
N LEU B 1200 -52.27 32.73 -5.64
CA LEU B 1200 -51.92 31.69 -6.60
C LEU B 1200 -52.69 30.42 -6.25
N ALA B 1201 -53.21 29.76 -7.28
CA ALA B 1201 -53.88 28.47 -7.13
C ALA B 1201 -53.29 27.51 -8.16
N VAL B 1202 -52.93 26.31 -7.71
CA VAL B 1202 -52.29 25.32 -8.58
C VAL B 1202 -53.18 24.08 -8.62
N GLN B 1203 -53.49 23.63 -9.83
CA GLN B 1203 -54.31 22.44 -10.05
C GLN B 1203 -53.38 21.26 -10.24
N TRP B 1204 -53.37 20.35 -9.27
CA TRP B 1204 -52.46 19.23 -9.29
C TRP B 1204 -53.15 17.97 -9.80
N GLY B 1205 -52.39 17.18 -10.56
CA GLY B 1205 -52.88 15.88 -10.99
C GLY B 1205 -52.62 14.81 -9.95
N ALA B 1206 -52.40 13.58 -10.40
CA ALA B 1206 -52.06 12.51 -9.47
C ALA B 1206 -50.62 12.70 -8.97
N ILE B 1207 -50.44 12.62 -7.66
CA ILE B 1207 -49.15 12.84 -7.02
C ILE B 1207 -48.70 11.53 -6.38
N GLY B 1208 -47.53 11.05 -6.78
CA GLY B 1208 -47.00 9.82 -6.27
C GLY B 1208 -46.03 10.01 -5.12
N ASP B 1209 -45.39 8.91 -4.73
CA ASP B 1209 -44.35 8.89 -3.70
C ASP B 1209 -44.89 9.28 -2.32
N VAL B 1210 -46.21 9.44 -2.20
CA VAL B 1210 -46.84 9.80 -0.94
C VAL B 1210 -47.95 8.84 -0.53
N GLY B 1211 -48.39 7.96 -1.42
CA GLY B 1211 -49.46 7.03 -1.10
C GLY B 1211 -49.03 5.95 -0.13
N ILE B 1223 -53.88 6.17 -10.39
CA ILE B 1223 -54.40 6.91 -11.55
C ILE B 1223 -55.82 7.42 -11.27
N VAL B 1224 -56.03 8.71 -11.51
CA VAL B 1224 -57.33 9.34 -11.35
C VAL B 1224 -57.63 10.14 -12.62
N SER B 1225 -58.83 9.93 -13.18
CA SER B 1225 -59.27 10.61 -14.39
C SER B 1225 -58.26 10.44 -15.52
N GLY B 1226 -57.70 9.25 -15.62
CA GLY B 1226 -56.72 8.96 -16.65
C GLY B 1226 -55.45 9.78 -16.57
N THR B 1227 -54.92 9.97 -15.37
CA THR B 1227 -53.69 10.75 -15.17
C THR B 1227 -52.72 9.95 -14.31
N LEU B 1228 -51.50 9.81 -14.81
CA LEU B 1228 -50.46 9.07 -14.11
C LEU B 1228 -49.96 9.86 -12.91
N PRO B 1229 -49.47 9.17 -11.88
CA PRO B 1229 -48.87 9.87 -10.74
C PRO B 1229 -47.61 10.61 -11.15
N GLN B 1230 -47.39 11.76 -10.51
CA GLN B 1230 -46.22 12.60 -10.79
C GLN B 1230 -45.23 12.51 -9.63
N ARG B 1231 -43.96 12.35 -9.98
CA ARG B 1231 -42.92 12.23 -8.96
C ARG B 1231 -42.76 13.55 -8.19
N MET B 1232 -42.30 13.42 -6.94
CA MET B 1232 -42.21 14.58 -6.06
C MET B 1232 -41.20 15.59 -6.57
N ALA B 1233 -40.08 15.12 -7.13
CA ALA B 1233 -39.06 16.05 -7.62
C ALA B 1233 -39.60 16.92 -8.75
N SER B 1234 -40.29 16.30 -9.71
CA SER B 1234 -40.90 17.07 -10.79
C SER B 1234 -41.97 17.99 -10.25
N CYS B 1235 -42.71 17.56 -9.24
CA CYS B 1235 -43.73 18.40 -8.63
C CYS B 1235 -43.11 19.66 -8.03
N LEU B 1236 -42.01 19.50 -7.29
CA LEU B 1236 -41.34 20.65 -6.71
C LEU B 1236 -40.74 21.56 -7.78
N GLU B 1237 -40.19 20.96 -8.84
CA GLU B 1237 -39.62 21.76 -9.92
C GLU B 1237 -40.68 22.61 -10.60
N VAL B 1238 -41.83 22.00 -10.93
CA VAL B 1238 -42.88 22.77 -11.59
C VAL B 1238 -43.50 23.77 -10.62
N LEU B 1239 -43.52 23.46 -9.31
CA LEU B 1239 -43.98 24.45 -8.34
C LEU B 1239 -43.07 25.66 -8.31
N ASP B 1240 -41.75 25.43 -8.34
CA ASP B 1240 -40.79 26.53 -8.37
C ASP B 1240 -40.97 27.35 -9.65
N LEU B 1241 -41.21 26.67 -10.78
CA LEU B 1241 -41.47 27.38 -12.02
C LEU B 1241 -42.74 28.22 -11.92
N PHE B 1242 -43.79 27.67 -11.30
CA PHE B 1242 -45.07 28.36 -11.23
C PHE B 1242 -45.00 29.57 -10.31
N LEU B 1243 -44.22 29.47 -9.23
CA LEU B 1243 -44.21 30.53 -8.22
C LEU B 1243 -43.76 31.87 -8.78
N ASN B 1244 -42.99 31.86 -9.87
CA ASN B 1244 -42.51 33.09 -10.49
C ASN B 1244 -43.38 33.55 -11.65
N GLN B 1245 -44.43 32.82 -11.98
CA GLN B 1245 -45.28 33.18 -13.09
C GLN B 1245 -46.24 34.32 -12.70
N PRO B 1246 -46.69 35.11 -13.66
CA PRO B 1246 -47.64 36.19 -13.36
C PRO B 1246 -49.11 35.80 -13.42
N HIS B 1247 -49.42 34.54 -13.72
CA HIS B 1247 -50.80 34.09 -13.77
C HIS B 1247 -51.28 33.71 -12.37
N MET B 1248 -52.60 33.70 -12.19
CA MET B 1248 -53.21 33.47 -10.89
C MET B 1248 -53.54 32.01 -10.62
N VAL B 1249 -53.90 31.24 -11.65
CA VAL B 1249 -54.22 29.83 -11.49
C VAL B 1249 -53.56 29.04 -12.62
N LEU B 1250 -52.88 27.96 -12.27
CA LEU B 1250 -52.10 27.18 -13.23
C LEU B 1250 -52.35 25.70 -12.98
N SER B 1251 -52.10 24.88 -13.99
CA SER B 1251 -52.38 23.45 -13.93
C SER B 1251 -51.13 22.65 -14.28
N SER B 1252 -51.05 21.44 -13.72
CA SER B 1252 -49.92 20.54 -13.97
C SER B 1252 -50.37 19.11 -13.80
N PHE B 1253 -50.14 18.29 -14.82
CA PHE B 1253 -50.48 16.87 -14.75
C PHE B 1253 -49.68 16.11 -15.80
N VAL B 1254 -49.62 14.79 -15.64
CA VAL B 1254 -48.92 13.91 -16.57
C VAL B 1254 -49.96 13.10 -17.32
N LEU B 1255 -49.92 13.20 -18.65
CA LEU B 1255 -50.88 12.51 -19.49
C LEU B 1255 -50.62 11.00 -19.51
N ALA B 1256 -51.70 10.23 -19.57
CA ALA B 1256 -51.60 8.78 -19.61
C ALA B 1256 -51.39 8.28 -21.04
#